data_3NY3
# 
_entry.id   3NY3 
# 
_audit_conform.dict_name       mmcif_pdbx.dic 
_audit_conform.dict_version    5.387 
_audit_conform.dict_location   http://mmcif.pdb.org/dictionaries/ascii/mmcif_pdbx.dic 
# 
loop_
_database_2.database_id 
_database_2.database_code 
_database_2.pdbx_database_accession 
_database_2.pdbx_DOI 
PDB   3NY3         pdb_00003ny3 10.2210/pdb3ny3/pdb 
RCSB  RCSB060423   ?            ?                   
WWPDB D_1000060423 ?            ?                   
# 
loop_
_pdbx_audit_revision_history.ordinal 
_pdbx_audit_revision_history.data_content_type 
_pdbx_audit_revision_history.major_revision 
_pdbx_audit_revision_history.minor_revision 
_pdbx_audit_revision_history.revision_date 
1 'Structure model' 1 0 2010-08-11 
2 'Structure model' 1 1 2011-07-13 
3 'Structure model' 1 2 2024-02-21 
# 
_pdbx_audit_revision_details.ordinal             1 
_pdbx_audit_revision_details.revision_ordinal    1 
_pdbx_audit_revision_details.data_content_type   'Structure model' 
_pdbx_audit_revision_details.provider            repository 
_pdbx_audit_revision_details.type                'Initial release' 
_pdbx_audit_revision_details.description         ? 
_pdbx_audit_revision_details.details             ? 
# 
loop_
_pdbx_audit_revision_group.ordinal 
_pdbx_audit_revision_group.revision_ordinal 
_pdbx_audit_revision_group.data_content_type 
_pdbx_audit_revision_group.group 
1 2 'Structure model' 'Version format compliance' 
2 3 'Structure model' 'Data collection'           
3 3 'Structure model' 'Database references'       
4 3 'Structure model' 'Derived calculations'      
# 
loop_
_pdbx_audit_revision_category.ordinal 
_pdbx_audit_revision_category.revision_ordinal 
_pdbx_audit_revision_category.data_content_type 
_pdbx_audit_revision_category.category 
1 3 'Structure model' chem_comp_atom         
2 3 'Structure model' chem_comp_bond         
3 3 'Structure model' database_2             
4 3 'Structure model' pdbx_struct_conn_angle 
5 3 'Structure model' struct_conn            
6 3 'Structure model' struct_ref_seq_dif     
7 3 'Structure model' struct_site            
# 
loop_
_pdbx_audit_revision_item.ordinal 
_pdbx_audit_revision_item.revision_ordinal 
_pdbx_audit_revision_item.data_content_type 
_pdbx_audit_revision_item.item 
1  3 'Structure model' '_database_2.pdbx_DOI'                        
2  3 'Structure model' '_database_2.pdbx_database_accession'         
3  3 'Structure model' '_pdbx_struct_conn_angle.ptnr1_auth_comp_id'  
4  3 'Structure model' '_pdbx_struct_conn_angle.ptnr1_auth_seq_id'   
5  3 'Structure model' '_pdbx_struct_conn_angle.ptnr1_label_atom_id' 
6  3 'Structure model' '_pdbx_struct_conn_angle.ptnr1_label_comp_id' 
7  3 'Structure model' '_pdbx_struct_conn_angle.ptnr1_label_seq_id'  
8  3 'Structure model' '_pdbx_struct_conn_angle.ptnr2_auth_seq_id'   
9  3 'Structure model' '_pdbx_struct_conn_angle.ptnr2_label_asym_id' 
10 3 'Structure model' '_pdbx_struct_conn_angle.ptnr3_auth_comp_id'  
11 3 'Structure model' '_pdbx_struct_conn_angle.ptnr3_auth_seq_id'   
12 3 'Structure model' '_pdbx_struct_conn_angle.ptnr3_label_atom_id' 
13 3 'Structure model' '_pdbx_struct_conn_angle.ptnr3_label_comp_id' 
14 3 'Structure model' '_pdbx_struct_conn_angle.ptnr3_label_seq_id'  
15 3 'Structure model' '_pdbx_struct_conn_angle.value'               
16 3 'Structure model' '_struct_conn.pdbx_dist_value'                
17 3 'Structure model' '_struct_conn.ptnr1_auth_comp_id'             
18 3 'Structure model' '_struct_conn.ptnr1_auth_seq_id'              
19 3 'Structure model' '_struct_conn.ptnr1_label_asym_id'            
20 3 'Structure model' '_struct_conn.ptnr1_label_atom_id'            
21 3 'Structure model' '_struct_conn.ptnr1_label_comp_id'            
22 3 'Structure model' '_struct_conn.ptnr1_label_seq_id'             
23 3 'Structure model' '_struct_conn.ptnr2_auth_comp_id'             
24 3 'Structure model' '_struct_conn.ptnr2_auth_seq_id'              
25 3 'Structure model' '_struct_conn.ptnr2_label_asym_id'            
26 3 'Structure model' '_struct_conn.ptnr2_label_atom_id'            
27 3 'Structure model' '_struct_conn.ptnr2_label_comp_id'            
28 3 'Structure model' '_struct_conn.ptnr2_label_seq_id'             
29 3 'Structure model' '_struct_ref_seq_dif.details'                 
30 3 'Structure model' '_struct_site.pdbx_auth_asym_id'              
31 3 'Structure model' '_struct_site.pdbx_auth_comp_id'              
32 3 'Structure model' '_struct_site.pdbx_auth_seq_id'               
# 
_pdbx_database_status.status_code                     REL 
_pdbx_database_status.entry_id                        3NY3 
_pdbx_database_status.recvd_initial_deposition_date   2010-07-14 
_pdbx_database_status.deposit_site                    RCSB 
_pdbx_database_status.process_site                    RCSB 
_pdbx_database_status.status_code_sf                  REL 
_pdbx_database_status.status_code_mr                  ? 
_pdbx_database_status.SG_entry                        ? 
_pdbx_database_status.pdb_format_compatible           Y 
_pdbx_database_status.status_code_cs                  ? 
_pdbx_database_status.status_code_nmr_data            ? 
_pdbx_database_status.methods_development_category    ? 
# 
loop_
_pdbx_database_related.db_name 
_pdbx_database_related.db_id 
_pdbx_database_related.details 
_pdbx_database_related.content_type 
PDB 3NY1 'Structure of the ubr-box of the UBR1 ubiquitin ligase' unspecified 
PDB 3NY2 'Structure of the ubr-box of UBR2 ubiquitin ligase'     unspecified 
# 
loop_
_audit_author.name 
_audit_author.pdbx_ordinal 
'Matta-Camacho, E.' 1 
'Kozlov, G.'        2 
'Li, F.'            3 
'Gehring, K.'       4 
# 
_citation.id                        primary 
_citation.title                     'Structural basis of substrate recognition and specificity in the N-end rule pathway.' 
_citation.journal_abbrev            Nat.Struct.Mol.Biol. 
_citation.journal_volume            17 
_citation.page_first                1182 
_citation.page_last                 1187 
_citation.year                      2010 
_citation.journal_id_ASTM           ? 
_citation.country                   US 
_citation.journal_id_ISSN           1545-9993 
_citation.journal_id_CSD            ? 
_citation.book_publisher            ? 
_citation.pdbx_database_id_PubMed   20835242 
_citation.pdbx_database_id_DOI      10.1038/nsmb.1894 
# 
loop_
_citation_author.citation_id 
_citation_author.name 
_citation_author.ordinal 
_citation_author.identifier_ORCID 
primary 'Matta-Camacho, E.' 1 ? 
primary 'Kozlov, G.'        2 ? 
primary 'Li, F.F.'          3 ? 
primary 'Gehring, K.'       4 ? 
# 
loop_
_entity.id 
_entity.type 
_entity.src_method 
_entity.pdbx_description 
_entity.formula_weight 
_entity.pdbx_number_of_molecules 
_entity.pdbx_ec 
_entity.pdbx_mutation 
_entity.pdbx_fragment 
_entity.details 
1 polymer     man 'E3 ubiquitin-protein ligase UBR2' 8237.357 1  6.3.2.19 ? 'ubr-box, UNP residues 98-167' ? 
2 polymer     syn N-degron                           522.618  1  ?        ? ?                              ? 
3 non-polymer syn 'ZINC ION'                         65.409   3  ?        ? ?                              ? 
4 water       nat water                              18.015   33 ?        ? ?                              ? 
# 
_entity_name_com.entity_id   1 
_entity_name_com.name        'N-recognin-2, Ubiquitin-protein ligase E3-alpha-2, Ubiquitin-protein ligase E3-alpha-II' 
# 
loop_
_entity_poly.entity_id 
_entity_poly.type 
_entity_poly.nstd_linkage 
_entity_poly.nstd_monomer 
_entity_poly.pdbx_seq_one_letter_code 
_entity_poly.pdbx_seq_one_letter_code_can 
_entity_poly.pdbx_strand_id 
_entity_poly.pdbx_target_identifier 
1 'polypeptide(L)' no no GPLGSLCGRVFKVGEPTYSCRDCAVDPTCVLCMECFLGSIHRDHRYRMTTSGGGGFCDCGDTEAWKEGPYCQKHE 
GPLGSLCGRVFKVGEPTYSCRDCAVDPTCVLCMECFLGSIHRDHRYRMTTSGGGGFCDCGDTEAWKEGPYCQKHE A ? 
2 'polypeptide(L)' no no RIFS                                                                        RIFS B ? 
# 
loop_
_pdbx_entity_nonpoly.entity_id 
_pdbx_entity_nonpoly.name 
_pdbx_entity_nonpoly.comp_id 
3 'ZINC ION' ZN  
4 water      HOH 
# 
loop_
_entity_poly_seq.entity_id 
_entity_poly_seq.num 
_entity_poly_seq.mon_id 
_entity_poly_seq.hetero 
1 1  GLY n 
1 2  PRO n 
1 3  LEU n 
1 4  GLY n 
1 5  SER n 
1 6  LEU n 
1 7  CYS n 
1 8  GLY n 
1 9  ARG n 
1 10 VAL n 
1 11 PHE n 
1 12 LYS n 
1 13 VAL n 
1 14 GLY n 
1 15 GLU n 
1 16 PRO n 
1 17 THR n 
1 18 TYR n 
1 19 SER n 
1 20 CYS n 
1 21 ARG n 
1 22 ASP n 
1 23 CYS n 
1 24 ALA n 
1 25 VAL n 
1 26 ASP n 
1 27 PRO n 
1 28 THR n 
1 29 CYS n 
1 30 VAL n 
1 31 LEU n 
1 32 CYS n 
1 33 MET n 
1 34 GLU n 
1 35 CYS n 
1 36 PHE n 
1 37 LEU n 
1 38 GLY n 
1 39 SER n 
1 40 ILE n 
1 41 HIS n 
1 42 ARG n 
1 43 ASP n 
1 44 HIS n 
1 45 ARG n 
1 46 TYR n 
1 47 ARG n 
1 48 MET n 
1 49 THR n 
1 50 THR n 
1 51 SER n 
1 52 GLY n 
1 53 GLY n 
1 54 GLY n 
1 55 GLY n 
1 56 PHE n 
1 57 CYS n 
1 58 ASP n 
1 59 CYS n 
1 60 GLY n 
1 61 ASP n 
1 62 THR n 
1 63 GLU n 
1 64 ALA n 
1 65 TRP n 
1 66 LYS n 
1 67 GLU n 
1 68 GLY n 
1 69 PRO n 
1 70 TYR n 
1 71 CYS n 
1 72 GLN n 
1 73 LYS n 
1 74 HIS n 
1 75 GLU n 
2 1  ARG n 
2 2  ILE n 
2 3  PHE n 
2 4  SER n 
# 
_entity_src_gen.entity_id                          1 
_entity_src_gen.pdbx_src_id                        1 
_entity_src_gen.pdbx_alt_source_flag               sample 
_entity_src_gen.pdbx_seq_type                      ? 
_entity_src_gen.pdbx_beg_seq_num                   ? 
_entity_src_gen.pdbx_end_seq_num                   ? 
_entity_src_gen.gene_src_common_name               human 
_entity_src_gen.gene_src_genus                     ? 
_entity_src_gen.pdbx_gene_src_gene                 'UBR2, C6orf133, KIAA0349' 
_entity_src_gen.gene_src_species                   ? 
_entity_src_gen.gene_src_strain                    ? 
_entity_src_gen.gene_src_tissue                    ? 
_entity_src_gen.gene_src_tissue_fraction           ? 
_entity_src_gen.gene_src_details                   ? 
_entity_src_gen.pdbx_gene_src_fragment             ? 
_entity_src_gen.pdbx_gene_src_scientific_name      'Homo sapiens' 
_entity_src_gen.pdbx_gene_src_ncbi_taxonomy_id     9606 
_entity_src_gen.pdbx_gene_src_variant              ? 
_entity_src_gen.pdbx_gene_src_cell_line            ? 
_entity_src_gen.pdbx_gene_src_atcc                 ? 
_entity_src_gen.pdbx_gene_src_organ                ? 
_entity_src_gen.pdbx_gene_src_organelle            ? 
_entity_src_gen.pdbx_gene_src_cell                 ? 
_entity_src_gen.pdbx_gene_src_cellular_location    ? 
_entity_src_gen.host_org_common_name               ? 
_entity_src_gen.pdbx_host_org_scientific_name      'Escherichia coli' 
_entity_src_gen.pdbx_host_org_ncbi_taxonomy_id     511693 
_entity_src_gen.host_org_genus                     ? 
_entity_src_gen.pdbx_host_org_gene                 ? 
_entity_src_gen.pdbx_host_org_organ                ? 
_entity_src_gen.host_org_species                   ? 
_entity_src_gen.pdbx_host_org_tissue               ? 
_entity_src_gen.pdbx_host_org_tissue_fraction      ? 
_entity_src_gen.pdbx_host_org_strain               BL21 
_entity_src_gen.pdbx_host_org_variant              ? 
_entity_src_gen.pdbx_host_org_cell_line            ? 
_entity_src_gen.pdbx_host_org_atcc                 ? 
_entity_src_gen.pdbx_host_org_culture_collection   ? 
_entity_src_gen.pdbx_host_org_cell                 ? 
_entity_src_gen.pdbx_host_org_organelle            ? 
_entity_src_gen.pdbx_host_org_cellular_location    ? 
_entity_src_gen.pdbx_host_org_vector_type          plasmid 
_entity_src_gen.pdbx_host_org_vector               ? 
_entity_src_gen.host_org_details                   ? 
_entity_src_gen.expression_system_id               ? 
_entity_src_gen.plasmid_name                       pGEX-6P-1 
_entity_src_gen.plasmid_details                    ? 
_entity_src_gen.pdbx_description                   ? 
# 
_pdbx_entity_src_syn.entity_id              2 
_pdbx_entity_src_syn.pdbx_src_id            1 
_pdbx_entity_src_syn.pdbx_alt_source_flag   sample 
_pdbx_entity_src_syn.pdbx_beg_seq_num       ? 
_pdbx_entity_src_syn.pdbx_end_seq_num       ? 
_pdbx_entity_src_syn.organism_scientific    ? 
_pdbx_entity_src_syn.organism_common_name   ? 
_pdbx_entity_src_syn.ncbi_taxonomy_id       ? 
_pdbx_entity_src_syn.details                'chemically synthesized peptide' 
# 
loop_
_chem_comp.id 
_chem_comp.type 
_chem_comp.mon_nstd_flag 
_chem_comp.name 
_chem_comp.pdbx_synonyms 
_chem_comp.formula 
_chem_comp.formula_weight 
ALA 'L-peptide linking' y ALANINE         ? 'C3 H7 N O2'     89.093  
ARG 'L-peptide linking' y ARGININE        ? 'C6 H15 N4 O2 1' 175.209 
ASP 'L-peptide linking' y 'ASPARTIC ACID' ? 'C4 H7 N O4'     133.103 
CYS 'L-peptide linking' y CYSTEINE        ? 'C3 H7 N O2 S'   121.158 
GLN 'L-peptide linking' y GLUTAMINE       ? 'C5 H10 N2 O3'   146.144 
GLU 'L-peptide linking' y 'GLUTAMIC ACID' ? 'C5 H9 N O4'     147.129 
GLY 'peptide linking'   y GLYCINE         ? 'C2 H5 N O2'     75.067  
HIS 'L-peptide linking' y HISTIDINE       ? 'C6 H10 N3 O2 1' 156.162 
HOH non-polymer         . WATER           ? 'H2 O'           18.015  
ILE 'L-peptide linking' y ISOLEUCINE      ? 'C6 H13 N O2'    131.173 
LEU 'L-peptide linking' y LEUCINE         ? 'C6 H13 N O2'    131.173 
LYS 'L-peptide linking' y LYSINE          ? 'C6 H15 N2 O2 1' 147.195 
MET 'L-peptide linking' y METHIONINE      ? 'C5 H11 N O2 S'  149.211 
PHE 'L-peptide linking' y PHENYLALANINE   ? 'C9 H11 N O2'    165.189 
PRO 'L-peptide linking' y PROLINE         ? 'C5 H9 N O2'     115.130 
SER 'L-peptide linking' y SERINE          ? 'C3 H7 N O3'     105.093 
THR 'L-peptide linking' y THREONINE       ? 'C4 H9 N O3'     119.119 
TRP 'L-peptide linking' y TRYPTOPHAN      ? 'C11 H12 N2 O2'  204.225 
TYR 'L-peptide linking' y TYROSINE        ? 'C9 H11 N O3'    181.189 
VAL 'L-peptide linking' y VALINE          ? 'C5 H11 N O2'    117.146 
ZN  non-polymer         . 'ZINC ION'      ? 'Zn 2'           65.409  
# 
loop_
_pdbx_poly_seq_scheme.asym_id 
_pdbx_poly_seq_scheme.entity_id 
_pdbx_poly_seq_scheme.seq_id 
_pdbx_poly_seq_scheme.mon_id 
_pdbx_poly_seq_scheme.ndb_seq_num 
_pdbx_poly_seq_scheme.pdb_seq_num 
_pdbx_poly_seq_scheme.auth_seq_num 
_pdbx_poly_seq_scheme.pdb_mon_id 
_pdbx_poly_seq_scheme.auth_mon_id 
_pdbx_poly_seq_scheme.pdb_strand_id 
_pdbx_poly_seq_scheme.pdb_ins_code 
_pdbx_poly_seq_scheme.hetero 
A 1 1  GLY 1  93  ?   ?   ?   A . n 
A 1 2  PRO 2  94  ?   ?   ?   A . n 
A 1 3  LEU 3  95  ?   ?   ?   A . n 
A 1 4  GLY 4  96  ?   ?   ?   A . n 
A 1 5  SER 5  97  ?   ?   ?   A . n 
A 1 6  LEU 6  98  98  LEU LEU A . n 
A 1 7  CYS 7  99  99  CYS CYS A . n 
A 1 8  GLY 8  100 100 GLY GLY A . n 
A 1 9  ARG 9  101 101 ARG ARG A . n 
A 1 10 VAL 10 102 102 VAL VAL A . n 
A 1 11 PHE 11 103 103 PHE PHE A . n 
A 1 12 LYS 12 104 104 LYS LYS A . n 
A 1 13 VAL 13 105 105 VAL VAL A . n 
A 1 14 GLY 14 106 106 GLY GLY A . n 
A 1 15 GLU 15 107 107 GLU GLU A . n 
A 1 16 PRO 16 108 108 PRO PRO A . n 
A 1 17 THR 17 109 109 THR THR A . n 
A 1 18 TYR 18 110 110 TYR TYR A . n 
A 1 19 SER 19 111 111 SER SER A . n 
A 1 20 CYS 20 112 112 CYS CYS A . n 
A 1 21 ARG 21 113 113 ARG ARG A . n 
A 1 22 ASP 22 114 114 ASP ASP A . n 
A 1 23 CYS 23 115 115 CYS CYS A . n 
A 1 24 ALA 24 116 116 ALA ALA A . n 
A 1 25 VAL 25 117 117 VAL VAL A . n 
A 1 26 ASP 26 118 118 ASP ASP A . n 
A 1 27 PRO 27 119 119 PRO PRO A . n 
A 1 28 THR 28 120 120 THR THR A . n 
A 1 29 CYS 29 121 121 CYS CYS A . n 
A 1 30 VAL 30 122 122 VAL VAL A . n 
A 1 31 LEU 31 123 123 LEU LEU A . n 
A 1 32 CYS 32 124 124 CYS CYS A . n 
A 1 33 MET 33 125 125 MET MET A . n 
A 1 34 GLU 34 126 126 GLU GLU A . n 
A 1 35 CYS 35 127 127 CYS CYS A . n 
A 1 36 PHE 36 128 128 PHE PHE A . n 
A 1 37 LEU 37 129 129 LEU LEU A . n 
A 1 38 GLY 38 130 130 GLY GLY A . n 
A 1 39 SER 39 131 131 SER SER A . n 
A 1 40 ILE 40 132 132 ILE ILE A . n 
A 1 41 HIS 41 133 133 HIS HIS A . n 
A 1 42 ARG 42 134 134 ARG ARG A . n 
A 1 43 ASP 43 135 135 ASP ASP A . n 
A 1 44 HIS 44 136 136 HIS HIS A . n 
A 1 45 ARG 45 137 137 ARG ARG A . n 
A 1 46 TYR 46 138 138 TYR TYR A . n 
A 1 47 ARG 47 139 139 ARG ARG A . n 
A 1 48 MET 48 140 140 MET MET A . n 
A 1 49 THR 49 141 141 THR THR A . n 
A 1 50 THR 50 142 142 THR THR A . n 
A 1 51 SER 51 143 143 SER SER A . n 
A 1 52 GLY 52 144 144 GLY GLY A . n 
A 1 53 GLY 53 145 145 GLY GLY A . n 
A 1 54 GLY 54 146 146 GLY GLY A . n 
A 1 55 GLY 55 147 147 GLY GLY A . n 
A 1 56 PHE 56 148 148 PHE PHE A . n 
A 1 57 CYS 57 149 149 CYS CYS A . n 
A 1 58 ASP 58 150 150 ASP ASP A . n 
A 1 59 CYS 59 151 151 CYS CYS A . n 
A 1 60 GLY 60 152 152 GLY GLY A . n 
A 1 61 ASP 61 153 153 ASP ASP A . n 
A 1 62 THR 62 154 154 THR THR A . n 
A 1 63 GLU 63 155 155 GLU GLU A . n 
A 1 64 ALA 64 156 156 ALA ALA A . n 
A 1 65 TRP 65 157 157 TRP TRP A . n 
A 1 66 LYS 66 158 158 LYS LYS A . n 
A 1 67 GLU 67 159 159 GLU GLU A . n 
A 1 68 GLY 68 160 160 GLY GLY A . n 
A 1 69 PRO 69 161 161 PRO PRO A . n 
A 1 70 TYR 70 162 162 TYR TYR A . n 
A 1 71 CYS 71 163 163 CYS CYS A . n 
A 1 72 GLN 72 164 164 GLN GLN A . n 
A 1 73 LYS 73 165 165 LYS LYS A . n 
A 1 74 HIS 74 166 166 HIS HIS A . n 
A 1 75 GLU 75 167 167 GLU GLU A . n 
B 2 1  ARG 1  1   1   ARG ARG B . n 
B 2 2  ILE 2  2   2   ILE ILE B . n 
B 2 3  PHE 3  3   3   PHE PHE B . n 
B 2 4  SER 4  4   4   SER SER B . n 
# 
loop_
_pdbx_nonpoly_scheme.asym_id 
_pdbx_nonpoly_scheme.entity_id 
_pdbx_nonpoly_scheme.mon_id 
_pdbx_nonpoly_scheme.ndb_seq_num 
_pdbx_nonpoly_scheme.pdb_seq_num 
_pdbx_nonpoly_scheme.auth_seq_num 
_pdbx_nonpoly_scheme.pdb_mon_id 
_pdbx_nonpoly_scheme.auth_mon_id 
_pdbx_nonpoly_scheme.pdb_strand_id 
_pdbx_nonpoly_scheme.pdb_ins_code 
C 3 ZN  1  1   1  ZN  ZN  A . 
D 3 ZN  1  2   2  ZN  ZN  A . 
E 3 ZN  1  3   3  ZN  ZN  A . 
F 4 HOH 1  4   4  HOH HOH A . 
F 4 HOH 2  5   5  HOH HOH A . 
F 4 HOH 3  6   6  HOH HOH A . 
F 4 HOH 4  7   7  HOH HOH A . 
F 4 HOH 5  10  10 HOH HOH A . 
F 4 HOH 6  11  11 HOH HOH A . 
F 4 HOH 7  12  12 HOH HOH A . 
F 4 HOH 8  13  13 HOH HOH A . 
F 4 HOH 9  14  14 HOH HOH A . 
F 4 HOH 10 15  15 HOH HOH A . 
F 4 HOH 11 17  17 HOH HOH A . 
F 4 HOH 12 18  18 HOH HOH A . 
F 4 HOH 13 19  19 HOH HOH A . 
F 4 HOH 14 20  20 HOH HOH A . 
F 4 HOH 15 22  22 HOH HOH A . 
F 4 HOH 16 23  23 HOH HOH A . 
F 4 HOH 17 24  24 HOH HOH A . 
F 4 HOH 18 25  25 HOH HOH A . 
F 4 HOH 19 27  27 HOH HOH A . 
F 4 HOH 20 28  28 HOH HOH A . 
F 4 HOH 21 33  33 HOH HOH A . 
F 4 HOH 22 39  39 HOH HOH A . 
F 4 HOH 23 40  40 HOH HOH A . 
F 4 HOH 24 41  41 HOH HOH A . 
F 4 HOH 25 42  42 HOH HOH A . 
F 4 HOH 26 72  72 HOH HOH A . 
F 4 HOH 27 74  74 HOH HOH A . 
F 4 HOH 28 75  75 HOH HOH A . 
F 4 HOH 29 76  76 HOH HOH A . 
F 4 HOH 30 77  77 HOH HOH A . 
F 4 HOH 31 168 1  HOH HOH A . 
F 4 HOH 32 169 2  HOH HOH A . 
F 4 HOH 33 170 3  HOH HOH A . 
# 
loop_
_software.name 
_software.classification 
_software.version 
_software.citation_id 
_software.pdbx_ordinal 
CrystalClear 'data collection' .        ? 1 
PHASER       phasing           .        ? 2 
REFMAC       refinement        5.2.0019 ? 3 
HKL-2000     'data reduction'  .        ? 4 
HKL-2000     'data scaling'    .        ? 5 
# 
_cell.entry_id           3NY3 
_cell.length_a           29.123 
_cell.length_b           36.940 
_cell.length_c           29.824 
_cell.angle_alpha        90.00 
_cell.angle_beta         109.60 
_cell.angle_gamma        90.00 
_cell.Z_PDB              2 
_cell.pdbx_unique_axis   ? 
_cell.length_a_esd       ? 
_cell.length_b_esd       ? 
_cell.length_c_esd       ? 
_cell.angle_alpha_esd    ? 
_cell.angle_beta_esd     ? 
_cell.angle_gamma_esd    ? 
# 
_symmetry.entry_id                         3NY3 
_symmetry.space_group_name_H-M             'P 1 21 1' 
_symmetry.pdbx_full_space_group_name_H-M   ? 
_symmetry.cell_setting                     ? 
_symmetry.Int_Tables_number                4 
_symmetry.space_group_name_Hall            ? 
# 
_exptl.entry_id          3NY3 
_exptl.method            'X-RAY DIFFRACTION' 
_exptl.crystals_number   1 
# 
_exptl_crystal.id                    1 
_exptl_crystal.density_meas          ? 
_exptl_crystal.density_Matthews      1.73 
_exptl_crystal.density_percent_sol   28.70 
_exptl_crystal.description           ? 
_exptl_crystal.F_000                 ? 
_exptl_crystal.preparation           ? 
# 
_exptl_crystal_grow.crystal_id      1 
_exptl_crystal_grow.method          'VAPOR DIFFUSION, HANGING DROP' 
_exptl_crystal_grow.temp            293 
_exptl_crystal_grow.temp_details    ? 
_exptl_crystal_grow.pH              6.5 
_exptl_crystal_grow.pdbx_details    '0.1M Bis-Tris, 25% PEG3350, pH 6.5, VAPOR DIFFUSION, HANGING DROP, temperature 293K' 
_exptl_crystal_grow.pdbx_pH_range   ? 
# 
_diffrn.id                     1 
_diffrn.ambient_temp           100 
_diffrn.ambient_temp_details   ? 
_diffrn.crystal_id             1 
# 
_diffrn_detector.diffrn_id              1 
_diffrn_detector.detector               'IMAGE PLATE' 
_diffrn_detector.type                   'RIGAKU RAXIS IV++' 
_diffrn_detector.pdbx_collection_date   2010-04-01 
_diffrn_detector.details                'osmic multilayer confocal' 
# 
_diffrn_radiation.diffrn_id                        1 
_diffrn_radiation.wavelength_id                    1 
_diffrn_radiation.pdbx_monochromatic_or_laue_m_l   M 
_diffrn_radiation.monochromator                    graphite 
_diffrn_radiation.pdbx_diffrn_protocol             'SINGLE WAVELENGTH' 
_diffrn_radiation.pdbx_scattering_type             x-ray 
# 
_diffrn_radiation_wavelength.id           1 
_diffrn_radiation_wavelength.wavelength   1.54178 
_diffrn_radiation_wavelength.wt           1.0 
# 
_diffrn_source.diffrn_id                   1 
_diffrn_source.source                      'ROTATING ANODE' 
_diffrn_source.type                        RIGAKU 
_diffrn_source.pdbx_synchrotron_site       ? 
_diffrn_source.pdbx_synchrotron_beamline   ? 
_diffrn_source.pdbx_wavelength             ? 
_diffrn_source.pdbx_wavelength_list        1.54178 
# 
_reflns.entry_id                     3NY3 
_reflns.observed_criterion_sigma_I   1 
_reflns.observed_criterion_sigma_F   1 
_reflns.d_resolution_low             50 
_reflns.d_resolution_high            1.60 
_reflns.number_obs                   7577 
_reflns.number_all                   7638 
_reflns.percent_possible_obs         99.2 
_reflns.pdbx_Rmerge_I_obs            ? 
_reflns.pdbx_Rsym_value              ? 
_reflns.pdbx_netI_over_sigmaI        ? 
_reflns.B_iso_Wilson_estimate        ? 
_reflns.pdbx_redundancy              ? 
_reflns.R_free_details               ? 
_reflns.limit_h_max                  ? 
_reflns.limit_h_min                  ? 
_reflns.limit_k_max                  ? 
_reflns.limit_k_min                  ? 
_reflns.limit_l_max                  ? 
_reflns.limit_l_min                  ? 
_reflns.observed_criterion_F_max     ? 
_reflns.observed_criterion_F_min     ? 
_reflns.pdbx_chi_squared             ? 
_reflns.pdbx_scaling_rejects         ? 
_reflns.pdbx_diffrn_id               1 
_reflns.pdbx_ordinal                 1 
# 
_reflns_shell.d_res_high             1.60 
_reflns_shell.d_res_low              1.63 
_reflns_shell.percent_possible_all   85.3 
_reflns_shell.Rmerge_I_obs           ? 
_reflns_shell.pdbx_Rsym_value        ? 
_reflns_shell.meanI_over_sigI_obs    ? 
_reflns_shell.pdbx_redundancy        ? 
_reflns_shell.percent_possible_obs   ? 
_reflns_shell.number_unique_all      ? 
_reflns_shell.number_measured_all    ? 
_reflns_shell.number_measured_obs    ? 
_reflns_shell.number_unique_obs      ? 
_reflns_shell.pdbx_chi_squared       ? 
_reflns_shell.pdbx_diffrn_id         ? 
_reflns_shell.pdbx_ordinal           1 
# 
_refine.entry_id                                 3NY3 
_refine.ls_number_reflns_obs                     7577 
_refine.ls_number_reflns_all                     7638 
_refine.pdbx_ls_sigma_I                          ? 
_refine.pdbx_ls_sigma_F                          1 
_refine.pdbx_data_cutoff_high_absF               ? 
_refine.pdbx_data_cutoff_low_absF                ? 
_refine.pdbx_data_cutoff_high_rms_absF           ? 
_refine.ls_d_res_low                             28.09 
_refine.ls_d_res_high                            1.60 
_refine.ls_percent_reflns_obs                    98.90 
_refine.ls_R_factor_obs                          0.19127 
_refine.ls_R_factor_all                          0.192 
_refine.ls_R_factor_R_work                       0.19040 
_refine.ls_R_factor_R_free                       0.20987 
_refine.ls_R_factor_R_free_error                 ? 
_refine.ls_R_factor_R_free_error_details         ? 
_refine.ls_percent_reflns_R_free                 4.6 
_refine.ls_number_reflns_R_free                  365 
_refine.ls_number_parameters                     ? 
_refine.ls_number_restraints                     ? 
_refine.occupancy_min                            ? 
_refine.occupancy_max                            ? 
_refine.correlation_coeff_Fo_to_Fc               0.954 
_refine.correlation_coeff_Fo_to_Fc_free          0.959 
_refine.B_iso_mean                               20.671 
_refine.aniso_B[1][1]                            -0.51 
_refine.aniso_B[2][2]                            -0.13 
_refine.aniso_B[3][3]                            0.04 
_refine.aniso_B[1][2]                            0.00 
_refine.aniso_B[1][3]                            -0.88 
_refine.aniso_B[2][3]                            0.00 
_refine.solvent_model_details                    MASK 
_refine.solvent_model_param_ksol                 ? 
_refine.solvent_model_param_bsol                 ? 
_refine.pdbx_solvent_vdw_probe_radii             1.20 
_refine.pdbx_solvent_ion_probe_radii             0.80 
_refine.pdbx_solvent_shrinkage_radii             0.80 
_refine.pdbx_ls_cross_valid_method               THROUGHOUT 
_refine.details                                  ? 
_refine.pdbx_starting_model                      ? 
_refine.pdbx_method_to_determine_struct          'MOLECULAR REPLACEMENT' 
_refine.pdbx_isotropic_thermal_model             ? 
_refine.pdbx_stereochemistry_target_values       'MAXIMUM LIKELIHOOD' 
_refine.pdbx_stereochem_target_val_spec_case     ? 
_refine.pdbx_R_Free_selection_details            RANDOM 
_refine.pdbx_overall_ESU_R_Free                  0.097 
_refine.overall_SU_ML                            0.054 
_refine.overall_SU_B                             2.235 
_refine.overall_SU_R_Cruickshank_DPI             ? 
_refine.ls_redundancy_reflns_obs                 ? 
_refine.B_iso_min                                ? 
_refine.B_iso_max                                ? 
_refine.overall_SU_R_free                        ? 
_refine.ls_wR_factor_R_free                      ? 
_refine.ls_wR_factor_R_work                      ? 
_refine.overall_FOM_free_R_set                   ? 
_refine.overall_FOM_work_R_set                   ? 
_refine.pdbx_overall_phase_error                 ? 
_refine.pdbx_refine_id                           'X-RAY DIFFRACTION' 
_refine.pdbx_overall_ESU_R                       ? 
_refine.pdbx_diffrn_id                           1 
_refine.pdbx_TLS_residual_ADP_flag               ? 
_refine.pdbx_overall_SU_R_free_Cruickshank_DPI   ? 
_refine.pdbx_overall_SU_R_Blow_DPI               ? 
_refine.pdbx_overall_SU_R_free_Blow_DPI          ? 
# 
_refine_hist.pdbx_refine_id                   'X-RAY DIFFRACTION' 
_refine_hist.cycle_id                         LAST 
_refine_hist.pdbx_number_atoms_protein        576 
_refine_hist.pdbx_number_atoms_nucleic_acid   0 
_refine_hist.pdbx_number_atoms_ligand         3 
_refine_hist.number_atoms_solvent             33 
_refine_hist.number_atoms_total               612 
_refine_hist.d_res_high                       1.60 
_refine_hist.d_res_low                        28.09 
# 
loop_
_refine_ls_restr.type 
_refine_ls_restr.dev_ideal 
_refine_ls_restr.dev_ideal_target 
_refine_ls_restr.weight 
_refine_ls_restr.number 
_refine_ls_restr.pdbx_refine_id 
_refine_ls_restr.pdbx_restraint_function 
r_bond_refined_d         0.009  0.021  ? 589 'X-RAY DIFFRACTION' ? 
r_angle_refined_deg      1.170  1.944  ? 790 'X-RAY DIFFRACTION' ? 
r_dihedral_angle_1_deg   5.558  5.000  ? 72  'X-RAY DIFFRACTION' ? 
r_dihedral_angle_2_deg   29.917 21.786 ? 28  'X-RAY DIFFRACTION' ? 
r_dihedral_angle_3_deg   11.511 15.000 ? 96  'X-RAY DIFFRACTION' ? 
r_dihedral_angle_4_deg   28.103 15.000 ? 6   'X-RAY DIFFRACTION' ? 
r_chiral_restr           0.074  0.200  ? 79  'X-RAY DIFFRACTION' ? 
r_gen_planes_refined     0.004  0.020  ? 458 'X-RAY DIFFRACTION' ? 
r_nbd_refined            0.220  0.200  ? 276 'X-RAY DIFFRACTION' ? 
r_nbtor_refined          0.309  0.200  ? 406 'X-RAY DIFFRACTION' ? 
r_xyhbond_nbd_refined    0.102  0.200  ? 35  'X-RAY DIFFRACTION' ? 
r_metal_ion_refined      0.011  0.200  ? 1   'X-RAY DIFFRACTION' ? 
r_symmetry_vdw_refined   0.311  0.200  ? 38  'X-RAY DIFFRACTION' ? 
r_symmetry_hbond_refined 0.160  0.200  ? 5   'X-RAY DIFFRACTION' ? 
r_mcbond_it              0.833  1.500  ? 375 'X-RAY DIFFRACTION' ? 
r_mcangle_it             1.088  2.000  ? 579 'X-RAY DIFFRACTION' ? 
r_scbond_it              1.762  3.000  ? 246 'X-RAY DIFFRACTION' ? 
r_scangle_it             2.303  4.500  ? 211 'X-RAY DIFFRACTION' ? 
# 
_refine_ls_shell.pdbx_total_number_of_bins_used   20 
_refine_ls_shell.d_res_high                       1.60 
_refine_ls_shell.d_res_low                        1.638 
_refine_ls_shell.number_reflns_R_work             476 
_refine_ls_shell.R_factor_R_work                  0.315 
_refine_ls_shell.percent_reflns_obs               85.28 
_refine_ls_shell.R_factor_R_free                  0.311 
_refine_ls_shell.R_factor_R_free_error            ? 
_refine_ls_shell.percent_reflns_R_free            ? 
_refine_ls_shell.number_reflns_R_free             34 
_refine_ls_shell.number_reflns_all                ? 
_refine_ls_shell.R_factor_all                     ? 
_refine_ls_shell.number_reflns_obs                ? 
_refine_ls_shell.redundancy_reflns_obs            ? 
_refine_ls_shell.pdbx_refine_id                   'X-RAY DIFFRACTION' 
# 
_struct.entry_id                  3NY3 
_struct.title                     'Structure of the ubr-box of UBR2 in complex with N-degron' 
_struct.pdbx_model_details        ? 
_struct.pdbx_CASP_flag            ? 
_struct.pdbx_model_type_details   ? 
# 
_struct_keywords.entry_id        3NY3 
_struct_keywords.pdbx_keywords   LIGASE 
_struct_keywords.text            'zinc finger-like, ubiquitin ligase, protein binding, LYGASE, LIGASE' 
# 
loop_
_struct_asym.id 
_struct_asym.pdbx_blank_PDB_chainid_flag 
_struct_asym.pdbx_modified 
_struct_asym.entity_id 
_struct_asym.details 
A N N 1 ? 
B N N 2 ? 
C N N 3 ? 
D N N 3 ? 
E N N 3 ? 
F N N 4 ? 
# 
loop_
_struct_ref.id 
_struct_ref.db_name 
_struct_ref.db_code 
_struct_ref.pdbx_db_accession 
_struct_ref.entity_id 
_struct_ref.pdbx_seq_one_letter_code 
_struct_ref.pdbx_align_begin 
_struct_ref.pdbx_db_isoform 
1 UNP UBR2_HUMAN Q8IWV8 1 LCGRVFKVGEPTYSCRDCAVDPTCVLCMECFLGSIHRDHRYRMTTSGGGGFCDCGDTEAWKEGPYCQKHE 98 ? 
2 PDB 3NY3       3NY3   2 RIFS                                                                   ?  ? 
# 
loop_
_struct_ref_seq.align_id 
_struct_ref_seq.ref_id 
_struct_ref_seq.pdbx_PDB_id_code 
_struct_ref_seq.pdbx_strand_id 
_struct_ref_seq.seq_align_beg 
_struct_ref_seq.pdbx_seq_align_beg_ins_code 
_struct_ref_seq.seq_align_end 
_struct_ref_seq.pdbx_seq_align_end_ins_code 
_struct_ref_seq.pdbx_db_accession 
_struct_ref_seq.db_align_beg 
_struct_ref_seq.pdbx_db_align_beg_ins_code 
_struct_ref_seq.db_align_end 
_struct_ref_seq.pdbx_db_align_end_ins_code 
_struct_ref_seq.pdbx_auth_seq_align_beg 
_struct_ref_seq.pdbx_auth_seq_align_end 
1 1 3NY3 A 6 ? 75 ? Q8IWV8 98 ? 167 ? 98 167 
2 2 3NY3 B 1 ? 4  ? 3NY3   1  ? 4   ? 1  4   
# 
loop_
_struct_ref_seq_dif.align_id 
_struct_ref_seq_dif.pdbx_pdb_id_code 
_struct_ref_seq_dif.mon_id 
_struct_ref_seq_dif.pdbx_pdb_strand_id 
_struct_ref_seq_dif.seq_num 
_struct_ref_seq_dif.pdbx_pdb_ins_code 
_struct_ref_seq_dif.pdbx_seq_db_name 
_struct_ref_seq_dif.pdbx_seq_db_accession_code 
_struct_ref_seq_dif.db_mon_id 
_struct_ref_seq_dif.pdbx_seq_db_seq_num 
_struct_ref_seq_dif.details 
_struct_ref_seq_dif.pdbx_auth_seq_num 
_struct_ref_seq_dif.pdbx_ordinal 
1 3NY3 GLY A 1 ? UNP Q8IWV8 ? ? 'expression tag' 93 1 
1 3NY3 PRO A 2 ? UNP Q8IWV8 ? ? 'expression tag' 94 2 
1 3NY3 LEU A 3 ? UNP Q8IWV8 ? ? 'expression tag' 95 3 
1 3NY3 GLY A 4 ? UNP Q8IWV8 ? ? 'expression tag' 96 4 
1 3NY3 SER A 5 ? UNP Q8IWV8 ? ? 'expression tag' 97 5 
# 
_pdbx_struct_assembly.id                   1 
_pdbx_struct_assembly.details              author_and_software_defined_assembly 
_pdbx_struct_assembly.method_details       PISA 
_pdbx_struct_assembly.oligomeric_details   dimeric 
_pdbx_struct_assembly.oligomeric_count     2 
# 
loop_
_pdbx_struct_assembly_prop.biol_id 
_pdbx_struct_assembly_prop.type 
_pdbx_struct_assembly_prop.value 
_pdbx_struct_assembly_prop.details 
1 'ABSA (A^2)' 610  ? 
1 MORE         -2   ? 
1 'SSA (A^2)'  4480 ? 
# 
_pdbx_struct_assembly_gen.assembly_id       1 
_pdbx_struct_assembly_gen.oper_expression   1 
_pdbx_struct_assembly_gen.asym_id_list      A,B,C,D,E,F 
# 
_pdbx_struct_oper_list.id                   1 
_pdbx_struct_oper_list.type                 'identity operation' 
_pdbx_struct_oper_list.name                 1_555 
_pdbx_struct_oper_list.symmetry_operation   x,y,z 
_pdbx_struct_oper_list.matrix[1][1]         1.0000000000 
_pdbx_struct_oper_list.matrix[1][2]         0.0000000000 
_pdbx_struct_oper_list.matrix[1][3]         0.0000000000 
_pdbx_struct_oper_list.vector[1]            0.0000000000 
_pdbx_struct_oper_list.matrix[2][1]         0.0000000000 
_pdbx_struct_oper_list.matrix[2][2]         1.0000000000 
_pdbx_struct_oper_list.matrix[2][3]         0.0000000000 
_pdbx_struct_oper_list.vector[2]            0.0000000000 
_pdbx_struct_oper_list.matrix[3][1]         0.0000000000 
_pdbx_struct_oper_list.matrix[3][2]         0.0000000000 
_pdbx_struct_oper_list.matrix[3][3]         1.0000000000 
_pdbx_struct_oper_list.vector[3]            0.0000000000 
# 
_struct_biol.id        1 
_struct_biol.details   ? 
# 
loop_
_struct_conf.conf_type_id 
_struct_conf.id 
_struct_conf.pdbx_PDB_helix_id 
_struct_conf.beg_label_comp_id 
_struct_conf.beg_label_asym_id 
_struct_conf.beg_label_seq_id 
_struct_conf.pdbx_beg_PDB_ins_code 
_struct_conf.end_label_comp_id 
_struct_conf.end_label_asym_id 
_struct_conf.end_label_seq_id 
_struct_conf.pdbx_end_PDB_ins_code 
_struct_conf.beg_auth_comp_id 
_struct_conf.beg_auth_asym_id 
_struct_conf.beg_auth_seq_id 
_struct_conf.end_auth_comp_id 
_struct_conf.end_auth_asym_id 
_struct_conf.end_auth_seq_id 
_struct_conf.pdbx_PDB_helix_class 
_struct_conf.details 
_struct_conf.pdbx_PDB_helix_length 
HELX_P HELX_P1 1 CYS A 32 ? GLY A 38 ? CYS A 124 GLY A 130 1 ? 7 
HELX_P HELX_P2 2 SER A 39 ? HIS A 44 ? SER A 131 HIS A 136 5 ? 6 
# 
_struct_conf_type.id          HELX_P 
_struct_conf_type.criteria    ? 
_struct_conf_type.reference   ? 
# 
loop_
_struct_conn.id 
_struct_conn.conn_type_id 
_struct_conn.pdbx_leaving_atom_flag 
_struct_conn.pdbx_PDB_id 
_struct_conn.ptnr1_label_asym_id 
_struct_conn.ptnr1_label_comp_id 
_struct_conn.ptnr1_label_seq_id 
_struct_conn.ptnr1_label_atom_id 
_struct_conn.pdbx_ptnr1_label_alt_id 
_struct_conn.pdbx_ptnr1_PDB_ins_code 
_struct_conn.pdbx_ptnr1_standard_comp_id 
_struct_conn.ptnr1_symmetry 
_struct_conn.ptnr2_label_asym_id 
_struct_conn.ptnr2_label_comp_id 
_struct_conn.ptnr2_label_seq_id 
_struct_conn.ptnr2_label_atom_id 
_struct_conn.pdbx_ptnr2_label_alt_id 
_struct_conn.pdbx_ptnr2_PDB_ins_code 
_struct_conn.ptnr1_auth_asym_id 
_struct_conn.ptnr1_auth_comp_id 
_struct_conn.ptnr1_auth_seq_id 
_struct_conn.ptnr2_auth_asym_id 
_struct_conn.ptnr2_auth_comp_id 
_struct_conn.ptnr2_auth_seq_id 
_struct_conn.ptnr2_symmetry 
_struct_conn.pdbx_ptnr3_label_atom_id 
_struct_conn.pdbx_ptnr3_label_seq_id 
_struct_conn.pdbx_ptnr3_label_comp_id 
_struct_conn.pdbx_ptnr3_label_asym_id 
_struct_conn.pdbx_ptnr3_label_alt_id 
_struct_conn.pdbx_ptnr3_PDB_ins_code 
_struct_conn.details 
_struct_conn.pdbx_dist_value 
_struct_conn.pdbx_value_order 
_struct_conn.pdbx_role 
metalc1  metalc ? ? C ZN . ZN ? ? ? 1_555 A CYS 7  SG  ? ? A ZN 1 A CYS 99  1_555 ? ? ? ? ? ? ? 2.337 ? ? 
metalc2  metalc ? ? C ZN . ZN ? ? ? 1_555 A CYS 32 SG  ? ? A ZN 1 A CYS 124 1_555 ? ? ? ? ? ? ? 2.364 ? ? 
metalc3  metalc ? ? C ZN . ZN ? ? ? 1_555 A CYS 35 SG  ? ? A ZN 1 A CYS 127 1_555 ? ? ? ? ? ? ? 2.406 ? ? 
metalc4  metalc ? ? C ZN . ZN ? ? ? 1_555 A CYS 57 SG  ? ? A ZN 1 A CYS 149 1_555 ? ? ? ? ? ? ? 2.336 ? ? 
metalc5  metalc ? ? D ZN . ZN ? ? ? 1_555 A CYS 35 SG  ? ? A ZN 2 A CYS 127 1_555 ? ? ? ? ? ? ? 2.354 ? ? 
metalc6  metalc ? ? D ZN . ZN ? ? ? 1_555 A CYS 59 SG  ? ? A ZN 2 A CYS 151 1_555 ? ? ? ? ? ? ? 2.368 ? ? 
metalc7  metalc ? ? D ZN . ZN ? ? ? 1_555 A CYS 71 SG  ? ? A ZN 2 A CYS 163 1_555 ? ? ? ? ? ? ? 2.376 ? ? 
metalc8  metalc ? ? D ZN . ZN ? ? ? 1_555 A HIS 74 ND1 ? ? A ZN 2 A HIS 166 1_555 ? ? ? ? ? ? ? 2.049 ? ? 
metalc9  metalc ? ? E ZN . ZN ? ? ? 1_555 A CYS 20 SG  ? ? A ZN 3 A CYS 112 1_555 ? ? ? ? ? ? ? 2.354 ? ? 
metalc10 metalc ? ? E ZN . ZN ? ? ? 1_555 A CYS 23 SG  ? ? A ZN 3 A CYS 115 1_555 ? ? ? ? ? ? ? 2.324 ? ? 
metalc11 metalc ? ? E ZN . ZN ? ? ? 1_555 A HIS 41 ND1 ? ? A ZN 3 A HIS 133 1_555 ? ? ? ? ? ? ? 2.132 ? ? 
metalc12 metalc ? ? E ZN . ZN ? ? ? 1_555 A HIS 44 ND1 ? ? A ZN 3 A HIS 136 1_555 ? ? ? ? ? ? ? 2.086 ? ? 
# 
_struct_conn_type.id          metalc 
_struct_conn_type.criteria    ? 
_struct_conn_type.reference   ? 
# 
loop_
_pdbx_struct_conn_angle.id 
_pdbx_struct_conn_angle.ptnr1_label_atom_id 
_pdbx_struct_conn_angle.ptnr1_label_alt_id 
_pdbx_struct_conn_angle.ptnr1_label_asym_id 
_pdbx_struct_conn_angle.ptnr1_label_comp_id 
_pdbx_struct_conn_angle.ptnr1_label_seq_id 
_pdbx_struct_conn_angle.ptnr1_auth_atom_id 
_pdbx_struct_conn_angle.ptnr1_auth_asym_id 
_pdbx_struct_conn_angle.ptnr1_auth_comp_id 
_pdbx_struct_conn_angle.ptnr1_auth_seq_id 
_pdbx_struct_conn_angle.ptnr1_PDB_ins_code 
_pdbx_struct_conn_angle.ptnr1_symmetry 
_pdbx_struct_conn_angle.ptnr2_label_atom_id 
_pdbx_struct_conn_angle.ptnr2_label_alt_id 
_pdbx_struct_conn_angle.ptnr2_label_asym_id 
_pdbx_struct_conn_angle.ptnr2_label_comp_id 
_pdbx_struct_conn_angle.ptnr2_label_seq_id 
_pdbx_struct_conn_angle.ptnr2_auth_atom_id 
_pdbx_struct_conn_angle.ptnr2_auth_asym_id 
_pdbx_struct_conn_angle.ptnr2_auth_comp_id 
_pdbx_struct_conn_angle.ptnr2_auth_seq_id 
_pdbx_struct_conn_angle.ptnr2_PDB_ins_code 
_pdbx_struct_conn_angle.ptnr2_symmetry 
_pdbx_struct_conn_angle.ptnr3_label_atom_id 
_pdbx_struct_conn_angle.ptnr3_label_alt_id 
_pdbx_struct_conn_angle.ptnr3_label_asym_id 
_pdbx_struct_conn_angle.ptnr3_label_comp_id 
_pdbx_struct_conn_angle.ptnr3_label_seq_id 
_pdbx_struct_conn_angle.ptnr3_auth_atom_id 
_pdbx_struct_conn_angle.ptnr3_auth_asym_id 
_pdbx_struct_conn_angle.ptnr3_auth_comp_id 
_pdbx_struct_conn_angle.ptnr3_auth_seq_id 
_pdbx_struct_conn_angle.ptnr3_PDB_ins_code 
_pdbx_struct_conn_angle.ptnr3_symmetry 
_pdbx_struct_conn_angle.value 
_pdbx_struct_conn_angle.value_esd 
1  SG  ? A CYS 7  ? A CYS 99  ? 1_555 ZN ? C ZN . ? A ZN 1 ? 1_555 SG  ? A CYS 32 ? A CYS 124 ? 1_555 113.4 ? 
2  SG  ? A CYS 7  ? A CYS 99  ? 1_555 ZN ? C ZN . ? A ZN 1 ? 1_555 SG  ? A CYS 35 ? A CYS 127 ? 1_555 106.2 ? 
3  SG  ? A CYS 32 ? A CYS 124 ? 1_555 ZN ? C ZN . ? A ZN 1 ? 1_555 SG  ? A CYS 35 ? A CYS 127 ? 1_555 97.4  ? 
4  SG  ? A CYS 7  ? A CYS 99  ? 1_555 ZN ? C ZN . ? A ZN 1 ? 1_555 SG  ? A CYS 57 ? A CYS 149 ? 1_555 113.8 ? 
5  SG  ? A CYS 32 ? A CYS 124 ? 1_555 ZN ? C ZN . ? A ZN 1 ? 1_555 SG  ? A CYS 57 ? A CYS 149 ? 1_555 113.7 ? 
6  SG  ? A CYS 35 ? A CYS 127 ? 1_555 ZN ? C ZN . ? A ZN 1 ? 1_555 SG  ? A CYS 57 ? A CYS 149 ? 1_555 110.8 ? 
7  SG  ? A CYS 35 ? A CYS 127 ? 1_555 ZN ? D ZN . ? A ZN 2 ? 1_555 SG  ? A CYS 59 ? A CYS 151 ? 1_555 113.5 ? 
8  SG  ? A CYS 35 ? A CYS 127 ? 1_555 ZN ? D ZN . ? A ZN 2 ? 1_555 SG  ? A CYS 71 ? A CYS 163 ? 1_555 110.2 ? 
9  SG  ? A CYS 59 ? A CYS 151 ? 1_555 ZN ? D ZN . ? A ZN 2 ? 1_555 SG  ? A CYS 71 ? A CYS 163 ? 1_555 114.0 ? 
10 SG  ? A CYS 35 ? A CYS 127 ? 1_555 ZN ? D ZN . ? A ZN 2 ? 1_555 ND1 ? A HIS 74 ? A HIS 166 ? 1_555 102.4 ? 
11 SG  ? A CYS 59 ? A CYS 151 ? 1_555 ZN ? D ZN . ? A ZN 2 ? 1_555 ND1 ? A HIS 74 ? A HIS 166 ? 1_555 116.8 ? 
12 SG  ? A CYS 71 ? A CYS 163 ? 1_555 ZN ? D ZN . ? A ZN 2 ? 1_555 ND1 ? A HIS 74 ? A HIS 166 ? 1_555 98.5  ? 
13 SG  ? A CYS 20 ? A CYS 112 ? 1_555 ZN ? E ZN . ? A ZN 3 ? 1_555 SG  ? A CYS 23 ? A CYS 115 ? 1_555 117.2 ? 
14 SG  ? A CYS 20 ? A CYS 112 ? 1_555 ZN ? E ZN . ? A ZN 3 ? 1_555 ND1 ? A HIS 41 ? A HIS 133 ? 1_555 109.5 ? 
15 SG  ? A CYS 23 ? A CYS 115 ? 1_555 ZN ? E ZN . ? A ZN 3 ? 1_555 ND1 ? A HIS 41 ? A HIS 133 ? 1_555 102.5 ? 
16 SG  ? A CYS 20 ? A CYS 112 ? 1_555 ZN ? E ZN . ? A ZN 3 ? 1_555 ND1 ? A HIS 44 ? A HIS 136 ? 1_555 112.3 ? 
17 SG  ? A CYS 23 ? A CYS 115 ? 1_555 ZN ? E ZN . ? A ZN 3 ? 1_555 ND1 ? A HIS 44 ? A HIS 136 ? 1_555 104.6 ? 
18 ND1 ? A HIS 41 ? A HIS 133 ? 1_555 ZN ? E ZN . ? A ZN 3 ? 1_555 ND1 ? A HIS 44 ? A HIS 136 ? 1_555 110.2 ? 
# 
_struct_sheet.id               A 
_struct_sheet.type             ? 
_struct_sheet.number_strands   2 
_struct_sheet.details          ? 
# 
_struct_sheet_order.sheet_id     A 
_struct_sheet_order.range_id_1   1 
_struct_sheet_order.range_id_2   2 
_struct_sheet_order.offset       ? 
_struct_sheet_order.sense        anti-parallel 
# 
loop_
_struct_sheet_range.sheet_id 
_struct_sheet_range.id 
_struct_sheet_range.beg_label_comp_id 
_struct_sheet_range.beg_label_asym_id 
_struct_sheet_range.beg_label_seq_id 
_struct_sheet_range.pdbx_beg_PDB_ins_code 
_struct_sheet_range.end_label_comp_id 
_struct_sheet_range.end_label_asym_id 
_struct_sheet_range.end_label_seq_id 
_struct_sheet_range.pdbx_end_PDB_ins_code 
_struct_sheet_range.beg_auth_comp_id 
_struct_sheet_range.beg_auth_asym_id 
_struct_sheet_range.beg_auth_seq_id 
_struct_sheet_range.end_auth_comp_id 
_struct_sheet_range.end_auth_asym_id 
_struct_sheet_range.end_auth_seq_id 
A 1 PRO A 16 ? CYS A 20 ? PRO A 108 CYS A 112 
A 2 TYR A 46 ? THR A 50 ? TYR A 138 THR A 142 
# 
_pdbx_struct_sheet_hbond.sheet_id                A 
_pdbx_struct_sheet_hbond.range_id_1              1 
_pdbx_struct_sheet_hbond.range_id_2              2 
_pdbx_struct_sheet_hbond.range_1_label_atom_id   N 
_pdbx_struct_sheet_hbond.range_1_label_comp_id   THR 
_pdbx_struct_sheet_hbond.range_1_label_asym_id   A 
_pdbx_struct_sheet_hbond.range_1_label_seq_id    17 
_pdbx_struct_sheet_hbond.range_1_PDB_ins_code    ? 
_pdbx_struct_sheet_hbond.range_1_auth_atom_id    N 
_pdbx_struct_sheet_hbond.range_1_auth_comp_id    THR 
_pdbx_struct_sheet_hbond.range_1_auth_asym_id    A 
_pdbx_struct_sheet_hbond.range_1_auth_seq_id     109 
_pdbx_struct_sheet_hbond.range_2_label_atom_id   O 
_pdbx_struct_sheet_hbond.range_2_label_comp_id   THR 
_pdbx_struct_sheet_hbond.range_2_label_asym_id   A 
_pdbx_struct_sheet_hbond.range_2_label_seq_id    49 
_pdbx_struct_sheet_hbond.range_2_PDB_ins_code    ? 
_pdbx_struct_sheet_hbond.range_2_auth_atom_id    O 
_pdbx_struct_sheet_hbond.range_2_auth_comp_id    THR 
_pdbx_struct_sheet_hbond.range_2_auth_asym_id    A 
_pdbx_struct_sheet_hbond.range_2_auth_seq_id     141 
# 
loop_
_struct_site.id 
_struct_site.pdbx_evidence_code 
_struct_site.pdbx_auth_asym_id 
_struct_site.pdbx_auth_comp_id 
_struct_site.pdbx_auth_seq_id 
_struct_site.pdbx_auth_ins_code 
_struct_site.pdbx_num_residues 
_struct_site.details 
AC1 Software A ZN 1 ? 4 'BINDING SITE FOR RESIDUE ZN A 1' 
AC2 Software A ZN 2 ? 4 'BINDING SITE FOR RESIDUE ZN A 2' 
AC3 Software A ZN 3 ? 4 'BINDING SITE FOR RESIDUE ZN A 3' 
# 
loop_
_struct_site_gen.id 
_struct_site_gen.site_id 
_struct_site_gen.pdbx_num_res 
_struct_site_gen.label_comp_id 
_struct_site_gen.label_asym_id 
_struct_site_gen.label_seq_id 
_struct_site_gen.pdbx_auth_ins_code 
_struct_site_gen.auth_comp_id 
_struct_site_gen.auth_asym_id 
_struct_site_gen.auth_seq_id 
_struct_site_gen.label_atom_id 
_struct_site_gen.label_alt_id 
_struct_site_gen.symmetry 
_struct_site_gen.details 
1  AC1 4 CYS A 7  ? CYS A 99  . ? 1_555 ? 
2  AC1 4 CYS A 32 ? CYS A 124 . ? 1_555 ? 
3  AC1 4 CYS A 35 ? CYS A 127 . ? 1_555 ? 
4  AC1 4 CYS A 57 ? CYS A 149 . ? 1_555 ? 
5  AC2 4 CYS A 35 ? CYS A 127 . ? 1_555 ? 
6  AC2 4 CYS A 59 ? CYS A 151 . ? 1_555 ? 
7  AC2 4 CYS A 71 ? CYS A 163 . ? 1_555 ? 
8  AC2 4 HIS A 74 ? HIS A 166 . ? 1_555 ? 
9  AC3 4 CYS A 20 ? CYS A 112 . ? 1_555 ? 
10 AC3 4 CYS A 23 ? CYS A 115 . ? 1_555 ? 
11 AC3 4 HIS A 41 ? HIS A 133 . ? 1_555 ? 
12 AC3 4 HIS A 44 ? HIS A 136 . ? 1_555 ? 
# 
loop_
_pdbx_refine_tls.pdbx_refine_id 
_pdbx_refine_tls.id 
_pdbx_refine_tls.details 
_pdbx_refine_tls.method 
_pdbx_refine_tls.origin_x 
_pdbx_refine_tls.origin_y 
_pdbx_refine_tls.origin_z 
_pdbx_refine_tls.T[1][1] 
_pdbx_refine_tls.T[2][2] 
_pdbx_refine_tls.T[3][3] 
_pdbx_refine_tls.T[1][2] 
_pdbx_refine_tls.T[1][3] 
_pdbx_refine_tls.T[2][3] 
_pdbx_refine_tls.L[1][1] 
_pdbx_refine_tls.L[2][2] 
_pdbx_refine_tls.L[3][3] 
_pdbx_refine_tls.L[1][2] 
_pdbx_refine_tls.L[1][3] 
_pdbx_refine_tls.L[2][3] 
_pdbx_refine_tls.S[1][1] 
_pdbx_refine_tls.S[1][2] 
_pdbx_refine_tls.S[1][3] 
_pdbx_refine_tls.S[2][1] 
_pdbx_refine_tls.S[2][2] 
_pdbx_refine_tls.S[2][3] 
_pdbx_refine_tls.S[3][1] 
_pdbx_refine_tls.S[3][2] 
_pdbx_refine_tls.S[3][3] 
'X-RAY DIFFRACTION' 1 ? refined 8.8649  -0.5339 2.9067  -0.0107 -0.0018 0.0057  0.0110  0.0069  0.0158  5.0846  5.6135 4.0755 -2.9446 -2.1330 3.9051  -0.0379 0.0336  -0.0034 0.2819  -0.0283 0.0141  0.1227  0.0291  0.0662  
'X-RAY DIFFRACTION' 2 ? refined -3.7914 -2.7233 -0.2378 0.0080  -0.0151 0.0211  0.0033  -0.0159 0.0020  1.8111  1.1856 2.4921 0.3421  0.3917  -0.4684 0.0070  0.0632  0.0206  -0.0792 0.0305  0.0719  0.1428  0.0432  -0.0373 
'X-RAY DIFFRACTION' 3 ? refined 1.6053  -7.3619 -4.1744 -0.0088 0.0644  -0.0013 -0.0053 -0.0238 -0.0830 17.0475 2.2016 0.3426 4.3587  0.3721  -0.5079 0.0690  0.6993  -0.5522 -0.3480 0.1092  -0.0222 0.1220  0.0874  -0.1782 
'X-RAY DIFFRACTION' 4 ? refined -3.6588 5.5548  2.6055  0.0050  -0.0126 0.0554  -0.0021 0.0046  0.0037  2.7760  1.3624 2.9284 0.2182  -0.6829 -0.7442 0.0610  -0.0207 0.2729  -0.0203 0.0221  0.2140  -0.0649 -0.1044 -0.0831  
# 
loop_
_pdbx_refine_tls_group.pdbx_refine_id 
_pdbx_refine_tls_group.id 
_pdbx_refine_tls_group.refine_tls_id 
_pdbx_refine_tls_group.beg_auth_asym_id 
_pdbx_refine_tls_group.beg_auth_seq_id 
_pdbx_refine_tls_group.beg_label_asym_id 
_pdbx_refine_tls_group.beg_label_seq_id 
_pdbx_refine_tls_group.end_auth_asym_id 
_pdbx_refine_tls_group.end_auth_seq_id 
_pdbx_refine_tls_group.end_label_asym_id 
_pdbx_refine_tls_group.end_label_seq_id 
_pdbx_refine_tls_group.selection 
_pdbx_refine_tls_group.selection_details 
'X-RAY DIFFRACTION' 1 1 A 98  ? ? A 108 ? ? ? ? 
'X-RAY DIFFRACTION' 2 2 A 109 ? ? A 136 ? ? ? ? 
'X-RAY DIFFRACTION' 3 3 A 137 ? ? A 146 ? ? ? ? 
'X-RAY DIFFRACTION' 4 4 A 147 ? ? A 167 ? ? ? ? 
# 
loop_
_pdbx_unobs_or_zero_occ_residues.id 
_pdbx_unobs_or_zero_occ_residues.PDB_model_num 
_pdbx_unobs_or_zero_occ_residues.polymer_flag 
_pdbx_unobs_or_zero_occ_residues.occupancy_flag 
_pdbx_unobs_or_zero_occ_residues.auth_asym_id 
_pdbx_unobs_or_zero_occ_residues.auth_comp_id 
_pdbx_unobs_or_zero_occ_residues.auth_seq_id 
_pdbx_unobs_or_zero_occ_residues.PDB_ins_code 
_pdbx_unobs_or_zero_occ_residues.label_asym_id 
_pdbx_unobs_or_zero_occ_residues.label_comp_id 
_pdbx_unobs_or_zero_occ_residues.label_seq_id 
1 1 Y 1 A GLY 93 ? A GLY 1 
2 1 Y 1 A PRO 94 ? A PRO 2 
3 1 Y 1 A LEU 95 ? A LEU 3 
4 1 Y 1 A GLY 96 ? A GLY 4 
5 1 Y 1 A SER 97 ? A SER 5 
# 
loop_
_chem_comp_atom.comp_id 
_chem_comp_atom.atom_id 
_chem_comp_atom.type_symbol 
_chem_comp_atom.pdbx_aromatic_flag 
_chem_comp_atom.pdbx_stereo_config 
_chem_comp_atom.pdbx_ordinal 
ALA N    N  N N 1   
ALA CA   C  N S 2   
ALA C    C  N N 3   
ALA O    O  N N 4   
ALA CB   C  N N 5   
ALA OXT  O  N N 6   
ALA H    H  N N 7   
ALA H2   H  N N 8   
ALA HA   H  N N 9   
ALA HB1  H  N N 10  
ALA HB2  H  N N 11  
ALA HB3  H  N N 12  
ALA HXT  H  N N 13  
ARG N    N  N N 14  
ARG CA   C  N S 15  
ARG C    C  N N 16  
ARG O    O  N N 17  
ARG CB   C  N N 18  
ARG CG   C  N N 19  
ARG CD   C  N N 20  
ARG NE   N  N N 21  
ARG CZ   C  N N 22  
ARG NH1  N  N N 23  
ARG NH2  N  N N 24  
ARG OXT  O  N N 25  
ARG H    H  N N 26  
ARG H2   H  N N 27  
ARG HA   H  N N 28  
ARG HB2  H  N N 29  
ARG HB3  H  N N 30  
ARG HG2  H  N N 31  
ARG HG3  H  N N 32  
ARG HD2  H  N N 33  
ARG HD3  H  N N 34  
ARG HE   H  N N 35  
ARG HH11 H  N N 36  
ARG HH12 H  N N 37  
ARG HH21 H  N N 38  
ARG HH22 H  N N 39  
ARG HXT  H  N N 40  
ASP N    N  N N 41  
ASP CA   C  N S 42  
ASP C    C  N N 43  
ASP O    O  N N 44  
ASP CB   C  N N 45  
ASP CG   C  N N 46  
ASP OD1  O  N N 47  
ASP OD2  O  N N 48  
ASP OXT  O  N N 49  
ASP H    H  N N 50  
ASP H2   H  N N 51  
ASP HA   H  N N 52  
ASP HB2  H  N N 53  
ASP HB3  H  N N 54  
ASP HD2  H  N N 55  
ASP HXT  H  N N 56  
CYS N    N  N N 57  
CYS CA   C  N R 58  
CYS C    C  N N 59  
CYS O    O  N N 60  
CYS CB   C  N N 61  
CYS SG   S  N N 62  
CYS OXT  O  N N 63  
CYS H    H  N N 64  
CYS H2   H  N N 65  
CYS HA   H  N N 66  
CYS HB2  H  N N 67  
CYS HB3  H  N N 68  
CYS HG   H  N N 69  
CYS HXT  H  N N 70  
GLN N    N  N N 71  
GLN CA   C  N S 72  
GLN C    C  N N 73  
GLN O    O  N N 74  
GLN CB   C  N N 75  
GLN CG   C  N N 76  
GLN CD   C  N N 77  
GLN OE1  O  N N 78  
GLN NE2  N  N N 79  
GLN OXT  O  N N 80  
GLN H    H  N N 81  
GLN H2   H  N N 82  
GLN HA   H  N N 83  
GLN HB2  H  N N 84  
GLN HB3  H  N N 85  
GLN HG2  H  N N 86  
GLN HG3  H  N N 87  
GLN HE21 H  N N 88  
GLN HE22 H  N N 89  
GLN HXT  H  N N 90  
GLU N    N  N N 91  
GLU CA   C  N S 92  
GLU C    C  N N 93  
GLU O    O  N N 94  
GLU CB   C  N N 95  
GLU CG   C  N N 96  
GLU CD   C  N N 97  
GLU OE1  O  N N 98  
GLU OE2  O  N N 99  
GLU OXT  O  N N 100 
GLU H    H  N N 101 
GLU H2   H  N N 102 
GLU HA   H  N N 103 
GLU HB2  H  N N 104 
GLU HB3  H  N N 105 
GLU HG2  H  N N 106 
GLU HG3  H  N N 107 
GLU HE2  H  N N 108 
GLU HXT  H  N N 109 
GLY N    N  N N 110 
GLY CA   C  N N 111 
GLY C    C  N N 112 
GLY O    O  N N 113 
GLY OXT  O  N N 114 
GLY H    H  N N 115 
GLY H2   H  N N 116 
GLY HA2  H  N N 117 
GLY HA3  H  N N 118 
GLY HXT  H  N N 119 
HIS N    N  N N 120 
HIS CA   C  N S 121 
HIS C    C  N N 122 
HIS O    O  N N 123 
HIS CB   C  N N 124 
HIS CG   C  Y N 125 
HIS ND1  N  Y N 126 
HIS CD2  C  Y N 127 
HIS CE1  C  Y N 128 
HIS NE2  N  Y N 129 
HIS OXT  O  N N 130 
HIS H    H  N N 131 
HIS H2   H  N N 132 
HIS HA   H  N N 133 
HIS HB2  H  N N 134 
HIS HB3  H  N N 135 
HIS HD1  H  N N 136 
HIS HD2  H  N N 137 
HIS HE1  H  N N 138 
HIS HE2  H  N N 139 
HIS HXT  H  N N 140 
HOH O    O  N N 141 
HOH H1   H  N N 142 
HOH H2   H  N N 143 
ILE N    N  N N 144 
ILE CA   C  N S 145 
ILE C    C  N N 146 
ILE O    O  N N 147 
ILE CB   C  N S 148 
ILE CG1  C  N N 149 
ILE CG2  C  N N 150 
ILE CD1  C  N N 151 
ILE OXT  O  N N 152 
ILE H    H  N N 153 
ILE H2   H  N N 154 
ILE HA   H  N N 155 
ILE HB   H  N N 156 
ILE HG12 H  N N 157 
ILE HG13 H  N N 158 
ILE HG21 H  N N 159 
ILE HG22 H  N N 160 
ILE HG23 H  N N 161 
ILE HD11 H  N N 162 
ILE HD12 H  N N 163 
ILE HD13 H  N N 164 
ILE HXT  H  N N 165 
LEU N    N  N N 166 
LEU CA   C  N S 167 
LEU C    C  N N 168 
LEU O    O  N N 169 
LEU CB   C  N N 170 
LEU CG   C  N N 171 
LEU CD1  C  N N 172 
LEU CD2  C  N N 173 
LEU OXT  O  N N 174 
LEU H    H  N N 175 
LEU H2   H  N N 176 
LEU HA   H  N N 177 
LEU HB2  H  N N 178 
LEU HB3  H  N N 179 
LEU HG   H  N N 180 
LEU HD11 H  N N 181 
LEU HD12 H  N N 182 
LEU HD13 H  N N 183 
LEU HD21 H  N N 184 
LEU HD22 H  N N 185 
LEU HD23 H  N N 186 
LEU HXT  H  N N 187 
LYS N    N  N N 188 
LYS CA   C  N S 189 
LYS C    C  N N 190 
LYS O    O  N N 191 
LYS CB   C  N N 192 
LYS CG   C  N N 193 
LYS CD   C  N N 194 
LYS CE   C  N N 195 
LYS NZ   N  N N 196 
LYS OXT  O  N N 197 
LYS H    H  N N 198 
LYS H2   H  N N 199 
LYS HA   H  N N 200 
LYS HB2  H  N N 201 
LYS HB3  H  N N 202 
LYS HG2  H  N N 203 
LYS HG3  H  N N 204 
LYS HD2  H  N N 205 
LYS HD3  H  N N 206 
LYS HE2  H  N N 207 
LYS HE3  H  N N 208 
LYS HZ1  H  N N 209 
LYS HZ2  H  N N 210 
LYS HZ3  H  N N 211 
LYS HXT  H  N N 212 
MET N    N  N N 213 
MET CA   C  N S 214 
MET C    C  N N 215 
MET O    O  N N 216 
MET CB   C  N N 217 
MET CG   C  N N 218 
MET SD   S  N N 219 
MET CE   C  N N 220 
MET OXT  O  N N 221 
MET H    H  N N 222 
MET H2   H  N N 223 
MET HA   H  N N 224 
MET HB2  H  N N 225 
MET HB3  H  N N 226 
MET HG2  H  N N 227 
MET HG3  H  N N 228 
MET HE1  H  N N 229 
MET HE2  H  N N 230 
MET HE3  H  N N 231 
MET HXT  H  N N 232 
PHE N    N  N N 233 
PHE CA   C  N S 234 
PHE C    C  N N 235 
PHE O    O  N N 236 
PHE CB   C  N N 237 
PHE CG   C  Y N 238 
PHE CD1  C  Y N 239 
PHE CD2  C  Y N 240 
PHE CE1  C  Y N 241 
PHE CE2  C  Y N 242 
PHE CZ   C  Y N 243 
PHE OXT  O  N N 244 
PHE H    H  N N 245 
PHE H2   H  N N 246 
PHE HA   H  N N 247 
PHE HB2  H  N N 248 
PHE HB3  H  N N 249 
PHE HD1  H  N N 250 
PHE HD2  H  N N 251 
PHE HE1  H  N N 252 
PHE HE2  H  N N 253 
PHE HZ   H  N N 254 
PHE HXT  H  N N 255 
PRO N    N  N N 256 
PRO CA   C  N S 257 
PRO C    C  N N 258 
PRO O    O  N N 259 
PRO CB   C  N N 260 
PRO CG   C  N N 261 
PRO CD   C  N N 262 
PRO OXT  O  N N 263 
PRO H    H  N N 264 
PRO HA   H  N N 265 
PRO HB2  H  N N 266 
PRO HB3  H  N N 267 
PRO HG2  H  N N 268 
PRO HG3  H  N N 269 
PRO HD2  H  N N 270 
PRO HD3  H  N N 271 
PRO HXT  H  N N 272 
SER N    N  N N 273 
SER CA   C  N S 274 
SER C    C  N N 275 
SER O    O  N N 276 
SER CB   C  N N 277 
SER OG   O  N N 278 
SER OXT  O  N N 279 
SER H    H  N N 280 
SER H2   H  N N 281 
SER HA   H  N N 282 
SER HB2  H  N N 283 
SER HB3  H  N N 284 
SER HG   H  N N 285 
SER HXT  H  N N 286 
THR N    N  N N 287 
THR CA   C  N S 288 
THR C    C  N N 289 
THR O    O  N N 290 
THR CB   C  N R 291 
THR OG1  O  N N 292 
THR CG2  C  N N 293 
THR OXT  O  N N 294 
THR H    H  N N 295 
THR H2   H  N N 296 
THR HA   H  N N 297 
THR HB   H  N N 298 
THR HG1  H  N N 299 
THR HG21 H  N N 300 
THR HG22 H  N N 301 
THR HG23 H  N N 302 
THR HXT  H  N N 303 
TRP N    N  N N 304 
TRP CA   C  N S 305 
TRP C    C  N N 306 
TRP O    O  N N 307 
TRP CB   C  N N 308 
TRP CG   C  Y N 309 
TRP CD1  C  Y N 310 
TRP CD2  C  Y N 311 
TRP NE1  N  Y N 312 
TRP CE2  C  Y N 313 
TRP CE3  C  Y N 314 
TRP CZ2  C  Y N 315 
TRP CZ3  C  Y N 316 
TRP CH2  C  Y N 317 
TRP OXT  O  N N 318 
TRP H    H  N N 319 
TRP H2   H  N N 320 
TRP HA   H  N N 321 
TRP HB2  H  N N 322 
TRP HB3  H  N N 323 
TRP HD1  H  N N 324 
TRP HE1  H  N N 325 
TRP HE3  H  N N 326 
TRP HZ2  H  N N 327 
TRP HZ3  H  N N 328 
TRP HH2  H  N N 329 
TRP HXT  H  N N 330 
TYR N    N  N N 331 
TYR CA   C  N S 332 
TYR C    C  N N 333 
TYR O    O  N N 334 
TYR CB   C  N N 335 
TYR CG   C  Y N 336 
TYR CD1  C  Y N 337 
TYR CD2  C  Y N 338 
TYR CE1  C  Y N 339 
TYR CE2  C  Y N 340 
TYR CZ   C  Y N 341 
TYR OH   O  N N 342 
TYR OXT  O  N N 343 
TYR H    H  N N 344 
TYR H2   H  N N 345 
TYR HA   H  N N 346 
TYR HB2  H  N N 347 
TYR HB3  H  N N 348 
TYR HD1  H  N N 349 
TYR HD2  H  N N 350 
TYR HE1  H  N N 351 
TYR HE2  H  N N 352 
TYR HH   H  N N 353 
TYR HXT  H  N N 354 
VAL N    N  N N 355 
VAL CA   C  N S 356 
VAL C    C  N N 357 
VAL O    O  N N 358 
VAL CB   C  N N 359 
VAL CG1  C  N N 360 
VAL CG2  C  N N 361 
VAL OXT  O  N N 362 
VAL H    H  N N 363 
VAL H2   H  N N 364 
VAL HA   H  N N 365 
VAL HB   H  N N 366 
VAL HG11 H  N N 367 
VAL HG12 H  N N 368 
VAL HG13 H  N N 369 
VAL HG21 H  N N 370 
VAL HG22 H  N N 371 
VAL HG23 H  N N 372 
VAL HXT  H  N N 373 
ZN  ZN   ZN N N 374 
# 
loop_
_chem_comp_bond.comp_id 
_chem_comp_bond.atom_id_1 
_chem_comp_bond.atom_id_2 
_chem_comp_bond.value_order 
_chem_comp_bond.pdbx_aromatic_flag 
_chem_comp_bond.pdbx_stereo_config 
_chem_comp_bond.pdbx_ordinal 
ALA N   CA   sing N N 1   
ALA N   H    sing N N 2   
ALA N   H2   sing N N 3   
ALA CA  C    sing N N 4   
ALA CA  CB   sing N N 5   
ALA CA  HA   sing N N 6   
ALA C   O    doub N N 7   
ALA C   OXT  sing N N 8   
ALA CB  HB1  sing N N 9   
ALA CB  HB2  sing N N 10  
ALA CB  HB3  sing N N 11  
ALA OXT HXT  sing N N 12  
ARG N   CA   sing N N 13  
ARG N   H    sing N N 14  
ARG N   H2   sing N N 15  
ARG CA  C    sing N N 16  
ARG CA  CB   sing N N 17  
ARG CA  HA   sing N N 18  
ARG C   O    doub N N 19  
ARG C   OXT  sing N N 20  
ARG CB  CG   sing N N 21  
ARG CB  HB2  sing N N 22  
ARG CB  HB3  sing N N 23  
ARG CG  CD   sing N N 24  
ARG CG  HG2  sing N N 25  
ARG CG  HG3  sing N N 26  
ARG CD  NE   sing N N 27  
ARG CD  HD2  sing N N 28  
ARG CD  HD3  sing N N 29  
ARG NE  CZ   sing N N 30  
ARG NE  HE   sing N N 31  
ARG CZ  NH1  sing N N 32  
ARG CZ  NH2  doub N N 33  
ARG NH1 HH11 sing N N 34  
ARG NH1 HH12 sing N N 35  
ARG NH2 HH21 sing N N 36  
ARG NH2 HH22 sing N N 37  
ARG OXT HXT  sing N N 38  
ASP N   CA   sing N N 39  
ASP N   H    sing N N 40  
ASP N   H2   sing N N 41  
ASP CA  C    sing N N 42  
ASP CA  CB   sing N N 43  
ASP CA  HA   sing N N 44  
ASP C   O    doub N N 45  
ASP C   OXT  sing N N 46  
ASP CB  CG   sing N N 47  
ASP CB  HB2  sing N N 48  
ASP CB  HB3  sing N N 49  
ASP CG  OD1  doub N N 50  
ASP CG  OD2  sing N N 51  
ASP OD2 HD2  sing N N 52  
ASP OXT HXT  sing N N 53  
CYS N   CA   sing N N 54  
CYS N   H    sing N N 55  
CYS N   H2   sing N N 56  
CYS CA  C    sing N N 57  
CYS CA  CB   sing N N 58  
CYS CA  HA   sing N N 59  
CYS C   O    doub N N 60  
CYS C   OXT  sing N N 61  
CYS CB  SG   sing N N 62  
CYS CB  HB2  sing N N 63  
CYS CB  HB3  sing N N 64  
CYS SG  HG   sing N N 65  
CYS OXT HXT  sing N N 66  
GLN N   CA   sing N N 67  
GLN N   H    sing N N 68  
GLN N   H2   sing N N 69  
GLN CA  C    sing N N 70  
GLN CA  CB   sing N N 71  
GLN CA  HA   sing N N 72  
GLN C   O    doub N N 73  
GLN C   OXT  sing N N 74  
GLN CB  CG   sing N N 75  
GLN CB  HB2  sing N N 76  
GLN CB  HB3  sing N N 77  
GLN CG  CD   sing N N 78  
GLN CG  HG2  sing N N 79  
GLN CG  HG3  sing N N 80  
GLN CD  OE1  doub N N 81  
GLN CD  NE2  sing N N 82  
GLN NE2 HE21 sing N N 83  
GLN NE2 HE22 sing N N 84  
GLN OXT HXT  sing N N 85  
GLU N   CA   sing N N 86  
GLU N   H    sing N N 87  
GLU N   H2   sing N N 88  
GLU CA  C    sing N N 89  
GLU CA  CB   sing N N 90  
GLU CA  HA   sing N N 91  
GLU C   O    doub N N 92  
GLU C   OXT  sing N N 93  
GLU CB  CG   sing N N 94  
GLU CB  HB2  sing N N 95  
GLU CB  HB3  sing N N 96  
GLU CG  CD   sing N N 97  
GLU CG  HG2  sing N N 98  
GLU CG  HG3  sing N N 99  
GLU CD  OE1  doub N N 100 
GLU CD  OE2  sing N N 101 
GLU OE2 HE2  sing N N 102 
GLU OXT HXT  sing N N 103 
GLY N   CA   sing N N 104 
GLY N   H    sing N N 105 
GLY N   H2   sing N N 106 
GLY CA  C    sing N N 107 
GLY CA  HA2  sing N N 108 
GLY CA  HA3  sing N N 109 
GLY C   O    doub N N 110 
GLY C   OXT  sing N N 111 
GLY OXT HXT  sing N N 112 
HIS N   CA   sing N N 113 
HIS N   H    sing N N 114 
HIS N   H2   sing N N 115 
HIS CA  C    sing N N 116 
HIS CA  CB   sing N N 117 
HIS CA  HA   sing N N 118 
HIS C   O    doub N N 119 
HIS C   OXT  sing N N 120 
HIS CB  CG   sing N N 121 
HIS CB  HB2  sing N N 122 
HIS CB  HB3  sing N N 123 
HIS CG  ND1  sing Y N 124 
HIS CG  CD2  doub Y N 125 
HIS ND1 CE1  doub Y N 126 
HIS ND1 HD1  sing N N 127 
HIS CD2 NE2  sing Y N 128 
HIS CD2 HD2  sing N N 129 
HIS CE1 NE2  sing Y N 130 
HIS CE1 HE1  sing N N 131 
HIS NE2 HE2  sing N N 132 
HIS OXT HXT  sing N N 133 
HOH O   H1   sing N N 134 
HOH O   H2   sing N N 135 
ILE N   CA   sing N N 136 
ILE N   H    sing N N 137 
ILE N   H2   sing N N 138 
ILE CA  C    sing N N 139 
ILE CA  CB   sing N N 140 
ILE CA  HA   sing N N 141 
ILE C   O    doub N N 142 
ILE C   OXT  sing N N 143 
ILE CB  CG1  sing N N 144 
ILE CB  CG2  sing N N 145 
ILE CB  HB   sing N N 146 
ILE CG1 CD1  sing N N 147 
ILE CG1 HG12 sing N N 148 
ILE CG1 HG13 sing N N 149 
ILE CG2 HG21 sing N N 150 
ILE CG2 HG22 sing N N 151 
ILE CG2 HG23 sing N N 152 
ILE CD1 HD11 sing N N 153 
ILE CD1 HD12 sing N N 154 
ILE CD1 HD13 sing N N 155 
ILE OXT HXT  sing N N 156 
LEU N   CA   sing N N 157 
LEU N   H    sing N N 158 
LEU N   H2   sing N N 159 
LEU CA  C    sing N N 160 
LEU CA  CB   sing N N 161 
LEU CA  HA   sing N N 162 
LEU C   O    doub N N 163 
LEU C   OXT  sing N N 164 
LEU CB  CG   sing N N 165 
LEU CB  HB2  sing N N 166 
LEU CB  HB3  sing N N 167 
LEU CG  CD1  sing N N 168 
LEU CG  CD2  sing N N 169 
LEU CG  HG   sing N N 170 
LEU CD1 HD11 sing N N 171 
LEU CD1 HD12 sing N N 172 
LEU CD1 HD13 sing N N 173 
LEU CD2 HD21 sing N N 174 
LEU CD2 HD22 sing N N 175 
LEU CD2 HD23 sing N N 176 
LEU OXT HXT  sing N N 177 
LYS N   CA   sing N N 178 
LYS N   H    sing N N 179 
LYS N   H2   sing N N 180 
LYS CA  C    sing N N 181 
LYS CA  CB   sing N N 182 
LYS CA  HA   sing N N 183 
LYS C   O    doub N N 184 
LYS C   OXT  sing N N 185 
LYS CB  CG   sing N N 186 
LYS CB  HB2  sing N N 187 
LYS CB  HB3  sing N N 188 
LYS CG  CD   sing N N 189 
LYS CG  HG2  sing N N 190 
LYS CG  HG3  sing N N 191 
LYS CD  CE   sing N N 192 
LYS CD  HD2  sing N N 193 
LYS CD  HD3  sing N N 194 
LYS CE  NZ   sing N N 195 
LYS CE  HE2  sing N N 196 
LYS CE  HE3  sing N N 197 
LYS NZ  HZ1  sing N N 198 
LYS NZ  HZ2  sing N N 199 
LYS NZ  HZ3  sing N N 200 
LYS OXT HXT  sing N N 201 
MET N   CA   sing N N 202 
MET N   H    sing N N 203 
MET N   H2   sing N N 204 
MET CA  C    sing N N 205 
MET CA  CB   sing N N 206 
MET CA  HA   sing N N 207 
MET C   O    doub N N 208 
MET C   OXT  sing N N 209 
MET CB  CG   sing N N 210 
MET CB  HB2  sing N N 211 
MET CB  HB3  sing N N 212 
MET CG  SD   sing N N 213 
MET CG  HG2  sing N N 214 
MET CG  HG3  sing N N 215 
MET SD  CE   sing N N 216 
MET CE  HE1  sing N N 217 
MET CE  HE2  sing N N 218 
MET CE  HE3  sing N N 219 
MET OXT HXT  sing N N 220 
PHE N   CA   sing N N 221 
PHE N   H    sing N N 222 
PHE N   H2   sing N N 223 
PHE CA  C    sing N N 224 
PHE CA  CB   sing N N 225 
PHE CA  HA   sing N N 226 
PHE C   O    doub N N 227 
PHE C   OXT  sing N N 228 
PHE CB  CG   sing N N 229 
PHE CB  HB2  sing N N 230 
PHE CB  HB3  sing N N 231 
PHE CG  CD1  doub Y N 232 
PHE CG  CD2  sing Y N 233 
PHE CD1 CE1  sing Y N 234 
PHE CD1 HD1  sing N N 235 
PHE CD2 CE2  doub Y N 236 
PHE CD2 HD2  sing N N 237 
PHE CE1 CZ   doub Y N 238 
PHE CE1 HE1  sing N N 239 
PHE CE2 CZ   sing Y N 240 
PHE CE2 HE2  sing N N 241 
PHE CZ  HZ   sing N N 242 
PHE OXT HXT  sing N N 243 
PRO N   CA   sing N N 244 
PRO N   CD   sing N N 245 
PRO N   H    sing N N 246 
PRO CA  C    sing N N 247 
PRO CA  CB   sing N N 248 
PRO CA  HA   sing N N 249 
PRO C   O    doub N N 250 
PRO C   OXT  sing N N 251 
PRO CB  CG   sing N N 252 
PRO CB  HB2  sing N N 253 
PRO CB  HB3  sing N N 254 
PRO CG  CD   sing N N 255 
PRO CG  HG2  sing N N 256 
PRO CG  HG3  sing N N 257 
PRO CD  HD2  sing N N 258 
PRO CD  HD3  sing N N 259 
PRO OXT HXT  sing N N 260 
SER N   CA   sing N N 261 
SER N   H    sing N N 262 
SER N   H2   sing N N 263 
SER CA  C    sing N N 264 
SER CA  CB   sing N N 265 
SER CA  HA   sing N N 266 
SER C   O    doub N N 267 
SER C   OXT  sing N N 268 
SER CB  OG   sing N N 269 
SER CB  HB2  sing N N 270 
SER CB  HB3  sing N N 271 
SER OG  HG   sing N N 272 
SER OXT HXT  sing N N 273 
THR N   CA   sing N N 274 
THR N   H    sing N N 275 
THR N   H2   sing N N 276 
THR CA  C    sing N N 277 
THR CA  CB   sing N N 278 
THR CA  HA   sing N N 279 
THR C   O    doub N N 280 
THR C   OXT  sing N N 281 
THR CB  OG1  sing N N 282 
THR CB  CG2  sing N N 283 
THR CB  HB   sing N N 284 
THR OG1 HG1  sing N N 285 
THR CG2 HG21 sing N N 286 
THR CG2 HG22 sing N N 287 
THR CG2 HG23 sing N N 288 
THR OXT HXT  sing N N 289 
TRP N   CA   sing N N 290 
TRP N   H    sing N N 291 
TRP N   H2   sing N N 292 
TRP CA  C    sing N N 293 
TRP CA  CB   sing N N 294 
TRP CA  HA   sing N N 295 
TRP C   O    doub N N 296 
TRP C   OXT  sing N N 297 
TRP CB  CG   sing N N 298 
TRP CB  HB2  sing N N 299 
TRP CB  HB3  sing N N 300 
TRP CG  CD1  doub Y N 301 
TRP CG  CD2  sing Y N 302 
TRP CD1 NE1  sing Y N 303 
TRP CD1 HD1  sing N N 304 
TRP CD2 CE2  doub Y N 305 
TRP CD2 CE3  sing Y N 306 
TRP NE1 CE2  sing Y N 307 
TRP NE1 HE1  sing N N 308 
TRP CE2 CZ2  sing Y N 309 
TRP CE3 CZ3  doub Y N 310 
TRP CE3 HE3  sing N N 311 
TRP CZ2 CH2  doub Y N 312 
TRP CZ2 HZ2  sing N N 313 
TRP CZ3 CH2  sing Y N 314 
TRP CZ3 HZ3  sing N N 315 
TRP CH2 HH2  sing N N 316 
TRP OXT HXT  sing N N 317 
TYR N   CA   sing N N 318 
TYR N   H    sing N N 319 
TYR N   H2   sing N N 320 
TYR CA  C    sing N N 321 
TYR CA  CB   sing N N 322 
TYR CA  HA   sing N N 323 
TYR C   O    doub N N 324 
TYR C   OXT  sing N N 325 
TYR CB  CG   sing N N 326 
TYR CB  HB2  sing N N 327 
TYR CB  HB3  sing N N 328 
TYR CG  CD1  doub Y N 329 
TYR CG  CD2  sing Y N 330 
TYR CD1 CE1  sing Y N 331 
TYR CD1 HD1  sing N N 332 
TYR CD2 CE2  doub Y N 333 
TYR CD2 HD2  sing N N 334 
TYR CE1 CZ   doub Y N 335 
TYR CE1 HE1  sing N N 336 
TYR CE2 CZ   sing Y N 337 
TYR CE2 HE2  sing N N 338 
TYR CZ  OH   sing N N 339 
TYR OH  HH   sing N N 340 
TYR OXT HXT  sing N N 341 
VAL N   CA   sing N N 342 
VAL N   H    sing N N 343 
VAL N   H2   sing N N 344 
VAL CA  C    sing N N 345 
VAL CA  CB   sing N N 346 
VAL CA  HA   sing N N 347 
VAL C   O    doub N N 348 
VAL C   OXT  sing N N 349 
VAL CB  CG1  sing N N 350 
VAL CB  CG2  sing N N 351 
VAL CB  HB   sing N N 352 
VAL CG1 HG11 sing N N 353 
VAL CG1 HG12 sing N N 354 
VAL CG1 HG13 sing N N 355 
VAL CG2 HG21 sing N N 356 
VAL CG2 HG22 sing N N 357 
VAL CG2 HG23 sing N N 358 
VAL OXT HXT  sing N N 359 
# 
_atom_sites.entry_id                    3NY3 
_atom_sites.fract_transf_matrix[1][1]   0.03610205 
_atom_sites.fract_transf_matrix[1][2]   -0.00425948 
_atom_sites.fract_transf_matrix[1][3]   -0.00266022 
_atom_sites.fract_transf_matrix[2][1]   0.00166545 
_atom_sites.fract_transf_matrix[2][2]   0.02298594 
_atom_sites.fract_transf_matrix[2][3]   -0.01420254 
_atom_sites.fract_transf_matrix[3][1]   0.01596125 
_atom_sites.fract_transf_matrix[3][2]   0.01587738 
_atom_sites.fract_transf_matrix[3][3]   0.02756826 
_atom_sites.fract_transf_vector[1]      0.428171 
_atom_sites.fract_transf_vector[2]      -0.133476 
_atom_sites.fract_transf_vector[3]      0.311580 
# 
loop_
_atom_type.symbol 
C  
N  
O  
S  
ZN 
# 
loop_
_atom_site.group_PDB 
_atom_site.id 
_atom_site.type_symbol 
_atom_site.label_atom_id 
_atom_site.label_alt_id 
_atom_site.label_comp_id 
_atom_site.label_asym_id 
_atom_site.label_entity_id 
_atom_site.label_seq_id 
_atom_site.pdbx_PDB_ins_code 
_atom_site.Cartn_x 
_atom_site.Cartn_y 
_atom_site.Cartn_z 
_atom_site.occupancy 
_atom_site.B_iso_or_equiv 
_atom_site.pdbx_formal_charge 
_atom_site.auth_seq_id 
_atom_site.auth_comp_id 
_atom_site.auth_asym_id 
_atom_site.auth_atom_id 
_atom_site.pdbx_PDB_model_num 
ATOM   1   N  N   . LEU A 1 6  ? 2.566   10.541  8.685   1.00 25.21 ? 98  LEU A N   1 
ATOM   2   C  CA  . LEU A 1 6  ? 2.172   9.294   7.979   1.00 23.71 ? 98  LEU A CA  1 
ATOM   3   C  C   . LEU A 1 6  ? 3.273   8.253   7.923   1.00 21.94 ? 98  LEU A C   1 
ATOM   4   O  O   . LEU A 1 6  ? 4.417   8.493   8.331   1.00 22.38 ? 98  LEU A O   1 
ATOM   5   C  CB  . LEU A 1 6  ? 1.692   9.601   6.577   1.00 25.18 ? 98  LEU A CB  1 
ATOM   6   C  CG  . LEU A 1 6  ? 2.639   10.415  5.723   1.00 25.68 ? 98  LEU A CG  1 
ATOM   7   C  CD1 . LEU A 1 6  ? 3.332   9.561   4.692   1.00 28.28 ? 98  LEU A CD1 1 
ATOM   8   C  CD2 . LEU A 1 6  ? 1.798   11.480  5.081   1.00 29.08 ? 98  LEU A CD2 1 
ATOM   9   N  N   . CYS A 1 7  ? 2.907   7.094   7.387   1.00 19.46 ? 99  CYS A N   1 
ATOM   10  C  CA  . CYS A 1 7  ? 3.799   5.955   7.305   1.00 18.29 ? 99  CYS A CA  1 
ATOM   11  C  C   . CYS A 1 7  ? 5.104   6.270   6.578   1.00 17.67 ? 99  CYS A C   1 
ATOM   12  O  O   . CYS A 1 7  ? 6.182   6.302   7.196   1.00 17.77 ? 99  CYS A O   1 
ATOM   13  C  CB  . CYS A 1 7  ? 3.103   4.811   6.590   1.00 17.40 ? 99  CYS A CB  1 
ATOM   14  S  SG  . CYS A 1 7  ? 4.196   3.404   6.521   1.00 15.18 ? 99  CYS A SG  1 
ATOM   15  N  N   . GLY A 1 8  ? 4.985   6.485   5.266   1.00 17.11 ? 100 GLY A N   1 
ATOM   16  C  CA  . GLY A 1 8  ? 6.100   6.904   4.414   1.00 17.26 ? 100 GLY A CA  1 
ATOM   17  C  C   . GLY A 1 8  ? 7.154   5.838   4.208   1.00 17.09 ? 100 GLY A C   1 
ATOM   18  O  O   . GLY A 1 8  ? 8.171   6.105   3.574   1.00 18.17 ? 100 GLY A O   1 
ATOM   19  N  N   . ARG A 1 9  ? 6.906   4.634   4.732   1.00 16.53 ? 101 ARG A N   1 
ATOM   20  C  CA  . ARG A 1 9  ? 7.949   3.581   4.751   1.00 16.63 ? 101 ARG A CA  1 
ATOM   21  C  C   . ARG A 1 9  ? 8.541   3.306   3.362   1.00 15.83 ? 101 ARG A C   1 
ATOM   22  O  O   . ARG A 1 9  ? 7.808   3.092   2.404   1.00 15.83 ? 101 ARG A O   1 
ATOM   23  C  CB  . ARG A 1 9  ? 7.394   2.285   5.366   1.00 16.94 ? 101 ARG A CB  1 
ATOM   24  C  CG  . ARG A 1 9  ? 8.394   1.155   5.377   1.00 20.15 ? 101 ARG A CG  1 
ATOM   25  C  CD  . ARG A 1 9  ? 7.791   -0.237  5.514   1.00 24.84 ? 101 ARG A CD  1 
ATOM   26  N  NE  . ARG A 1 9  ? 7.103   -0.441  6.784   1.00 25.29 ? 101 ARG A NE  1 
ATOM   27  C  CZ  . ARG A 1 9  ? 7.000   -1.615  7.411   1.00 25.93 ? 101 ARG A CZ  1 
ATOM   28  N  NH1 . ARG A 1 9  ? 7.557   -2.716  6.904   1.00 25.71 ? 101 ARG A NH1 1 
ATOM   29  N  NH2 . ARG A 1 9  ? 6.342   -1.685  8.561   1.00 27.60 ? 101 ARG A NH2 1 
ATOM   30  N  N   . VAL A 1 10 ? 9.871   3.297   3.279   1.00 16.69 ? 102 VAL A N   1 
ATOM   31  C  CA  . VAL A 1 10 ? 10.577  2.913   2.060   1.00 16.83 ? 102 VAL A CA  1 
ATOM   32  C  C   . VAL A 1 10 ? 10.767  1.395   2.044   1.00 16.19 ? 102 VAL A C   1 
ATOM   33  O  O   . VAL A 1 10 ? 11.277  0.825   3.013   1.00 17.96 ? 102 VAL A O   1 
ATOM   34  C  CB  . VAL A 1 10 ? 11.939  3.623   1.950   1.00 17.98 ? 102 VAL A CB  1 
ATOM   35  C  CG1 . VAL A 1 10 ? 12.695  3.154   0.701   1.00 19.94 ? 102 VAL A CG1 1 
ATOM   36  C  CG2 . VAL A 1 10 ? 11.758  5.155   1.926   1.00 19.57 ? 102 VAL A CG2 1 
ATOM   37  N  N   . PHE A 1 11 ? 10.359  0.751   0.956   1.00 15.64 ? 103 PHE A N   1 
ATOM   38  C  CA  . PHE A 1 11 ? 10.446  -0.715  0.877   1.00 15.76 ? 103 PHE A CA  1 
ATOM   39  C  C   . PHE A 1 11 ? 11.865  -1.202  0.756   1.00 16.01 ? 103 PHE A C   1 
ATOM   40  O  O   . PHE A 1 11 ? 12.690  -0.586  0.075   1.00 16.96 ? 103 PHE A O   1 
ATOM   41  C  CB  . PHE A 1 11 ? 9.638   -1.237  -0.303  1.00 15.87 ? 103 PHE A CB  1 
ATOM   42  C  CG  . PHE A 1 11 ? 8.181   -0.934  -0.190  1.00 17.11 ? 103 PHE A CG  1 
ATOM   43  C  CD1 . PHE A 1 11 ? 7.435   -1.445  0.862   1.00 20.52 ? 103 PHE A CD1 1 
ATOM   44  C  CD2 . PHE A 1 11 ? 7.565   -0.106  -1.122  1.00 16.90 ? 103 PHE A CD2 1 
ATOM   45  C  CE1 . PHE A 1 11 ? 6.075   -1.155  0.966   1.00 21.56 ? 103 PHE A CE1 1 
ATOM   46  C  CE2 . PHE A 1 11 ? 6.212   0.188   -1.025  1.00 19.30 ? 103 PHE A CE2 1 
ATOM   47  C  CZ  . PHE A 1 11 ? 5.472   -0.337  0.021   1.00 20.31 ? 103 PHE A CZ  1 
ATOM   48  N  N   . LYS A 1 12 ? 12.134  -2.323  1.414   1.00 15.95 ? 104 LYS A N   1 
ATOM   49  C  CA  . LYS A 1 12 ? 13.432  -2.990  1.319   1.00 17.16 ? 104 LYS A CA  1 
ATOM   50  C  C   . LYS A 1 12 ? 13.378  -4.198  0.397   1.00 17.52 ? 104 LYS A C   1 
ATOM   51  O  O   . LYS A 1 12 ? 12.312  -4.725  0.099   1.00 17.71 ? 104 LYS A O   1 
ATOM   52  C  CB  . LYS A 1 12 ? 13.926  -3.381  2.715   1.00 18.72 ? 104 LYS A CB  1 
ATOM   53  C  CG  . LYS A 1 12 ? 14.158  -2.183  3.612   1.00 21.36 ? 104 LYS A CG  1 
ATOM   54  C  CD  . LYS A 1 12 ? 14.594  -2.634  4.982   1.00 26.22 ? 104 LYS A CD  1 
ATOM   55  C  CE  . LYS A 1 12 ? 14.930  -1.452  5.860   1.00 29.29 ? 104 LYS A CE  1 
ATOM   56  N  NZ  . LYS A 1 12 ? 15.250  -1.966  7.218   1.00 33.76 ? 104 LYS A NZ  1 
ATOM   57  N  N   . VAL A 1 13 ? 14.546  -4.620  -0.075  1.00 17.99 ? 105 VAL A N   1 
ATOM   58  C  CA  . VAL A 1 13 ? 14.659  -5.766  -0.964  1.00 19.29 ? 105 VAL A CA  1 
ATOM   59  C  C   . VAL A 1 13 ? 13.991  -6.977  -0.322  1.00 19.62 ? 105 VAL A C   1 
ATOM   60  O  O   . VAL A 1 13 ? 14.298  -7.327  0.823   1.00 20.70 ? 105 VAL A O   1 
ATOM   61  C  CB  . VAL A 1 13 ? 16.154  -6.051  -1.279  1.00 20.38 ? 105 VAL A CB  1 
ATOM   62  C  CG1 . VAL A 1 13 ? 16.311  -7.322  -2.105  1.00 22.06 ? 105 VAL A CG1 1 
ATOM   63  C  CG2 . VAL A 1 13 ? 16.794  -4.839  -1.986  1.00 22.58 ? 105 VAL A CG2 1 
ATOM   64  N  N   . GLY A 1 14 ? 13.047  -7.583  -1.042  1.00 20.00 ? 106 GLY A N   1 
ATOM   65  C  CA  . GLY A 1 14 ? 12.409  -8.821  -0.581  1.00 21.81 ? 106 GLY A CA  1 
ATOM   66  C  C   . GLY A 1 14 ? 11.141  -8.610  0.237   1.00 22.24 ? 106 GLY A C   1 
ATOM   67  O  O   . GLY A 1 14 ? 10.443  -9.572  0.563   1.00 23.97 ? 106 GLY A O   1 
ATOM   68  N  N   . GLU A 1 15 ? 10.843  -7.354  0.561   1.00 21.08 ? 107 GLU A N   1 
ATOM   69  C  CA  . GLU A 1 15 ? 9.706   -7.016  1.424   1.00 21.87 ? 107 GLU A CA  1 
ATOM   70  C  C   . GLU A 1 15 ? 8.378   -7.184  0.674   1.00 21.29 ? 107 GLU A C   1 
ATOM   71  O  O   . GLU A 1 15 ? 8.268   -6.780  -0.490  1.00 20.04 ? 107 GLU A O   1 
ATOM   72  C  CB  . GLU A 1 15 ? 9.867   -5.572  1.917   1.00 21.18 ? 107 GLU A CB  1 
ATOM   73  C  CG  . GLU A 1 15 ? 8.790   -5.072  2.839   1.00 23.47 ? 107 GLU A CG  1 
ATOM   74  C  CD  . GLU A 1 15 ? 9.104   -3.704  3.425   1.00 22.44 ? 107 GLU A CD  1 
ATOM   75  O  OE1 . GLU A 1 15 ? 8.151   -2.989  3.838   1.00 25.95 ? 107 GLU A OE1 1 
ATOM   76  O  OE2 . GLU A 1 15 ? 10.292  -3.340  3.492   1.00 21.10 ? 107 GLU A OE2 1 
ATOM   77  N  N   . PRO A 1 16 ? 7.370   -7.801  1.323   1.00 22.84 ? 108 PRO A N   1 
ATOM   78  C  CA  . PRO A 1 16 ? 6.057   -7.908  0.690   1.00 23.86 ? 108 PRO A CA  1 
ATOM   79  C  C   . PRO A 1 16 ? 5.420   -6.540  0.606   1.00 23.00 ? 108 PRO A C   1 
ATOM   80  O  O   . PRO A 1 16 ? 5.523   -5.763  1.551   1.00 22.35 ? 108 PRO A O   1 
ATOM   81  C  CB  . PRO A 1 16 ? 5.257   -8.780  1.675   1.00 26.38 ? 108 PRO A CB  1 
ATOM   82  C  CG  . PRO A 1 16 ? 6.297   -9.460  2.522   1.00 27.00 ? 108 PRO A CG  1 
ATOM   83  C  CD  . PRO A 1 16 ? 7.377   -8.438  2.652   1.00 24.75 ? 108 PRO A CD  1 
ATOM   84  N  N   . THR A 1 17 ? 4.803   -6.243  -0.531  1.00 21.84 ? 109 THR A N   1 
ATOM   85  C  CA  . THR A 1 17 ? 4.015   -5.019  -0.676  1.00 22.02 ? 109 THR A CA  1 
ATOM   86  C  C   . THR A 1 17 ? 2.659   -5.390  -1.243  1.00 20.91 ? 109 THR A C   1 
ATOM   87  O  O   . THR A 1 17 ? 2.524   -6.401  -1.940  1.00 22.07 ? 109 THR A O   1 
ATOM   88  C  CB  . THR A 1 17 ? 4.706   -3.964  -1.558  1.00 22.89 ? 109 THR A CB  1 
ATOM   89  O  OG1 . THR A 1 17 ? 4.624   -4.334  -2.939  1.00 26.27 ? 109 THR A OG1 1 
ATOM   90  C  CG2 . THR A 1 17 ? 6.161   -3.803  -1.158  1.00 22.72 ? 109 THR A CG2 1 
ATOM   91  N  N   . TYR A 1 18 ? 1.654   -4.587  -0.912  1.00 19.07 ? 110 TYR A N   1 
ATOM   92  C  CA  . TYR A 1 18 ? 0.275   -4.930  -1.206  1.00 18.75 ? 110 TYR A CA  1 
ATOM   93  C  C   . TYR A 1 18 ? -0.404  -3.819  -1.954  1.00 18.55 ? 110 TYR A C   1 
ATOM   94  O  O   . TYR A 1 18 ? -0.233  -2.649  -1.632  1.00 19.51 ? 110 TYR A O   1 
ATOM   95  C  CB  . TYR A 1 18 ? -0.486  -5.186  0.097   1.00 18.25 ? 110 TYR A CB  1 
ATOM   96  C  CG  . TYR A 1 18 ? 0.025   -6.406  0.823   1.00 18.49 ? 110 TYR A CG  1 
ATOM   97  C  CD1 . TYR A 1 18 ? 1.084   -6.316  1.723   1.00 19.53 ? 110 TYR A CD1 1 
ATOM   98  C  CD2 . TYR A 1 18 ? -0.548  -7.654  0.595   1.00 17.67 ? 110 TYR A CD2 1 
ATOM   99  C  CE1 . TYR A 1 18 ? 1.567   -7.448  2.376   1.00 20.29 ? 110 TYR A CE1 1 
ATOM   100 C  CE2 . TYR A 1 18 ? -0.085  -8.793  1.239   1.00 20.73 ? 110 TYR A CE2 1 
ATOM   101 C  CZ  . TYR A 1 18 ? 0.974   -8.685  2.125   1.00 21.29 ? 110 TYR A CZ  1 
ATOM   102 O  OH  . TYR A 1 18 ? 1.429   -9.824  2.765   1.00 23.86 ? 110 TYR A OH  1 
ATOM   103 N  N   . SER A 1 19 ? -1.184  -4.188  -2.957  1.00 18.04 ? 111 SER A N   1 
ATOM   104 C  CA  . SER A 1 19 ? -2.084  -3.231  -3.565  1.00 17.67 ? 111 SER A CA  1 
ATOM   105 C  C   . SER A 1 19 ? -3.488  -3.792  -3.432  1.00 17.55 ? 111 SER A C   1 
ATOM   106 O  O   . SER A 1 19 ? -3.672  -4.945  -3.040  1.00 18.86 ? 111 SER A O   1 
ATOM   107 C  CB  . SER A 1 19 ? -1.718  -2.971  -5.020  1.00 18.40 ? 111 SER A CB  1 
ATOM   108 O  OG  . SER A 1 19 ? -2.459  -1.855  -5.518  1.00 18.55 ? 111 SER A OG  1 
ATOM   109 N  N   . CYS A 1 20 ? -4.475  -2.965  -3.733  1.00 16.68 ? 112 CYS A N   1 
ATOM   110 C  CA  . CYS A 1 20 ? -5.851  -3.427  -3.721  1.00 15.99 ? 112 CYS A CA  1 
ATOM   111 C  C   . CYS A 1 20 ? -6.422  -3.254  -5.111  1.00 16.74 ? 112 CYS A C   1 
ATOM   112 O  O   . CYS A 1 20 ? -6.480  -2.125  -5.628  1.00 16.55 ? 112 CYS A O   1 
ATOM   113 C  CB  . CYS A 1 20 ? -6.676  -2.629  -2.729  1.00 16.21 ? 112 CYS A CB  1 
ATOM   114 S  SG  . CYS A 1 20 ? -8.335  -3.279  -2.756  1.00 16.70 ? 112 CYS A SG  1 
ATOM   115 N  N   . ARG A 1 21 ? -6.854  -4.361  -5.720  1.00 16.71 ? 113 ARG A N   1 
ATOM   116 C  CA  . ARG A 1 21 ? -7.381  -4.282  -7.089  1.00 18.00 ? 113 ARG A CA  1 
ATOM   117 C  C   . ARG A 1 21 ? -8.688  -3.500  -7.157  1.00 18.09 ? 113 ARG A C   1 
ATOM   118 O  O   . ARG A 1 21 ? -9.042  -2.940  -8.201  1.00 19.07 ? 113 ARG A O   1 
ATOM   119 C  CB  . ARG A 1 21 ? -7.549  -5.676  -7.694  1.00 19.06 ? 113 ARG A CB  1 
ATOM   120 C  CG  . ARG A 1 21 ? -6.229  -6.439  -7.806  1.00 19.91 ? 113 ARG A CG  1 
ATOM   121 C  CD  . ARG A 1 21 ? -6.476  -7.910  -8.060  1.00 20.53 ? 113 ARG A CD  1 
ATOM   122 N  NE  . ARG A 1 21 ? -7.180  -8.125  -9.328  1.00 21.02 ? 113 ARG A NE  1 
ATOM   123 C  CZ  . ARG A 1 21 ? -7.793  -9.254  -9.661  1.00 22.36 ? 113 ARG A CZ  1 
ATOM   124 N  NH1 . ARG A 1 21 ? -7.803  -10.285 -8.818  1.00 21.26 ? 113 ARG A NH1 1 
ATOM   125 N  NH2 . ARG A 1 21 ? -8.411  -9.341  -10.834 1.00 22.57 ? 113 ARG A NH2 1 
ATOM   126 N  N   . ASP A 1 22 ? -9.400  -3.474  -6.033  1.00 17.75 ? 114 ASP A N   1 
ATOM   127 C  CA  . ASP A 1 22 ? -10.666 -2.766  -5.957  1.00 18.54 ? 114 ASP A CA  1 
ATOM   128 C  C   . ASP A 1 22 ? -10.498 -1.246  -5.779  1.00 18.36 ? 114 ASP A C   1 
ATOM   129 O  O   . ASP A 1 22 ? -11.292 -0.464  -6.329  1.00 20.57 ? 114 ASP A O   1 
ATOM   130 C  CB  . ASP A 1 22 ? -11.516 -3.346  -4.828  1.00 18.54 ? 114 ASP A CB  1 
ATOM   131 C  CG  . ASP A 1 22 ? -11.917 -4.789  -5.078  1.00 21.40 ? 114 ASP A CG  1 
ATOM   132 O  OD1 . ASP A 1 22 ? -11.843 -5.599  -4.136  1.00 21.40 ? 114 ASP A OD1 1 
ATOM   133 O  OD2 . ASP A 1 22 ? -12.336 -5.100  -6.206  1.00 21.78 ? 114 ASP A OD2 1 
ATOM   134 N  N   . CYS A 1 23 ? -9.487  -0.838  -5.007  1.00 17.27 ? 115 CYS A N   1 
ATOM   135 C  CA  . CYS A 1 23 ? -9.372  0.553   -4.546  1.00 16.70 ? 115 CYS A CA  1 
ATOM   136 C  C   . CYS A 1 23 ? -8.175  1.350   -5.077  1.00 16.86 ? 115 CYS A C   1 
ATOM   137 O  O   . CYS A 1 23 ? -8.206  2.589   -5.029  1.00 16.57 ? 115 CYS A O   1 
ATOM   138 C  CB  . CYS A 1 23 ? -9.337  0.612   -3.007  1.00 16.74 ? 115 CYS A CB  1 
ATOM   139 S  SG  . CYS A 1 23 ? -10.745 -0.148  -2.181  1.00 17.12 ? 115 CYS A SG  1 
ATOM   140 N  N   . ALA A 1 24 ? -7.120  0.670   -5.534  1.00 16.16 ? 116 ALA A N   1 
ATOM   141 C  CA  . ALA A 1 24 ? -5.921  1.389   -6.009  1.00 17.05 ? 116 ALA A CA  1 
ATOM   142 C  C   . ALA A 1 24 ? -6.315  2.217   -7.215  1.00 17.74 ? 116 ALA A C   1 
ATOM   143 O  O   . ALA A 1 24 ? -7.026  1.732   -8.100  1.00 19.53 ? 116 ALA A O   1 
ATOM   144 C  CB  . ALA A 1 24 ? -4.814  0.430   -6.389  1.00 16.99 ? 116 ALA A CB  1 
ATOM   145 N  N   . VAL A 1 25 ? -5.877  3.472   -7.222  1.00 18.09 ? 117 VAL A N   1 
ATOM   146 C  CA  . VAL A 1 25 ? -6.139  4.361   -8.351  1.00 19.12 ? 117 VAL A CA  1 
ATOM   147 C  C   . VAL A 1 25 ? -5.376  3.874   -9.586  1.00 19.90 ? 117 VAL A C   1 
ATOM   148 O  O   . VAL A 1 25 ? -5.881  3.947   -10.718 1.00 21.44 ? 117 VAL A O   1 
ATOM   149 C  CB  . VAL A 1 25 ? -5.795  5.815   -7.992  1.00 19.40 ? 117 VAL A CB  1 
ATOM   150 C  CG1 . VAL A 1 25 ? -5.694  6.681   -9.262  1.00 19.11 ? 117 VAL A CG1 1 
ATOM   151 C  CG2 . VAL A 1 25 ? -6.847  6.341   -7.035  1.00 19.15 ? 117 VAL A CG2 1 
ATOM   152 N  N   . ASP A 1 26 ? -4.161  3.376   -9.362  1.00 20.99 ? 118 ASP A N   1 
ATOM   153 C  CA  . ASP A 1 26 ? -3.359  2.772   -10.423 1.00 22.01 ? 118 ASP A CA  1 
ATOM   154 C  C   . ASP A 1 26 ? -2.426  1.684   -9.858  1.00 21.81 ? 118 ASP A C   1 
ATOM   155 O  O   . ASP A 1 26 ? -2.294  1.547   -8.633  1.00 20.67 ? 118 ASP A O   1 
ATOM   156 C  CB  . ASP A 1 26 ? -2.620  3.854   -11.243 1.00 23.25 ? 118 ASP A CB  1 
ATOM   157 C  CG  . ASP A 1 26 ? -1.465  4.490   -10.493 1.00 24.46 ? 118 ASP A CG  1 
ATOM   158 O  OD1 . ASP A 1 26 ? -1.398  5.741   -10.464 1.00 27.10 ? 118 ASP A OD1 1 
ATOM   159 O  OD2 . ASP A 1 26 ? -0.618  3.746   -9.962  1.00 25.77 ? 118 ASP A OD2 1 
ATOM   160 N  N   . PRO A 1 27 ? -1.776  0.907   -10.747 1.00 22.94 ? 119 PRO A N   1 
ATOM   161 C  CA  . PRO A 1 27 ? -1.019  -0.257  -10.271 1.00 22.77 ? 119 PRO A CA  1 
ATOM   162 C  C   . PRO A 1 27 ? 0.225   0.065   -9.432  1.00 21.93 ? 119 PRO A C   1 
ATOM   163 O  O   . PRO A 1 27 ? 0.770   -0.841  -8.787  1.00 22.52 ? 119 PRO A O   1 
ATOM   164 C  CB  . PRO A 1 27 ? -0.627  -0.987  -11.574 1.00 24.01 ? 119 PRO A CB  1 
ATOM   165 C  CG  . PRO A 1 27 ? -1.484  -0.386  -12.653 1.00 25.21 ? 119 PRO A CG  1 
ATOM   166 C  CD  . PRO A 1 27 ? -1.751  1.020   -12.220 1.00 24.40 ? 119 PRO A CD  1 
ATOM   167 N  N   . THR A 1 28 ? 0.655   1.329   -9.428  1.00 20.53 ? 120 THR A N   1 
ATOM   168 C  CA  . THR A 1 28 ? 1.828   1.742   -8.651  1.00 19.27 ? 120 THR A CA  1 
ATOM   169 C  C   . THR A 1 28 ? 1.476   2.071   -7.200  1.00 18.25 ? 120 THR A C   1 
ATOM   170 O  O   . THR A 1 28 ? 2.374   2.345   -6.390  1.00 17.92 ? 120 THR A O   1 
ATOM   171 C  CB  . THR A 1 28 ? 2.518   2.969   -9.249  1.00 20.37 ? 120 THR A CB  1 
ATOM   172 O  OG1 . THR A 1 28 ? 1.707   4.134   -9.030  1.00 20.56 ? 120 THR A OG1 1 
ATOM   173 C  CG2 . THR A 1 28 ? 2.791   2.785   -10.758 1.00 20.88 ? 120 THR A CG2 1 
ATOM   174 N  N   . CYS A 1 29 ? 0.180   2.103   -6.901  1.00 17.43 ? 121 CYS A N   1 
ATOM   175 C  CA  . CYS A 1 29 ? -0.323  2.377   -5.554  1.00 16.56 ? 121 CYS A CA  1 
ATOM   176 C  C   . CYS A 1 29 ? -0.192  1.151   -4.657  1.00 16.66 ? 121 CYS A C   1 
ATOM   177 O  O   . CYS A 1 29 ? -0.768  0.090   -4.936  1.00 16.62 ? 121 CYS A O   1 
ATOM   178 C  CB  . CYS A 1 29 ? -1.779  2.862   -5.601  1.00 16.93 ? 121 CYS A CB  1 
ATOM   179 S  SG  . CYS A 1 29 ? -1.971  4.406   -6.552  1.00 17.34 ? 121 CYS A SG  1 
ATOM   180 N  N   . VAL A 1 30 ? 0.535   1.315   -3.560  1.00 16.28 ? 122 VAL A N   1 
ATOM   181 C  CA  . VAL A 1 30 ? 0.960   0.185   -2.750  1.00 16.66 ? 122 VAL A CA  1 
ATOM   182 C  C   . VAL A 1 30 ? 0.982   0.519   -1.256  1.00 16.39 ? 122 VAL A C   1 
ATOM   183 O  O   . VAL A 1 30 ? 1.097   1.698   -0.863  1.00 16.09 ? 122 VAL A O   1 
ATOM   184 C  CB  . VAL A 1 30 ? 2.366   -0.301  -3.226  1.00 17.51 ? 122 VAL A CB  1 
ATOM   185 C  CG1 . VAL A 1 30 ? 3.385   0.818   -3.124  1.00 18.84 ? 122 VAL A CG1 1 
ATOM   186 C  CG2 . VAL A 1 30 ? 2.836   -1.524  -2.470  1.00 20.52 ? 122 VAL A CG2 1 
ATOM   187 N  N   . LEU A 1 31 ? 0.871   -0.533  -0.447  1.00 15.68 ? 123 LEU A N   1 
ATOM   188 C  CA  . LEU A 1 31 ? 0.927   -0.417  1.003   1.00 15.08 ? 123 LEU A CA  1 
ATOM   189 C  C   . LEU A 1 31 ? 1.959   -1.369  1.551   1.00 14.89 ? 123 LEU A C   1 
ATOM   190 O  O   . LEU A 1 31 ? 2.108   -2.494  1.053   1.00 15.30 ? 123 LEU A O   1 
ATOM   191 C  CB  . LEU A 1 31 ? -0.418  -0.771  1.625   1.00 15.21 ? 123 LEU A CB  1 
ATOM   192 C  CG  . LEU A 1 31 ? -1.571  0.179   1.336   1.00 15.63 ? 123 LEU A CG  1 
ATOM   193 C  CD1 . LEU A 1 31 ? -2.852  -0.446  1.878   1.00 17.66 ? 123 LEU A CD1 1 
ATOM   194 C  CD2 . LEU A 1 31 ? -1.349  1.543   1.951   1.00 17.21 ? 123 LEU A CD2 1 
ATOM   195 N  N   . CYS A 1 32 ? 2.654   -0.934  2.597   1.00 14.54 ? 124 CYS A N   1 
ATOM   196 C  CA  . CYS A 1 32 ? 3.510   -1.843  3.358   1.00 14.61 ? 124 CYS A CA  1 
ATOM   197 C  C   . CYS A 1 32 ? 2.645   -2.847  4.127   1.00 15.19 ? 124 CYS A C   1 
ATOM   198 O  O   . CYS A 1 32 ? 1.419   -2.703  4.223   1.00 14.18 ? 124 CYS A O   1 
ATOM   199 C  CB  . CYS A 1 32 ? 4.428   -1.074  4.322   1.00 15.49 ? 124 CYS A CB  1 
ATOM   200 S  SG  . CYS A 1 32 ? 3.582   -0.404  5.774   1.00 14.06 ? 124 CYS A SG  1 
ATOM   201 N  N   . MET A 1 33 ? 3.284   -3.857  4.695   1.00 16.16 ? 125 MET A N   1 
ATOM   202 C  CA  . MET A 1 33 ? 2.513   -4.925  5.314   1.00 18.59 ? 125 MET A CA  1 
ATOM   203 C  C   . MET A 1 33 ? 1.727   -4.428  6.525   1.00 16.64 ? 125 MET A C   1 
ATOM   204 O  O   . MET A 1 33 ? 0.571   -4.803  6.729   1.00 16.40 ? 125 MET A O   1 
ATOM   205 C  CB  . MET A 1 33 ? 3.437   -6.067  5.685   1.00 19.07 ? 125 MET A CB  1 
ATOM   206 C  CG  . MET A 1 33 ? 2.779   -7.201  6.389   1.00 23.14 ? 125 MET A CG  1 
ATOM   207 S  SD  . MET A 1 33 ? 4.038   -8.366  6.895   1.00 29.84 ? 125 MET A SD  1 
ATOM   208 C  CE  . MET A 1 33 ? 5.457   -7.302  7.165   1.00 20.22 ? 125 MET A CE  1 
ATOM   209 N  N   . GLU A 1 34 ? 2.353   -3.574  7.322   1.00 16.71 ? 126 GLU A N   1 
ATOM   210 C  CA  . GLU A 1 34 ? 1.681   -3.059  8.518   1.00 16.49 ? 126 GLU A CA  1 
ATOM   211 C  C   . GLU A 1 34 ? 0.412   -2.301  8.143   1.00 15.63 ? 126 GLU A C   1 
ATOM   212 O  O   . GLU A 1 34 ? -0.654  -2.483  8.749   1.00 15.49 ? 126 GLU A O   1 
ATOM   213 C  CB  . GLU A 1 34 ? 2.631   -2.149  9.291   1.00 17.49 ? 126 GLU A CB  1 
ATOM   214 C  CG  . GLU A 1 34 ? 1.964   -1.432  10.431  1.00 19.21 ? 126 GLU A CG  1 
ATOM   215 C  CD  . GLU A 1 34 ? 2.858   -0.394  11.081  1.00 21.59 ? 126 GLU A CD  1 
ATOM   216 O  OE1 . GLU A 1 34 ? 3.936   -0.018  10.524  1.00 21.90 ? 126 GLU A OE1 1 
ATOM   217 O  OE2 . GLU A 1 34 ? 2.458   0.047   12.169  1.00 25.93 ? 126 GLU A OE2 1 
ATOM   218 N  N   . CYS A 1 35 ? 0.514   -1.431  7.139   1.00 14.44 ? 127 CYS A N   1 
ATOM   219 C  CA  . CYS A 1 35 ? -0.653  -0.642  6.777   1.00 14.48 ? 127 CYS A CA  1 
ATOM   220 C  C   . CYS A 1 35 ? -1.723  -1.496  6.119   1.00 13.94 ? 127 CYS A C   1 
ATOM   221 O  O   . CYS A 1 35 ? -2.907  -1.353  6.406   1.00 14.66 ? 127 CYS A O   1 
ATOM   222 C  CB  . CYS A 1 35 ? -0.251  0.528   5.895   1.00 14.62 ? 127 CYS A CB  1 
ATOM   223 S  SG  . CYS A 1 35 ? 0.842   1.657   6.815   1.00 13.86 ? 127 CYS A SG  1 
ATOM   224 N  N   . PHE A 1 36 ? -1.293  -2.394  5.245   1.00 13.97 ? 128 PHE A N   1 
ATOM   225 C  CA  . PHE A 1 36 ? -2.239  -3.275  4.571   1.00 13.97 ? 128 PHE A CA  1 
ATOM   226 C  C   . PHE A 1 36 ? -3.043  -4.083  5.591   1.00 14.18 ? 128 PHE A C   1 
ATOM   227 O  O   . PHE A 1 36 ? -4.269  -4.166  5.506   1.00 14.73 ? 128 PHE A O   1 
ATOM   228 C  CB  . PHE A 1 36 ? -1.532  -4.205  3.607   1.00 14.48 ? 128 PHE A CB  1 
ATOM   229 C  CG  . PHE A 1 36 ? -2.399  -5.336  3.125   1.00 14.97 ? 128 PHE A CG  1 
ATOM   230 C  CD1 . PHE A 1 36 ? -3.393  -5.122  2.168   1.00 16.19 ? 128 PHE A CD1 1 
ATOM   231 C  CD2 . PHE A 1 36 ? -2.211  -6.614  3.627   1.00 16.83 ? 128 PHE A CD2 1 
ATOM   232 C  CE1 . PHE A 1 36 ? -4.201  -6.195  1.720   1.00 16.54 ? 128 PHE A CE1 1 
ATOM   233 C  CE2 . PHE A 1 36 ? -3.003  -7.686  3.186   1.00 17.46 ? 128 PHE A CE2 1 
ATOM   234 C  CZ  . PHE A 1 36 ? -3.995  -7.467  2.234   1.00 18.15 ? 128 PHE A CZ  1 
ATOM   235 N  N   . LEU A 1 37 ? -2.348  -4.663  6.565   1.00 14.12 ? 129 LEU A N   1 
ATOM   236 C  CA  . LEU A 1 37 ? -3.001  -5.531  7.560   1.00 14.35 ? 129 LEU A CA  1 
ATOM   237 C  C   . LEU A 1 37 ? -3.950  -4.780  8.502   1.00 14.34 ? 129 LEU A C   1 
ATOM   238 O  O   . LEU A 1 37 ? -4.788  -5.402  9.160   1.00 15.36 ? 129 LEU A O   1 
ATOM   239 C  CB  . LEU A 1 37 ? -1.949  -6.305  8.346   1.00 14.17 ? 129 LEU A CB  1 
ATOM   240 C  CG  . LEU A 1 37 ? -1.185  -7.346  7.512   1.00 14.68 ? 129 LEU A CG  1 
ATOM   241 C  CD1 . LEU A 1 37 ? -0.120  -7.980  8.370   1.00 15.69 ? 129 LEU A CD1 1 
ATOM   242 C  CD2 . LEU A 1 37 ? -2.123  -8.386  6.907   1.00 15.59 ? 129 LEU A CD2 1 
ATOM   243 N  N   . GLY A 1 38 ? -3.781  -3.458  8.587   1.00 13.41 ? 130 GLY A N   1 
ATOM   244 C  CA  . GLY A 1 38 ? -4.689  -2.602  9.375   1.00 14.03 ? 130 GLY A CA  1 
ATOM   245 C  C   . GLY A 1 38 ? -5.600  -1.744  8.502   1.00 14.53 ? 130 GLY A C   1 
ATOM   246 O  O   . GLY A 1 38 ? -6.149  -0.742  8.975   1.00 14.40 ? 130 GLY A O   1 
ATOM   247 N  N   . SER A 1 39 ? -5.765  -2.145  7.238   1.00 14.07 ? 131 SER A N   1 
ATOM   248 C  CA  . SER A 1 39 ? -6.603  -1.401  6.293   1.00 14.46 ? 131 SER A CA  1 
ATOM   249 C  C   . SER A 1 39 ? -7.847  -2.187  5.908   1.00 14.95 ? 131 SER A C   1 
ATOM   250 O  O   . SER A 1 39 ? -7.915  -3.398  6.113   1.00 15.52 ? 131 SER A O   1 
ATOM   251 C  CB  . SER A 1 39 ? -5.829  -1.048  5.013   1.00 14.10 ? 131 SER A CB  1 
ATOM   252 O  OG  . SER A 1 39 ? -5.679  -2.184  4.181   1.00 15.09 ? 131 SER A OG  1 
ATOM   253 N  N   . ILE A 1 40 ? -8.813  -1.496  5.311   1.00 15.12 ? 132 ILE A N   1 
ATOM   254 C  CA  . ILE A 1 40 ? -10.012 -2.172  4.783   1.00 16.30 ? 132 ILE A CA  1 
ATOM   255 C  C   . ILE A 1 40 ? -9.647  -3.153  3.656   1.00 15.76 ? 132 ILE A C   1 
ATOM   256 O  O   . ILE A 1 40 ? -10.402 -4.069  3.346   1.00 16.47 ? 132 ILE A O   1 
ATOM   257 C  CB  . ILE A 1 40 ? -11.096 -1.162  4.262   1.00 16.21 ? 132 ILE A CB  1 
ATOM   258 C  CG1 . ILE A 1 40 ? -10.574 -0.334  3.075   1.00 16.87 ? 132 ILE A CG1 1 
ATOM   259 C  CG2 . ILE A 1 40 ? -11.624 -0.283  5.392   1.00 20.00 ? 132 ILE A CG2 1 
ATOM   260 C  CD1 . ILE A 1 40 ? -11.667 0.445   2.321   1.00 18.43 ? 132 ILE A CD1 1 
ATOM   261 N  N   . HIS A 1 41 ? -8.468  -2.968  3.060   1.00 15.21 ? 133 HIS A N   1 
ATOM   262 C  CA  . HIS A 1 41 ? -8.108  -3.687  1.833   1.00 15.08 ? 133 HIS A CA  1 
ATOM   263 C  C   . HIS A 1 41 ? -7.791  -5.157  2.044   1.00 15.59 ? 133 HIS A C   1 
ATOM   264 O  O   . HIS A 1 41 ? -7.810  -5.942  1.095   1.00 15.65 ? 133 HIS A O   1 
ATOM   265 C  CB  . HIS A 1 41 ? -6.986  -2.948  1.098   1.00 15.14 ? 133 HIS A CB  1 
ATOM   266 C  CG  . HIS A 1 41 ? -7.284  -1.494  0.930   1.00 15.66 ? 133 HIS A CG  1 
ATOM   267 N  ND1 . HIS A 1 41 ? -8.323  -1.041  0.147   1.00 15.28 ? 133 HIS A ND1 1 
ATOM   268 C  CD2 . HIS A 1 41 ? -6.742  -0.398  1.513   1.00 15.38 ? 133 HIS A CD2 1 
ATOM   269 C  CE1 . HIS A 1 41 ? -8.399  0.276   0.240   1.00 15.78 ? 133 HIS A CE1 1 
ATOM   270 N  NE2 . HIS A 1 41 ? -7.438  0.692   1.052   1.00 15.98 ? 133 HIS A NE2 1 
ATOM   271 N  N   . ARG A 1 42 ? -7.537  -5.520  3.302   1.00 16.31 ? 134 ARG A N   1 
ATOM   272 C  CA  . ARG A 1 42 ? -7.306  -6.926  3.643   1.00 17.12 ? 134 ARG A CA  1 
ATOM   273 C  C   . ARG A 1 42 ? -8.538  -7.798  3.397   1.00 17.78 ? 134 ARG A C   1 
ATOM   274 O  O   . ARG A 1 42 ? -8.427  -9.016  3.336   1.00 18.81 ? 134 ARG A O   1 
ATOM   275 C  CB  . ARG A 1 42 ? -6.804  -7.082  5.081   1.00 17.42 ? 134 ARG A CB  1 
ATOM   276 C  CG  . ARG A 1 42 ? -7.795  -6.722  6.174   1.00 18.87 ? 134 ARG A CG  1 
ATOM   277 C  CD  . ARG A 1 42 ? -7.215  -7.076  7.539   1.00 18.77 ? 134 ARG A CD  1 
ATOM   278 N  NE  . ARG A 1 42 ? -7.061  -8.524  7.692   1.00 20.37 ? 134 ARG A NE  1 
ATOM   279 C  CZ  . ARG A 1 42 ? -6.063  -9.124  8.341   1.00 19.80 ? 134 ARG A CZ  1 
ATOM   280 N  NH1 . ARG A 1 42 ? -5.100  -8.426  8.949   1.00 18.86 ? 134 ARG A NH1 1 
ATOM   281 N  NH2 . ARG A 1 42 ? -6.047  -10.443 8.399   1.00 20.26 ? 134 ARG A NH2 1 
ATOM   282 N  N   . ASP A 1 43 ? -9.692  -7.153  3.250   1.00 17.87 ? 135 ASP A N   1 
ATOM   283 C  CA  . ASP A 1 43 ? -10.954 -7.841  2.965   1.00 19.26 ? 135 ASP A CA  1 
ATOM   284 C  C   . ASP A 1 43 ? -11.371 -7.706  1.505   1.00 19.49 ? 135 ASP A C   1 
ATOM   285 O  O   . ASP A 1 43 ? -12.465 -8.154  1.110   1.00 21.04 ? 135 ASP A O   1 
ATOM   286 C  CB  . ASP A 1 43 ? -12.050 -7.308  3.887   1.00 19.95 ? 135 ASP A CB  1 
ATOM   287 C  CG  . ASP A 1 43 ? -11.798 -7.661  5.342   1.00 21.57 ? 135 ASP A CG  1 
ATOM   288 O  OD1 . ASP A 1 43 ? -11.306 -8.780  5.613   1.00 21.91 ? 135 ASP A OD1 1 
ATOM   289 O  OD2 . ASP A 1 43 ? -12.094 -6.819  6.215   1.00 24.71 ? 135 ASP A OD2 1 
ATOM   290 N  N   . HIS A 1 44 ? -10.482 -7.118  0.708   1.00 19.00 ? 136 HIS A N   1 
ATOM   291 C  CA  . HIS A 1 44 ? -10.725 -6.871  -0.704  1.00 19.41 ? 136 HIS A CA  1 
ATOM   292 C  C   . HIS A 1 44 ? -9.912  -7.804  -1.602  1.00 20.06 ? 136 HIS A C   1 
ATOM   293 O  O   . HIS A 1 44 ? -9.242  -8.727  -1.125  1.00 20.02 ? 136 HIS A O   1 
ATOM   294 C  CB  . HIS A 1 44 ? -10.439 -5.399  -1.039  1.00 18.62 ? 136 HIS A CB  1 
ATOM   295 C  CG  . HIS A 1 44 ? -11.321 -4.430  -0.312  1.00 17.62 ? 136 HIS A CG  1 
ATOM   296 N  ND1 . HIS A 1 44 ? -11.087 -3.073  -0.303  1.00 17.93 ? 136 HIS A ND1 1 
ATOM   297 C  CD2 . HIS A 1 44 ? -12.434 -4.627  0.438   1.00 19.27 ? 136 HIS A CD2 1 
ATOM   298 C  CE1 . HIS A 1 44 ? -12.023 -2.473  0.412   1.00 18.89 ? 136 HIS A CE1 1 
ATOM   299 N  NE2 . HIS A 1 44 ? -12.861 -3.394  0.864   1.00 18.17 ? 136 HIS A NE2 1 
ATOM   300 N  N   . ARG A 1 45 ? -10.002 -7.586  -2.913  1.00 19.91 ? 137 ARG A N   1 
ATOM   301 C  CA  . ARG A 1 45 ? -9.205  -8.344  -3.861  1.00 21.30 ? 137 ARG A CA  1 
ATOM   302 C  C   . ARG A 1 45 ? -7.825  -7.725  -3.874  1.00 21.81 ? 137 ARG A C   1 
ATOM   303 O  O   . ARG A 1 45 ? -7.534  -6.861  -4.698  1.00 22.87 ? 137 ARG A O   1 
ATOM   304 C  CB  . ARG A 1 45 ? -9.805  -8.278  -5.271  1.00 23.03 ? 137 ARG A CB  1 
ATOM   305 C  CG  . ARG A 1 45 ? -11.131 -9.009  -5.457  1.00 24.54 ? 137 ARG A CG  1 
ATOM   306 C  CD  . ARG A 1 45 ? -11.575 -8.935  -6.922  1.00 26.90 ? 137 ARG A CD  1 
ATOM   307 N  NE  . ARG A 1 45 ? -11.655 -7.541  -7.370  1.00 28.63 ? 137 ARG A NE  1 
ATOM   308 C  CZ  . ARG A 1 45 ? -11.318 -7.097  -8.580  1.00 33.16 ? 137 ARG A CZ  1 
ATOM   309 N  NH1 . ARG A 1 45 ? -10.868 -7.926  -9.517  1.00 35.96 ? 137 ARG A NH1 1 
ATOM   310 N  NH2 . ARG A 1 45 ? -11.433 -5.801  -8.855  1.00 34.64 ? 137 ARG A NH2 1 
ATOM   311 N  N   . TYR A 1 46 ? -6.981  -8.144  -2.938  1.00 22.10 ? 138 TYR A N   1 
ATOM   312 C  CA  . TYR A 1 46 ? -5.625  -7.610  -2.856  1.00 22.92 ? 138 TYR A CA  1 
ATOM   313 C  C   . TYR A 1 46 ? -4.638  -8.377  -3.733  1.00 24.19 ? 138 TYR A C   1 
ATOM   314 O  O   . TYR A 1 46 ? -4.917  -9.482  -4.185  1.00 25.57 ? 138 TYR A O   1 
ATOM   315 C  CB  . TYR A 1 46 ? -5.149  -7.575  -1.402  1.00 23.49 ? 138 TYR A CB  1 
ATOM   316 C  CG  . TYR A 1 46 ? -5.083  -8.928  -0.722  1.00 23.76 ? 138 TYR A CG  1 
ATOM   317 C  CD1 . TYR A 1 46 ? -6.168  -9.410  0.011   1.00 25.58 ? 138 TYR A CD1 1 
ATOM   318 C  CD2 . TYR A 1 46 ? -3.925  -9.708  -0.788  1.00 26.02 ? 138 TYR A CD2 1 
ATOM   319 C  CE1 . TYR A 1 46 ? -6.119  -10.643 0.644   1.00 27.73 ? 138 TYR A CE1 1 
ATOM   320 C  CE2 . TYR A 1 46 ? -3.865  -10.946 -0.155  1.00 27.44 ? 138 TYR A CE2 1 
ATOM   321 C  CZ  . TYR A 1 46 ? -4.966  -11.404 0.560   1.00 27.87 ? 138 TYR A CZ  1 
ATOM   322 O  OH  . TYR A 1 46 ? -4.914  -12.631 1.201   1.00 32.37 ? 138 TYR A OH  1 
ATOM   323 N  N   . ARG A 1 47 ? -3.484  -7.768  -3.967  1.00 24.63 ? 139 ARG A N   1 
ATOM   324 C  CA  . ARG A 1 47 ? -2.400  -8.417  -4.685  1.00 26.52 ? 139 ARG A CA  1 
ATOM   325 C  C   . ARG A 1 47 ? -1.098  -8.121  -3.956  1.00 25.79 ? 139 ARG A C   1 
ATOM   326 O  O   . ARG A 1 47 ? -0.857  -6.990  -3.552  1.00 26.08 ? 139 ARG A O   1 
ATOM   327 C  CB  . ARG A 1 47 ? -2.322  -7.919  -6.126  1.00 28.25 ? 139 ARG A CB  1 
ATOM   328 C  CG  . ARG A 1 47 ? -1.291  -8.655  -6.972  1.00 32.25 ? 139 ARG A CG  1 
ATOM   329 C  CD  . ARG A 1 47 ? -1.714  -8.705  -8.412  1.00 37.06 ? 139 ARG A CD  1 
ATOM   330 N  NE  . ARG A 1 47 ? -2.840  -9.616  -8.589  1.00 39.35 ? 139 ARG A NE  1 
ATOM   331 C  CZ  . ARG A 1 47 ? -3.731  -9.540  -9.573  1.00 41.01 ? 139 ARG A CZ  1 
ATOM   332 N  NH1 . ARG A 1 47 ? -3.652  -8.581  -10.490 1.00 41.41 ? 139 ARG A NH1 1 
ATOM   333 N  NH2 . ARG A 1 47 ? -4.714  -10.421 -9.626  1.00 43.23 ? 139 ARG A NH2 1 
ATOM   334 N  N   . MET A 1 48 ? -0.278  -9.148  -3.778  1.00 26.80 ? 140 MET A N   1 
ATOM   335 C  CA  . MET A 1 48 ? 1.007   -8.990  -3.124  1.00 26.05 ? 140 MET A CA  1 
ATOM   336 C  C   . MET A 1 48 ? 2.115   -9.127  -4.156  1.00 27.48 ? 140 MET A C   1 
ATOM   337 O  O   . MET A 1 48 ? 2.092   -10.034 -4.997  1.00 29.37 ? 140 MET A O   1 
ATOM   338 C  CB  . MET A 1 48 ? 1.178   -10.012 -1.995  1.00 27.05 ? 140 MET A CB  1 
ATOM   339 C  CG  . MET A 1 48 ? 2.404   -9.774  -1.090  1.00 26.94 ? 140 MET A CG  1 
ATOM   340 S  SD  . MET A 1 48 ? 3.997   -10.264 -1.828  1.00 32.10 ? 140 MET A SD  1 
ATOM   341 C  CE  . MET A 1 48 ? 3.693   -11.990 -2.179  1.00 33.62 ? 140 MET A CE  1 
ATOM   342 N  N   . THR A 1 49 ? 3.067   -8.201  -4.110  1.00 26.59 ? 141 THR A N   1 
ATOM   343 C  CA  . THR A 1 49 ? 4.283   -8.314  -4.911  1.00 28.32 ? 141 THR A CA  1 
ATOM   344 C  C   . THR A 1 49 ? 5.482   -8.243  -3.968  1.00 27.10 ? 141 THR A C   1 
ATOM   345 O  O   . THR A 1 49 ? 5.404   -7.633  -2.906  1.00 25.76 ? 141 THR A O   1 
ATOM   346 C  CB  . THR A 1 49 ? 4.385   -7.210  -5.993  1.00 29.23 ? 141 THR A CB  1 
ATOM   347 O  OG1 . THR A 1 49 ? 4.624   -5.939  -5.374  1.00 30.50 ? 141 THR A OG1 1 
ATOM   348 C  CG2 . THR A 1 49 ? 3.108   -7.139  -6.835  1.00 30.32 ? 141 THR A CG2 1 
ATOM   349 N  N   . THR A 1 50 ? 6.572   -8.898  -4.344  1.00 27.98 ? 142 THR A N   1 
ATOM   350 C  CA  . THR A 1 50 ? 7.818   -8.832  -3.594  1.00 27.49 ? 142 THR A CA  1 
ATOM   351 C  C   . THR A 1 50 ? 8.604   -7.612  -4.073  1.00 26.00 ? 142 THR A C   1 
ATOM   352 O  O   . THR A 1 50 ? 8.894   -7.492  -5.273  1.00 27.30 ? 142 THR A O   1 
ATOM   353 C  CB  . THR A 1 50 ? 8.647   -10.118 -3.798  1.00 30.17 ? 142 THR A CB  1 
ATOM   354 O  OG1 . THR A 1 50 ? 7.883   -11.245 -3.357  1.00 32.38 ? 142 THR A OG1 1 
ATOM   355 C  CG2 . THR A 1 50 ? 9.978   -10.062 -3.033  1.00 30.31 ? 142 THR A CG2 1 
ATOM   356 N  N   . SER A 1 51 ? 8.952   -6.721  -3.145  1.00 23.53 ? 143 SER A N   1 
ATOM   357 C  CA  . SER A 1 51 ? 9.670   -5.508  -3.519  1.00 22.71 ? 143 SER A CA  1 
ATOM   358 C  C   . SER A 1 51 ? 11.093  -5.788  -3.974  1.00 23.63 ? 143 SER A C   1 
ATOM   359 O  O   . SER A 1 51 ? 11.782  -6.653  -3.422  1.00 24.08 ? 143 SER A O   1 
ATOM   360 C  CB  . SER A 1 51 ? 9.719   -4.500  -2.376  1.00 21.39 ? 143 SER A CB  1 
ATOM   361 O  OG  . SER A 1 51 ? 10.308  -3.288  -2.832  1.00 21.77 ? 143 SER A OG  1 
ATOM   362 N  N   . GLY A 1 52 ? 11.525  -5.043  -4.987  1.00 23.84 ? 144 GLY A N   1 
ATOM   363 C  CA  . GLY A 1 52 ? 12.926  -5.054  -5.393  1.00 24.41 ? 144 GLY A CA  1 
ATOM   364 C  C   . GLY A 1 52 ? 13.734  -4.030  -4.608  1.00 22.79 ? 144 GLY A C   1 
ATOM   365 O  O   . GLY A 1 52 ? 14.945  -3.902  -4.811  1.00 24.20 ? 144 GLY A O   1 
ATOM   366 N  N   . GLY A 1 53 ? 13.069  -3.313  -3.705  1.00 21.17 ? 145 GLY A N   1 
ATOM   367 C  CA  . GLY A 1 53 ? 13.702  -2.243  -2.945  1.00 20.07 ? 145 GLY A CA  1 
ATOM   368 C  C   . GLY A 1 53 ? 13.394  -0.876  -3.532  1.00 20.27 ? 145 GLY A C   1 
ATOM   369 O  O   . GLY A 1 53 ? 13.341  -0.708  -4.747  1.00 22.07 ? 145 GLY A O   1 
ATOM   370 N  N   . GLY A 1 54 ? 13.205  0.103   -2.662  1.00 19.48 ? 146 GLY A N   1 
ATOM   371 C  CA  . GLY A 1 54 ? 12.882  1.452   -3.133  1.00 20.54 ? 146 GLY A CA  1 
ATOM   372 C  C   . GLY A 1 54 ? 11.378  1.594   -3.304  1.00 19.88 ? 146 GLY A C   1 
ATOM   373 O  O   . GLY A 1 54 ? 10.613  0.614   -3.199  1.00 20.15 ? 146 GLY A O   1 
ATOM   374 N  N   . GLY A 1 55 ? 10.930  2.813   -3.562  1.00 20.33 ? 147 GLY A N   1 
ATOM   375 C  CA  . GLY A 1 55 ? 9.493   3.089   -3.536  1.00 17.78 ? 147 GLY A CA  1 
ATOM   376 C  C   . GLY A 1 55 ? 9.029   3.178   -2.099  1.00 16.70 ? 147 GLY A C   1 
ATOM   377 O  O   . GLY A 1 55 ? 9.792   2.911   -1.172  1.00 16.10 ? 147 GLY A O   1 
ATOM   378 N  N   . PHE A 1 56 ? 7.773   3.544   -1.894  1.00 14.88 ? 148 PHE A N   1 
ATOM   379 C  CA  . PHE A 1 56 ? 7.310   3.812   -0.529  1.00 14.17 ? 148 PHE A CA  1 
ATOM   380 C  C   . PHE A 1 56 ? 5.826   3.523   -0.365  1.00 13.76 ? 148 PHE A C   1 
ATOM   381 O  O   . PHE A 1 56 ? 5.093   3.428   -1.348  1.00 14.58 ? 148 PHE A O   1 
ATOM   382 C  CB  . PHE A 1 56 ? 7.580   5.272   -0.128  1.00 14.21 ? 148 PHE A CB  1 
ATOM   383 C  CG  . PHE A 1 56 ? 6.965   6.276   -1.064  1.00 14.36 ? 148 PHE A CG  1 
ATOM   384 C  CD1 . PHE A 1 56 ? 7.689   6.776   -2.142  1.00 15.96 ? 148 PHE A CD1 1 
ATOM   385 C  CD2 . PHE A 1 56 ? 5.665   6.713   -0.868  1.00 15.56 ? 148 PHE A CD2 1 
ATOM   386 C  CE1 . PHE A 1 56 ? 7.115   7.697   -3.014  1.00 15.81 ? 148 PHE A CE1 1 
ATOM   387 C  CE2 . PHE A 1 56 ? 5.073   7.644   -1.742  1.00 14.67 ? 148 PHE A CE2 1 
ATOM   388 C  CZ  . PHE A 1 56 ? 5.809   8.130   -2.818  1.00 14.41 ? 148 PHE A CZ  1 
ATOM   389 N  N   . CYS A 1 57 ? 5.412   3.382   0.890   1.00 14.31 ? 149 CYS A N   1 
ATOM   390 C  CA  . CYS A 1 57 ? 4.034   3.077   1.223   1.00 13.67 ? 149 CYS A CA  1 
ATOM   391 C  C   . CYS A 1 57 ? 3.140   4.298   0.981   1.00 13.70 ? 149 CYS A C   1 
ATOM   392 O  O   . CYS A 1 57 ? 3.489   5.426   1.340   1.00 13.52 ? 149 CYS A O   1 
ATOM   393 C  CB  . CYS A 1 57 ? 3.954   2.689   2.690   1.00 13.75 ? 149 CYS A CB  1 
ATOM   394 S  SG  . CYS A 1 57 ? 2.304   2.342   3.262   1.00 14.51 ? 149 CYS A SG  1 
ATOM   395 N  N   . ASP A 1 58 ? 1.990   4.046   0.372   1.00 14.16 ? 150 ASP A N   1 
ATOM   396 C  CA  . ASP A 1 58 ? 1.038   5.096   0.027   1.00 13.33 ? 150 ASP A CA  1 
ATOM   397 C  C   . ASP A 1 58 ? -0.089  5.284   1.049   1.00 14.14 ? 150 ASP A C   1 
ATOM   398 O  O   . ASP A 1 58 ? -1.086  5.942   0.763   1.00 14.48 ? 150 ASP A O   1 
ATOM   399 C  CB  . ASP A 1 58 ? 0.444   4.832   -1.360  1.00 14.28 ? 150 ASP A CB  1 
ATOM   400 C  CG  . ASP A 1 58 ? 1.486   4.886   -2.444  1.00 14.52 ? 150 ASP A CG  1 
ATOM   401 O  OD1 . ASP A 1 58 ? 2.208   5.912   -2.539  1.00 15.11 ? 150 ASP A OD1 1 
ATOM   402 O  OD2 . ASP A 1 58 ? 1.590   3.900   -3.192  1.00 14.42 ? 150 ASP A OD2 1 
ATOM   403 N  N   . CYS A 1 59 ? 0.085   4.729   2.245   1.00 14.11 ? 151 CYS A N   1 
ATOM   404 C  CA  . CYS A 1 59 ? -0.936  4.903   3.270   1.00 14.25 ? 151 CYS A CA  1 
ATOM   405 C  C   . CYS A 1 59 ? -1.148  6.397   3.498   1.00 15.21 ? 151 CYS A C   1 
ATOM   406 O  O   . CYS A 1 59 ? -0.193  7.147   3.711   1.00 14.99 ? 151 CYS A O   1 
ATOM   407 C  CB  . CYS A 1 59 ? -0.526  4.217   4.578   1.00 14.92 ? 151 CYS A CB  1 
ATOM   408 S  SG  . CYS A 1 59 ? -1.686  4.551   5.906   1.00 15.37 ? 151 CYS A SG  1 
ATOM   409 N  N   . GLY A 1 60 ? -2.406  6.812   3.395   1.00 16.43 ? 152 GLY A N   1 
ATOM   410 C  CA  . GLY A 1 60 ? -2.797  8.181   3.711   1.00 18.06 ? 152 GLY A CA  1 
ATOM   411 C  C   . GLY A 1 60 ? -2.982  9.069   2.507   1.00 19.16 ? 152 GLY A C   1 
ATOM   412 O  O   . GLY A 1 60 ? -3.480  10.197  2.643   1.00 20.96 ? 152 GLY A O   1 
ATOM   413 N  N   . ASP A 1 61 ? -2.568  8.579   1.337   1.00 19.06 ? 153 ASP A N   1 
ATOM   414 C  CA  . ASP A 1 61 ? -2.711  9.340   0.101   1.00 19.67 ? 153 ASP A CA  1 
ATOM   415 C  C   . ASP A 1 61 ? -4.079  9.167   -0.522  1.00 20.78 ? 153 ASP A C   1 
ATOM   416 O  O   . ASP A 1 61 ? -4.384  8.138   -1.135  1.00 20.58 ? 153 ASP A O   1 
ATOM   417 C  CB  . ASP A 1 61 ? -1.607  8.993   -0.918  1.00 18.70 ? 153 ASP A CB  1 
ATOM   418 C  CG  . ASP A 1 61 ? -1.531  10.014  -2.065  1.00 19.85 ? 153 ASP A CG  1 
ATOM   419 O  OD1 . ASP A 1 61 ? -2.471  10.833  -2.221  1.00 20.95 ? 153 ASP A OD1 1 
ATOM   420 O  OD2 . ASP A 1 61 ? -0.519  10.012  -2.793  1.00 19.52 ? 153 ASP A OD2 1 
ATOM   421 N  N   . THR A 1 62 ? -4.903  10.204  -0.401  1.00 22.56 ? 154 THR A N   1 
ATOM   422 C  CA  . THR A 1 62 ? -6.236  10.130  -0.952  1.00 24.20 ? 154 THR A CA  1 
ATOM   423 C  C   . THR A 1 62 ? -6.232  9.989   -2.487  1.00 24.58 ? 154 THR A C   1 
ATOM   424 O  O   . THR A 1 62 ? -7.176  9.442   -3.063  1.00 26.38 ? 154 THR A O   1 
ATOM   425 C  CB  . THR A 1 62 ? -7.096  11.305  -0.454  1.00 25.75 ? 154 THR A CB  1 
ATOM   426 O  OG1 . THR A 1 62 ? -8.473  11.012  -0.689  1.00 30.05 ? 154 THR A OG1 1 
ATOM   427 C  CG2 . THR A 1 62 ? -6.680  12.606  -1.143  1.00 26.05 ? 154 THR A CG2 1 
ATOM   428 N  N   . GLU A 1 63 ? -5.169  10.477  -3.143  1.00 23.72 ? 155 GLU A N   1 
ATOM   429 C  CA  . GLU A 1 63 ? -4.999  10.327  -4.592  1.00 24.34 ? 155 GLU A CA  1 
ATOM   430 C  C   . GLU A 1 63 ? -4.616  8.919   -5.018  1.00 21.90 ? 155 GLU A C   1 
ATOM   431 O  O   . GLU A 1 63 ? -4.610  8.618   -6.218  1.00 23.65 ? 155 GLU A O   1 
ATOM   432 C  CB  . GLU A 1 63 ? -3.934  11.296  -5.129  1.00 25.03 ? 155 GLU A CB  1 
ATOM   433 C  CG  . GLU A 1 63 ? -4.471  12.497  -5.845  1.00 30.64 ? 155 GLU A CG  1 
ATOM   434 C  CD  . GLU A 1 63 ? -5.632  13.128  -5.134  1.00 34.57 ? 155 GLU A CD  1 
ATOM   435 O  OE1 . GLU A 1 63 ? -6.731  13.145  -5.719  1.00 36.84 ? 155 GLU A OE1 1 
ATOM   436 O  OE2 . GLU A 1 63 ? -5.443  13.597  -3.990  1.00 37.44 ? 155 GLU A OE2 1 
ATOM   437 N  N   . ALA A 1 64 ? -4.262  8.070   -4.051  1.00 19.85 ? 156 ALA A N   1 
ATOM   438 C  CA  . ALA A 1 64 ? -3.814  6.717   -4.360  1.00 17.92 ? 156 ALA A CA  1 
ATOM   439 C  C   . ALA A 1 64 ? -4.910  5.678   -4.196  1.00 17.65 ? 156 ALA A C   1 
ATOM   440 O  O   . ALA A 1 64 ? -4.806  4.584   -4.743  1.00 16.73 ? 156 ALA A O   1 
ATOM   441 C  CB  . ALA A 1 64 ? -2.608  6.334   -3.504  1.00 17.24 ? 156 ALA A CB  1 
ATOM   442 N  N   . TRP A 1 65 ? -5.954  6.037   -3.458  1.00 17.29 ? 157 TRP A N   1 
ATOM   443 C  CA  . TRP A 1 65 ? -6.970  5.070   -3.065  1.00 16.79 ? 157 TRP A CA  1 
ATOM   444 C  C   . TRP A 1 65 ? -8.363  5.646   -3.246  1.00 18.19 ? 157 TRP A C   1 
ATOM   445 O  O   . TRP A 1 65 ? -8.656  6.737   -2.762  1.00 18.52 ? 157 TRP A O   1 
ATOM   446 C  CB  . TRP A 1 65 ? -6.778  4.657   -1.607  1.00 16.73 ? 157 TRP A CB  1 
ATOM   447 C  CG  . TRP A 1 65 ? -5.388  4.233   -1.336  1.00 15.58 ? 157 TRP A CG  1 
ATOM   448 C  CD1 . TRP A 1 65 ? -4.414  4.973   -0.733  1.00 15.54 ? 157 TRP A CD1 1 
ATOM   449 C  CD2 . TRP A 1 65 ? -4.783  2.992   -1.704  1.00 15.71 ? 157 TRP A CD2 1 
ATOM   450 N  NE1 . TRP A 1 65 ? -3.232  4.262   -0.683  1.00 13.78 ? 157 TRP A NE1 1 
ATOM   451 C  CE2 . TRP A 1 65 ? -3.437  3.037   -1.271  1.00 13.78 ? 157 TRP A CE2 1 
ATOM   452 C  CE3 . TRP A 1 65 ? -5.249  1.834   -2.344  1.00 16.75 ? 157 TRP A CE3 1 
ATOM   453 C  CZ2 . TRP A 1 65 ? -2.551  1.971   -1.473  1.00 15.37 ? 157 TRP A CZ2 1 
ATOM   454 C  CZ3 . TRP A 1 65 ? -4.371  0.775   -2.542  1.00 16.43 ? 157 TRP A CZ3 1 
ATOM   455 C  CH2 . TRP A 1 65 ? -3.031  0.853   -2.104  1.00 16.42 ? 157 TRP A CH2 1 
ATOM   456 N  N   . LYS A 1 66 ? -9.234  4.890   -3.913  1.00 19.17 ? 158 LYS A N   1 
ATOM   457 C  CA  . LYS A 1 66 ? -10.621 5.333   -4.124  1.00 21.42 ? 158 LYS A CA  1 
ATOM   458 C  C   . LYS A 1 66 ? -11.467 5.264   -2.851  1.00 21.56 ? 158 LYS A C   1 
ATOM   459 O  O   . LYS A 1 66 ? -12.461 5.994   -2.708  1.00 23.52 ? 158 LYS A O   1 
ATOM   460 C  CB  . LYS A 1 66 ? -11.290 4.546   -5.257  1.00 22.15 ? 158 LYS A CB  1 
ATOM   461 C  CG  . LYS A 1 66 ? -10.631 4.752   -6.607  1.00 23.85 ? 158 LYS A CG  1 
ATOM   462 C  CD  . LYS A 1 66 ? -11.263 3.896   -7.702  1.00 25.58 ? 158 LYS A CD  1 
ATOM   463 C  CE  . LYS A 1 66 ? -10.648 2.496   -7.688  1.00 27.08 ? 158 LYS A CE  1 
ATOM   464 N  NZ  . LYS A 1 66 ? -11.379 1.557   -8.567  1.00 29.57 ? 158 LYS A NZ  1 
ATOM   465 N  N   . GLU A 1 67 ? -11.056 4.375   -1.946  1.00 20.80 ? 159 GLU A N   1 
ATOM   466 C  CA  . GLU A 1 67 ? -11.658 4.178   -0.633  1.00 21.67 ? 159 GLU A CA  1 
ATOM   467 C  C   . GLU A 1 67 ? -10.544 3.761   0.324   1.00 19.80 ? 159 GLU A C   1 
ATOM   468 O  O   . GLU A 1 67 ? -9.563  3.138   -0.102  1.00 18.41 ? 159 GLU A O   1 
ATOM   469 C  CB  . GLU A 1 67 ? -12.704 3.059   -0.673  1.00 22.96 ? 159 GLU A CB  1 
ATOM   470 C  CG  . GLU A 1 67 ? -13.904 3.304   -1.587  1.00 26.80 ? 159 GLU A CG  1 
ATOM   471 C  CD  . GLU A 1 67 ? -14.840 2.113   -1.597  1.00 28.41 ? 159 GLU A CD  1 
ATOM   472 O  OE1 . GLU A 1 67 ? -15.410 1.807   -2.671  1.00 33.43 ? 159 GLU A OE1 1 
ATOM   473 O  OE2 . GLU A 1 67 ? -14.986 1.470   -0.529  1.00 32.13 ? 159 GLU A OE2 1 
ATOM   474 N  N   . GLY A 1 68 ? -10.702 4.093   1.602   1.00 19.24 ? 160 GLY A N   1 
ATOM   475 C  CA  . GLY A 1 68 ? -9.798  3.625   2.653   1.00 17.99 ? 160 GLY A CA  1 
ATOM   476 C  C   . GLY A 1 68 ? -8.328  3.977   2.459   1.00 16.77 ? 160 GLY A C   1 
ATOM   477 O  O   . GLY A 1 68 ? -7.455  3.091   2.524   1.00 15.73 ? 160 GLY A O   1 
ATOM   478 N  N   . PRO A 1 69 ? -8.026  5.278   2.269   1.00 16.83 ? 161 PRO A N   1 
ATOM   479 C  CA  . PRO A 1 69 ? -6.624  5.682   2.080   1.00 16.52 ? 161 PRO A CA  1 
ATOM   480 C  C   . PRO A 1 69 ? -5.727  5.475   3.307   1.00 16.77 ? 161 PRO A C   1 
ATOM   481 O  O   . PRO A 1 69 ? -4.536  5.271   3.133   1.00 16.69 ? 161 PRO A O   1 
ATOM   482 C  CB  . PRO A 1 69 ? -6.726  7.173   1.732   1.00 17.21 ? 161 PRO A CB  1 
ATOM   483 C  CG  . PRO A 1 69 ? -8.027  7.626   2.344   1.00 18.07 ? 161 PRO A CG  1 
ATOM   484 C  CD  . PRO A 1 69 ? -8.948  6.433   2.209   1.00 17.76 ? 161 PRO A CD  1 
ATOM   485 N  N   . TYR A 1 70 ? -6.297  5.505   4.515   1.00 17.17 ? 162 TYR A N   1 
ATOM   486 C  CA  . TYR A 1 70 ? -5.524  5.321   5.755   1.00 17.17 ? 162 TYR A CA  1 
ATOM   487 C  C   . TYR A 1 70 ? -5.781  3.957   6.377   1.00 16.85 ? 162 TYR A C   1 
ATOM   488 O  O   . TYR A 1 70 ? -6.862  3.399   6.219   1.00 18.25 ? 162 TYR A O   1 
ATOM   489 C  CB  . TYR A 1 70 ? -5.900  6.381   6.794   1.00 18.00 ? 162 TYR A CB  1 
ATOM   490 C  CG  . TYR A 1 70 ? -5.347  7.769   6.541   1.00 18.29 ? 162 TYR A CG  1 
ATOM   491 C  CD1 . TYR A 1 70 ? -6.033  8.678   5.739   1.00 19.96 ? 162 TYR A CD1 1 
ATOM   492 C  CD2 . TYR A 1 70 ? -4.144  8.173   7.114   1.00 19.35 ? 162 TYR A CD2 1 
ATOM   493 C  CE1 . TYR A 1 70 ? -5.548  9.968   5.524   1.00 20.69 ? 162 TYR A CE1 1 
ATOM   494 C  CE2 . TYR A 1 70 ? -3.638  9.464   6.899   1.00 21.29 ? 162 TYR A CE2 1 
ATOM   495 C  CZ  . TYR A 1 70 ? -4.343  10.353  6.092   1.00 20.81 ? 162 TYR A CZ  1 
ATOM   496 O  OH  . TYR A 1 70 ? -3.856  11.636  5.862   1.00 22.25 ? 162 TYR A OH  1 
ATOM   497 N  N   . CYS A 1 71 ? -4.786  3.425   7.081   1.00 15.92 ? 163 CYS A N   1 
ATOM   498 C  CA  . CYS A 1 71 ? -4.964  2.245   7.922   1.00 15.39 ? 163 CYS A CA  1 
ATOM   499 C  C   . CYS A 1 71 ? -5.294  2.712   9.331   1.00 16.19 ? 163 CYS A C   1 
ATOM   500 O  O   . CYS A 1 71 ? -5.255  3.914   9.627   1.00 16.46 ? 163 CYS A O   1 
ATOM   501 C  CB  . CYS A 1 71 ? -3.675  1.405   7.944   1.00 15.43 ? 163 CYS A CB  1 
ATOM   502 S  SG  . CYS A 1 71 ? -2.346  2.111   8.981   1.00 14.45 ? 163 CYS A SG  1 
ATOM   503 N  N   . GLN A 1 72 ? -5.600  1.759   10.211  1.00 16.21 ? 164 GLN A N   1 
ATOM   504 C  CA  . GLN A 1 72 ? -6.037  2.083   11.569  1.00 17.80 ? 164 GLN A CA  1 
ATOM   505 C  C   . GLN A 1 72 ? -4.977  2.792   12.389  1.00 18.38 ? 164 GLN A C   1 
ATOM   506 O  O   . GLN A 1 72 ? -5.301  3.546   13.310  1.00 19.68 ? 164 GLN A O   1 
ATOM   507 C  CB  . GLN A 1 72 ? -6.480  0.818   12.274  1.00 18.40 ? 164 GLN A CB  1 
ATOM   508 C  CG  . GLN A 1 72 ? -7.720  0.232   11.644  1.00 20.88 ? 164 GLN A CG  1 
ATOM   509 C  CD  . GLN A 1 72 ? -8.290  -0.942  12.406  1.00 22.78 ? 164 GLN A CD  1 
ATOM   510 O  OE1 . GLN A 1 72 ? -7.590  -1.612  13.179  1.00 25.35 ? 164 GLN A OE1 1 
ATOM   511 N  NE2 . GLN A 1 72 ? -9.578  -1.194  12.206  1.00 25.48 ? 164 GLN A NE2 1 
ATOM   512 N  N   . LYS A 1 73 ? -3.720  2.525   12.056  1.00 18.24 ? 165 LYS A N   1 
ATOM   513 C  CA  . LYS A 1 73 ? -2.589  3.077   12.799  1.00 19.11 ? 165 LYS A CA  1 
ATOM   514 C  C   . LYS A 1 73 ? -2.321  4.527   12.446  1.00 18.84 ? 165 LYS A C   1 
ATOM   515 O  O   . LYS A 1 73 ? -1.911  5.313   13.301  1.00 19.82 ? 165 LYS A O   1 
ATOM   516 C  CB  . LYS A 1 73 ? -1.311  2.279   12.528  1.00 19.27 ? 165 LYS A CB  1 
ATOM   517 C  CG  . LYS A 1 73 ? -0.070  2.957   13.126  1.00 21.80 ? 165 LYS A CG  1 
ATOM   518 C  CD  . LYS A 1 73 ? 1.064   2.011   13.273  1.00 25.31 ? 165 LYS A CD  1 
ATOM   519 C  CE  . LYS A 1 73 ? 2.302   2.707   13.820  1.00 26.64 ? 165 LYS A CE  1 
ATOM   520 N  NZ  . LYS A 1 73 ? 3.465   1.772   13.778  1.00 25.92 ? 165 LYS A NZ  1 
ATOM   521 N  N   . HIS A 1 74 ? -2.516  4.881   11.182  1.00 17.46 ? 166 HIS A N   1 
ATOM   522 C  CA  . HIS A 1 74 ? -2.121  6.208   10.725  1.00 18.01 ? 166 HIS A CA  1 
ATOM   523 C  C   . HIS A 1 74 ? -3.277  7.216   10.617  1.00 18.71 ? 166 HIS A C   1 
ATOM   524 O  O   . HIS A 1 74 ? -3.034  8.420   10.510  1.00 19.80 ? 166 HIS A O   1 
ATOM   525 C  CB  . HIS A 1 74 ? -1.285  6.119   9.448   1.00 17.27 ? 166 HIS A CB  1 
ATOM   526 C  CG  . HIS A 1 74 ? 0.012   5.404   9.656   1.00 15.25 ? 166 HIS A CG  1 
ATOM   527 N  ND1 . HIS A 1 74 ? 0.299   4.180   9.083   1.00 16.79 ? 166 HIS A ND1 1 
ATOM   528 C  CD2 . HIS A 1 74 ? 1.092   5.735   10.407  1.00 17.03 ? 166 HIS A CD2 1 
ATOM   529 C  CE1 . HIS A 1 74 ? 1.503   3.794   9.467   1.00 14.26 ? 166 HIS A CE1 1 
ATOM   530 N  NE2 . HIS A 1 74 ? 2.009   4.718   10.269  1.00 16.29 ? 166 HIS A NE2 1 
ATOM   531 N  N   . GLU A 1 75 ? -4.513  6.715   10.669  1.00 19.01 ? 167 GLU A N   1 
ATOM   532 C  CA  . GLU A 1 75 ? -5.724  7.551   10.602  1.00 20.88 ? 167 GLU A CA  1 
ATOM   533 C  C   . GLU A 1 75 ? -5.766  8.568   11.735  1.00 21.88 ? 167 GLU A C   1 
ATOM   534 O  O   . GLU A 1 75 ? -6.368  9.647   11.605  1.00 22.38 ? 167 GLU A O   1 
ATOM   535 C  CB  . GLU A 1 75 ? -6.992  6.675   10.640  1.00 20.71 ? 167 GLU A CB  1 
ATOM   536 C  CG  . GLU A 1 75 ? -7.226  5.935   11.972  1.00 22.31 ? 167 GLU A CG  1 
ATOM   537 C  CD  . GLU A 1 75 ? -8.431  4.981   11.981  1.00 22.50 ? 167 GLU A CD  1 
ATOM   538 O  OE1 . GLU A 1 75 ? -9.243  5.025   11.040  1.00 22.32 ? 167 GLU A OE1 1 
ATOM   539 O  OE2 . GLU A 1 75 ? -8.551  4.175   12.939  1.00 25.05 ? 167 GLU A OE2 1 
ATOM   540 O  OXT . GLU A 1 75 ? -5.216  8.304   12.812  1.00 21.70 ? 167 GLU A OXT 1 
ATOM   541 N  N   . ARG B 2 1  ? 4.461   5.065   -3.593  1.00 15.45 ? 1   ARG B N   1 
ATOM   542 C  CA  . ARG B 2 1  ? 4.264   4.337   -4.876  1.00 16.65 ? 1   ARG B CA  1 
ATOM   543 C  C   . ARG B 2 1  ? 5.428   3.374   -5.100  1.00 17.10 ? 1   ARG B C   1 
ATOM   544 O  O   . ARG B 2 1  ? 6.490   3.509   -4.490  1.00 15.59 ? 1   ARG B O   1 
ATOM   545 C  CB  . ARG B 2 1  ? 4.167   5.322   -6.057  1.00 15.91 ? 1   ARG B CB  1 
ATOM   546 C  CG  . ARG B 2 1  ? 3.149   6.463   -5.882  1.00 15.51 ? 1   ARG B CG  1 
ATOM   547 C  CD  . ARG B 2 1  ? 1.711   5.947   -5.914  1.00 16.55 ? 1   ARG B CD  1 
ATOM   548 N  NE  . ARG B 2 1  ? 0.762   7.045   -6.106  1.00 17.87 ? 1   ARG B NE  1 
ATOM   549 C  CZ  . ARG B 2 1  ? 0.417   7.930   -5.174  1.00 16.76 ? 1   ARG B CZ  1 
ATOM   550 N  NH1 . ARG B 2 1  ? 0.916   7.875   -3.937  1.00 17.21 ? 1   ARG B NH1 1 
ATOM   551 N  NH2 . ARG B 2 1  ? -0.442  8.900   -5.488  1.00 19.77 ? 1   ARG B NH2 1 
ATOM   552 N  N   . ILE B 2 2  ? 5.231   2.407   -5.993  1.00 18.61 ? 2   ILE B N   1 
ATOM   553 C  CA  . ILE B 2 2  ? 6.305   1.484   -6.365  1.00 20.94 ? 2   ILE B CA  1 
ATOM   554 C  C   . ILE B 2 2  ? 7.511   2.279   -6.882  1.00 21.53 ? 2   ILE B C   1 
ATOM   555 O  O   . ILE B 2 2  ? 7.342   3.384   -7.400  1.00 21.64 ? 2   ILE B O   1 
ATOM   556 C  CB  . ILE B 2 2  ? 5.810   0.429   -7.385  1.00 21.16 ? 2   ILE B CB  1 
ATOM   557 C  CG1 . ILE B 2 2  ? 4.718   -0.445  -6.744  1.00 22.14 ? 2   ILE B CG1 1 
ATOM   558 C  CG2 . ILE B 2 2  ? 6.972   -0.432  -7.890  1.00 22.94 ? 2   ILE B CG2 1 
ATOM   559 C  CD1 . ILE B 2 2  ? 4.208   -1.614  -7.615  1.00 22.60 ? 2   ILE B CD1 1 
ATOM   560 N  N   . PHE B 2 3  ? 8.721   1.734   -6.709  1.00 22.69 ? 3   PHE B N   1 
ATOM   561 C  CA  . PHE B 2 3  ? 9.942   2.424   -7.133  1.00 23.79 ? 3   PHE B CA  1 
ATOM   562 C  C   . PHE B 2 3  ? 9.838   2.950   -8.565  1.00 24.64 ? 3   PHE B C   1 
ATOM   563 O  O   . PHE B 2 3  ? 9.466   2.217   -9.477  1.00 24.93 ? 3   PHE B O   1 
ATOM   564 C  CB  . PHE B 2 3  ? 11.167  1.517   -6.999  1.00 24.86 ? 3   PHE B CB  1 
ATOM   565 C  CG  . PHE B 2 3  ? 12.472  2.222   -7.263  1.00 25.20 ? 3   PHE B CG  1 
ATOM   566 C  CD1 . PHE B 2 3  ? 13.277  1.839   -8.332  1.00 28.30 ? 3   PHE B CD1 1 
ATOM   567 C  CD2 . PHE B 2 3  ? 12.888  3.284   -6.449  1.00 26.62 ? 3   PHE B CD2 1 
ATOM   568 C  CE1 . PHE B 2 3  ? 14.483  2.494   -8.586  1.00 27.60 ? 3   PHE B CE1 1 
ATOM   569 C  CE2 . PHE B 2 3  ? 14.097  3.952   -6.698  1.00 27.98 ? 3   PHE B CE2 1 
ATOM   570 C  CZ  . PHE B 2 3  ? 14.897  3.545   -7.771  1.00 28.67 ? 3   PHE B CZ  1 
ATOM   571 N  N   . SER B 2 4  ? 10.168  4.225   -8.739  1.00 25.11 ? 4   SER B N   1 
ATOM   572 C  CA  . SER B 2 4  ? 10.067  4.859   -10.046 1.00 25.84 ? 4   SER B CA  1 
ATOM   573 C  C   . SER B 2 4  ? 11.355  5.603   -10.365 1.00 25.91 ? 4   SER B C   1 
ATOM   574 O  O   . SER B 2 4  ? 11.530  6.105   -11.467 1.00 25.66 ? 4   SER B O   1 
ATOM   575 C  CB  . SER B 2 4  ? 8.874   5.818   -10.079 1.00 26.02 ? 4   SER B CB  1 
ATOM   576 O  OG  . SER B 2 4  ? 9.088   6.919   -9.210  1.00 27.92 ? 4   SER B OG  1 
HETATM 577 ZN ZN  . ZN  C 3 .  ? 2.834   1.818   5.476   1.00 15.24 ? 1   ZN  A ZN  1 
HETATM 578 ZN ZN  . ZN  D 3 .  ? -0.742  3.206   7.611   1.00 15.20 ? 2   ZN  A ZN  1 
HETATM 579 ZN ZN  . ZN  E 3 .  ? -9.613  -1.965  -1.278  1.00 17.81 ? 3   ZN  A ZN  1 
HETATM 580 O  O   . HOH F 4 .  ? 5.941   -4.274  3.701   1.00 22.16 ? 4   HOH A O   1 
HETATM 581 O  O   . HOH F 4 .  ? 7.398   -5.897  5.736   1.00 29.91 ? 5   HOH A O   1 
HETATM 582 O  O   . HOH F 4 .  ? -9.120  9.016   -5.150  1.00 34.97 ? 6   HOH A O   1 
HETATM 583 O  O   . HOH F 4 .  ? 15.262  0.404   0.302   1.00 24.83 ? 7   HOH A O   1 
HETATM 584 O  O   . HOH F 4 .  ? -9.594  8.572   -0.805  1.00 27.19 ? 10  HOH A O   1 
HETATM 585 O  O   . HOH F 4 .  ? -3.422  11.169  10.044  1.00 28.35 ? 11  HOH A O   1 
HETATM 586 O  O   . HOH F 4 .  ? -15.168 -2.746  2.580   1.00 26.68 ? 12  HOH A O   1 
HETATM 587 O  O   . HOH F 4 .  ? 0.157   7.148   6.516   1.00 16.63 ? 13  HOH A O   1 
HETATM 588 O  O   . HOH F 4 .  ? -3.565  -2.828  -8.077  1.00 30.55 ? 14  HOH A O   1 
HETATM 589 O  O   . HOH F 4 .  ? -0.279  7.458   -8.688  1.00 22.95 ? 15  HOH A O   1 
HETATM 590 O  O   . HOH F 4 .  ? 10.974  -1.267  4.995   1.00 27.32 ? 17  HOH A O   1 
HETATM 591 O  O   . HOH F 4 .  ? -9.102  6.233   5.404   1.00 23.64 ? 18  HOH A O   1 
HETATM 592 O  O   . HOH F 4 .  ? -7.827  4.445   15.531  1.00 29.09 ? 19  HOH A O   1 
HETATM 593 O  O   . HOH F 4 .  ? 10.615  -2.487  -6.723  1.00 41.81 ? 20  HOH A O   1 
HETATM 594 O  O   . HOH F 4 .  ? -9.191  7.852   7.576   1.00 24.19 ? 22  HOH A O   1 
HETATM 595 O  O   . HOH F 4 .  ? -13.954 -6.935  -2.799  1.00 31.94 ? 23  HOH A O   1 
HETATM 596 O  O   . HOH F 4 .  ? 11.487  3.991   5.627   1.00 31.91 ? 24  HOH A O   1 
HETATM 597 O  O   . HOH F 4 .  ? -12.966 -10.005 -1.071  1.00 32.04 ? 25  HOH A O   1 
HETATM 598 O  O   . HOH F 4 .  ? 3.126   6.274   -9.858  1.00 26.74 ? 27  HOH A O   1 
HETATM 599 O  O   . HOH F 4 .  ? 9.006   -0.769  -4.732  1.00 27.66 ? 28  HOH A O   1 
HETATM 600 O  O   . HOH F 4 .  ? 15.749  -6.406  2.668   1.00 26.73 ? 33  HOH A O   1 
HETATM 601 O  O   . HOH F 4 .  ? 3.133   -6.001  8.971   1.00 28.67 ? 39  HOH A O   1 
HETATM 602 O  O   . HOH F 4 .  ? -8.518  4.647   -11.204 1.00 28.84 ? 40  HOH A O   1 
HETATM 603 O  O   . HOH F 4 .  ? -3.038  9.391   13.949  1.00 30.82 ? 41  HOH A O   1 
HETATM 604 O  O   . HOH F 4 .  ? 13.375  -2.190  -7.243  1.00 30.33 ? 42  HOH A O   1 
HETATM 605 O  O   . HOH F 4 .  ? 15.970  1.501   2.692   1.00 34.75 ? 72  HOH A O   1 
HETATM 606 O  O   . HOH F 4 .  ? -9.280  7.089   -9.789  1.00 28.75 ? 74  HOH A O   1 
HETATM 607 O  O   . HOH F 4 .  ? -5.105  -1.768  -9.939  1.00 37.03 ? 75  HOH A O   1 
HETATM 608 O  O   . HOH F 4 .  ? -7.335  -3.271  -10.305 1.00 28.89 ? 76  HOH A O   1 
HETATM 609 O  O   . HOH F 4 .  ? -6.235  11.346  9.121   1.00 37.84 ? 77  HOH A O   1 
HETATM 610 O  O   . HOH F 4 .  ? -8.150  1.408   4.885   1.00 19.03 ? 168 HOH A O   1 
HETATM 611 O  O   . HOH F 4 .  ? 2.633   6.719   3.596   1.00 16.38 ? 169 HOH A O   1 
HETATM 612 O  O   . HOH F 4 .  ? -1.931  -0.655  10.530  1.00 17.85 ? 170 HOH A O   1 
# 
loop_
_atom_site_anisotrop.id 
_atom_site_anisotrop.type_symbol 
_atom_site_anisotrop.pdbx_label_atom_id 
_atom_site_anisotrop.pdbx_label_alt_id 
_atom_site_anisotrop.pdbx_label_comp_id 
_atom_site_anisotrop.pdbx_label_asym_id 
_atom_site_anisotrop.pdbx_label_seq_id 
_atom_site_anisotrop.pdbx_PDB_ins_code 
_atom_site_anisotrop.U[1][1] 
_atom_site_anisotrop.U[2][2] 
_atom_site_anisotrop.U[3][3] 
_atom_site_anisotrop.U[1][2] 
_atom_site_anisotrop.U[1][3] 
_atom_site_anisotrop.U[2][3] 
_atom_site_anisotrop.pdbx_auth_seq_id 
_atom_site_anisotrop.pdbx_auth_comp_id 
_atom_site_anisotrop.pdbx_auth_asym_id 
_atom_site_anisotrop.pdbx_auth_atom_id 
1   N N   . LEU A 6  ? 0.2968 0.2797 0.3812 0.0246  0.0207  -0.0562 98  LEU A N   
2   C CA  . LEU A 6  ? 0.2776 0.2720 0.3512 0.0245  0.0210  -0.0465 98  LEU A CA  
3   C C   . LEU A 6  ? 0.2612 0.2541 0.3184 0.0170  0.0198  -0.0364 98  LEU A C   
4   O O   . LEU A 6  ? 0.2691 0.2563 0.3249 0.0135  0.0162  -0.0376 98  LEU A O   
5   C CB  . LEU A 6  ? 0.2944 0.2875 0.3749 0.0380  0.0166  -0.0379 98  LEU A CB  
6   C CG  . LEU A 6  ? 0.3102 0.2772 0.3882 0.0435  0.0175  -0.0218 98  LEU A CG  
7   C CD1 . LEU A 6  ? 0.3474 0.3153 0.4120 0.0431  0.0167  -0.0065 98  LEU A CD1 
8   C CD2 . LEU A 6  ? 0.3572 0.3107 0.4372 0.0646  0.0160  -0.0197 98  LEU A CD2 
9   N N   . CYS A 7  ? 0.2290 0.2304 0.2800 0.0156  0.0222  -0.0310 99  CYS A N   
10  C CA  . CYS A 7  ? 0.2203 0.2188 0.2556 0.0108  0.0218  -0.0219 99  CYS A CA  
11  C C   . CYS A 7  ? 0.2129 0.2061 0.2523 0.0113  0.0148  -0.0127 99  CYS A C   
12  O O   . CYS A 7  ? 0.2161 0.2071 0.2522 0.0091  0.0106  -0.0162 99  CYS A O   
13  C CB  . CYS A 7  ? 0.2046 0.2128 0.2437 0.0090  0.0270  -0.0213 99  CYS A CB  
14  S SG  . CYS A 7  ? 0.1860 0.1849 0.2061 0.0049  0.0279  -0.0103 99  CYS A SG  
15  N N   . GLY A 8  ? 0.2035 0.1968 0.2498 0.0167  0.0142  -0.0040 100 GLY A N   
16  C CA  . GLY A 8  ? 0.2076 0.1907 0.2575 0.0169  0.0159  0.0063  100 GLY A CA  
17  C C   . GLY A 8  ? 0.2045 0.1945 0.2503 0.0114  0.0138  0.0095  100 GLY A C   
18  O O   . GLY A 8  ? 0.2172 0.2022 0.2709 0.0090  0.0183  0.0145  100 GLY A O   
19  N N   . ARG A 9  ? 0.1986 0.1964 0.2328 0.0097  0.0106  0.0063  101 ARG A N   
20  C CA  . ARG A 9  ? 0.2012 0.2018 0.2290 0.0081  0.0070  0.0080  101 ARG A CA  
21  C C   . ARG A 9  ? 0.1871 0.1929 0.2215 0.0089  0.0084  0.0156  101 ARG A C   
22  O O   . ARG A 9  ? 0.1866 0.1969 0.2178 0.0136  0.0101  0.0196  101 ARG A O   
23  C CB  . ARG A 9  ? 0.2127 0.2088 0.2223 0.0086  0.0098  0.0078  101 ARG A CB  
24  C CG  . ARG A 9  ? 0.2581 0.2508 0.2568 0.0119  0.0059  0.0110  101 ARG A CG  
25  C CD  . ARG A 9  ? 0.3269 0.3058 0.3110 0.0117  0.0161  0.0144  101 ARG A CD  
26  N NE  . ARG A 9  ? 0.3476 0.3059 0.3074 0.0132  0.0275  0.0151  101 ARG A NE  
27  C CZ  . ARG A 9  ? 0.3743 0.3042 0.3065 0.0172  0.0410  0.0219  101 ARG A CZ  
28  N NH1 . ARG A 9  ? 0.3756 0.2958 0.3056 0.0203  0.0415  0.0268  101 ARG A NH1 
29  N NH2 . ARG A 9  ? 0.4130 0.3192 0.3166 0.0195  0.0573  0.0246  101 ARG A NH2 
30  N N   . VAL A 10 ? 0.1935 0.2026 0.2380 0.0061  0.0072  0.0135  102 VAL A N   
31  C CA  . VAL A 10 ? 0.1918 0.2064 0.2411 0.0063  0.0119  0.0191  102 VAL A CA  
32  C C   . VAL A 10 ? 0.1840 0.2063 0.2247 0.0092  0.0049  0.0173  102 VAL A C   
33  O O   . VAL A 10 ? 0.2081 0.2298 0.2448 0.0117  -0.0029 0.0110  102 VAL A O   
34  C CB  . VAL A 10 ? 0.1970 0.2141 0.2719 -0.0006 0.0190  0.0124  102 VAL A CB  
35  C CG1 . VAL A 10 ? 0.2186 0.2417 0.2971 -0.0010 0.0282  0.0176  102 VAL A CG1 
36  C CG2 . VAL A 10 ? 0.2187 0.2189 0.3059 -0.0052 0.0325  0.0144  102 VAL A CG2 
37  N N   . PHE A 11 ? 0.1770 0.2047 0.2125 0.0125  0.0073  0.0214  103 PHE A N   
38  C CA  . PHE A 11 ? 0.1785 0.2097 0.2109 0.0142  0.0038  0.0176  103 PHE A CA  
39  C C   . PHE A 11 ? 0.1766 0.2143 0.2174 0.0154  0.0005  0.0144  103 PHE A C   
40  O O   . PHE A 11 ? 0.1813 0.2282 0.2348 0.0132  0.0056  0.0141  103 PHE A O   
41  C CB  . PHE A 11 ? 0.1759 0.2185 0.2084 0.0180  0.0054  0.0148  103 PHE A CB  
42  C CG  . PHE A 11 ? 0.1905 0.2356 0.2239 0.0192  0.0059  0.0096  103 PHE A CG  
43  C CD1 . PHE A 11 ? 0.2359 0.2711 0.2727 0.0125  0.0105  0.0039  103 PHE A CD1 
44  C CD2 . PHE A 11 ? 0.1859 0.2418 0.2145 0.0300  0.0036  0.0099  103 PHE A CD2 
45  C CE1 . PHE A 11 ? 0.2429 0.2862 0.2901 0.0120  0.0132  -0.0064 103 PHE A CE1 
46  C CE2 . PHE A 11 ? 0.2111 0.2760 0.2461 0.0348  0.0005  -0.0005 103 PHE A CE2 
47  C CZ  . PHE A 11 ? 0.2198 0.2821 0.2700 0.0235  0.0055  -0.0111 103 PHE A CZ  
48  N N   . LYS A 12 ? 0.1809 0.2108 0.2142 0.0204  -0.0052 0.0113  104 LYS A N   
49  C CA  . LYS A 12 ? 0.1906 0.2290 0.2325 0.0268  -0.0120 0.0047  104 LYS A CA  
50  C C   . LYS A 12 ? 0.1938 0.2340 0.2379 0.0288  -0.0091 0.0034  104 LYS A C   
51  O O   . LYS A 12 ? 0.2004 0.2329 0.2397 0.0259  -0.0029 0.0045  104 LYS A O   
52  C CB  . LYS A 12 ? 0.2199 0.2456 0.2456 0.0397  -0.0236 0.0014  104 LYS A CB  
53  C CG  . LYS A 12 ? 0.2499 0.2827 0.2792 0.0398  -0.0299 -0.0056 104 LYS A CG  
54  C CD  . LYS A 12 ? 0.3237 0.3463 0.3263 0.0604  -0.0448 -0.0110 104 LYS A CD  
55  C CE  . LYS A 12 ? 0.3540 0.3926 0.3663 0.0628  -0.0548 -0.0266 104 LYS A CE  
56  N NZ  . LYS A 12 ? 0.4274 0.4554 0.3998 0.0909  -0.0720 -0.0320 104 LYS A NZ  
57  N N   . VAL A 13 ? 0.1901 0.2449 0.2485 0.0335  -0.0131 -0.0044 105 VAL A N   
58  C CA  . VAL A 13 ? 0.2033 0.2626 0.2671 0.0367  -0.0111 -0.0094 105 VAL A CA  
59  C C   . VAL A 13 ? 0.2223 0.2517 0.2713 0.0419  -0.0101 -0.0069 105 VAL A C   
60  O O   . VAL A 13 ? 0.2499 0.2558 0.2806 0.0528  -0.0152 -0.0023 105 VAL A O   
61  C CB  . VAL A 13 ? 0.2037 0.2831 0.2878 0.0431  -0.0166 -0.0212 105 VAL A CB  
62  C CG1 . VAL A 13 ? 0.2218 0.3044 0.3119 0.0484  -0.0155 -0.0286 105 VAL A CG1 
63  C CG2 . VAL A 13 ? 0.2170 0.3202 0.3208 0.0334  -0.0066 -0.0245 105 VAL A CG2 
64  N N   . GLY A 14 ? 0.2252 0.2539 0.2808 0.0358  -0.0014 -0.0116 106 GLY A N   
65  C CA  . GLY A 14 ? 0.2598 0.2564 0.3123 0.0361  0.0086  -0.0130 106 GLY A CA  
66  C C   . GLY A 14 ? 0.2761 0.2498 0.3191 0.0276  0.0213  -0.0076 106 GLY A C   
67  O O   . GLY A 14 ? 0.3070 0.2509 0.3529 0.0231  0.0384  -0.0103 106 GLY A O   
68  N N   . GLU A 15 ? 0.2598 0.2456 0.2954 0.0241  0.0167  -0.0016 107 GLU A N   
69  C CA  . GLU A 15 ? 0.2787 0.2466 0.3057 0.0169  0.0285  0.0022  107 GLU A CA  
70  C C   . GLU A 15 ? 0.2552 0.2410 0.3127 0.0050  0.0383  -0.0154 107 GLU A C   
71  O O   . GLU A 15 ? 0.2216 0.2439 0.2958 0.0067  0.0276  -0.0266 107 GLU A O   
72  C CB  . GLU A 15 ? 0.2700 0.2494 0.2855 0.0183  0.0186  0.0097  107 GLU A CB  
73  C CG  . GLU A 15 ? 0.3069 0.2722 0.3127 0.0126  0.0290  0.0123  107 GLU A CG  
74  C CD  . GLU A 15 ? 0.2945 0.2681 0.2899 0.0157  0.0185  0.0172  107 GLU A CD  
75  O OE1 . GLU A 15 ? 0.3385 0.3126 0.3348 0.0102  0.0243  0.0156  107 GLU A OE1 
76  O OE2 . GLU A 15 ? 0.2757 0.2575 0.2683 0.0230  0.0055  0.0185  107 GLU A OE2 
77  N N   . PRO A 16 ? 0.2806 0.2415 0.3457 -0.0047 0.0600  -0.0208 108 PRO A N   
78  C CA  . PRO A 16 ? 0.2708 0.2581 0.3775 -0.0161 0.0683  -0.0471 108 PRO A CA  
79  C C   . PRO A 16 ? 0.2496 0.2669 0.3576 -0.0141 0.0563  -0.0497 108 PRO A C   
80  O O   . PRO A 16 ? 0.2555 0.2560 0.3377 -0.0130 0.0569  -0.0326 108 PRO A O   
81  C CB  . PRO A 16 ? 0.3145 0.2594 0.4286 -0.0296 0.1022  -0.0496 108 PRO A CB  
82  C CG  . PRO A 16 ? 0.3552 0.2463 0.4244 -0.0194 0.1099  -0.0227 108 PRO A CG  
83  C CD  . PRO A 16 ? 0.3326 0.2395 0.3682 -0.0036 0.0807  -0.0051 108 PRO A CD  
84  N N   . THR A 17 ? 0.2701 0.2891 0.2707 0.0507  -0.0033 -0.0058 109 THR A N   
85  C CA  . THR A 17 ? 0.2711 0.2909 0.2746 0.0385  -0.0042 -0.0039 109 THR A CA  
86  C C   . THR A 17 ? 0.2666 0.2665 0.2614 0.0351  -0.0061 -0.0064 109 THR A C   
87  O O   . THR A 17 ? 0.2884 0.2767 0.2735 0.0407  -0.0059 -0.0105 109 THR A O   
88  C CB  . THR A 17 ? 0.2743 0.3133 0.2822 0.0344  -0.0013 -0.0020 109 THR A CB  
89  O OG1 . THR A 17 ? 0.3206 0.3579 0.3198 0.0376  0.0014  -0.0050 109 THR A OG1 
90  C CG2 . THR A 17 ? 0.2615 0.3238 0.2780 0.0380  0.0007  0.0007  109 THR A CG2 
91  N N   . TYR A 18 ? 0.2434 0.2393 0.2419 0.0263  -0.0082 -0.0043 110 TYR A N   
92  C CA  . TYR A 18 ? 0.2461 0.2269 0.2395 0.0222  -0.0109 -0.0052 110 TYR A CA  
93  C C   . TYR A 18 ? 0.2411 0.2258 0.2377 0.0154  -0.0116 -0.0030 110 TYR A C   
94  O O   . TYR A 18 ? 0.2479 0.2409 0.2524 0.0119  -0.0110 -0.0002 110 TYR A O   
95  C CB  . TYR A 18 ? 0.2412 0.2147 0.2375 0.0194  -0.0129 -0.0036 110 TYR A CB  
96  C CG  . TYR A 18 ? 0.2484 0.2143 0.2398 0.0256  -0.0137 -0.0040 110 TYR A CG  
97  C CD1 . TYR A 18 ? 0.2567 0.2327 0.2526 0.0296  -0.0128 -0.0022 110 TYR A CD1 
98  C CD2 . TYR A 18 ? 0.2472 0.1950 0.2293 0.0266  -0.0162 -0.0054 110 TYR A CD2 
99  C CE1 . TYR A 18 ? 0.2700 0.2392 0.2620 0.0362  -0.0143 -0.0011 110 TYR A CE1 
100 C CE2 . TYR A 18 ? 0.2912 0.2283 0.2681 0.0327  -0.0177 -0.0048 110 TYR A CE2 
101 C CZ  . TYR A 18 ? 0.2928 0.2411 0.2751 0.0383  -0.0167 -0.0022 110 TYR A CZ  
102 O OH  . TYR A 18 ? 0.3305 0.2680 0.3081 0.0453  -0.0190 -0.0002 110 TYR A OH  
103 N N   . SER A 19 ? 0.2394 0.2169 0.2291 0.0134  -0.0136 -0.0041 111 SER A N   
104 C CA  . SER A 19 ? 0.2326 0.2127 0.2260 0.0070  -0.0158 -0.0006 111 SER A CA  
105 C C   . SER A 19 ? 0.2346 0.2051 0.2271 0.0032  -0.0197 -0.0004 111 SER A C   
106 O O   . SER A 19 ? 0.2565 0.2169 0.2432 0.0042  -0.0207 -0.0031 111 SER A O   
107 C CB  . SER A 19 ? 0.2424 0.2280 0.2286 0.0062  -0.0155 -0.0002 111 SER A CB  
108 O OG  . SER A 19 ? 0.2412 0.2306 0.2328 0.0004  -0.0182 0.0055  111 SER A OG  
109 N N   . CYS A 20 ? 0.2201 0.1945 0.2191 -0.0013 -0.0222 0.0037  112 CYS A N   
110 C CA  . CYS A 20 ? 0.2119 0.1829 0.2126 -0.0058 -0.0263 0.0051  112 CYS A CA  
111 C C   . CYS A 20 ? 0.2222 0.1955 0.2182 -0.0100 -0.0306 0.0073  112 CYS A C   
112 O O   . CYS A 20 ? 0.2155 0.1964 0.2171 -0.0103 -0.0313 0.0119  112 CYS A O   
113 C CB  . CYS A 20 ? 0.2079 0.1853 0.2228 -0.0065 -0.0256 0.0085  112 CYS A CB  
114 S SG  . CYS A 20 ? 0.2122 0.1915 0.2307 -0.0127 -0.0302 0.0113  112 CYS A SG  
115 N N   . ARG A 21 ? 0.2283 0.1935 0.2129 -0.0137 -0.0345 0.0046  113 ARG A N   
116 C CA  . ARG A 21 ? 0.2464 0.2141 0.2235 -0.0187 -0.0395 0.0062  113 ARG A CA  
117 C C   . ARG A 21 ? 0.2393 0.2182 0.2300 -0.0232 -0.0442 0.0139  113 ARG A C   
118 O O   . ARG A 21 ? 0.2499 0.2358 0.2392 -0.0262 -0.0485 0.0184  113 ARG A O   
119 C CB  . ARG A 21 ? 0.2702 0.2243 0.2299 -0.0225 -0.0432 0.0000  113 ARG A CB  
120 C CG  . ARG A 21 ? 0.2893 0.2322 0.2350 -0.0152 -0.0383 -0.0081 113 ARG A CG  
121 C CD  . ARG A 21 ? 0.3094 0.2322 0.2385 -0.0178 -0.0420 -0.0152 113 ARG A CD  
122 N NE  . ARG A 21 ? 0.3206 0.2413 0.2366 -0.0259 -0.0483 -0.0167 113 ARG A NE  
123 C CZ  . ARG A 21 ? 0.3483 0.2513 0.2499 -0.0328 -0.0544 -0.0217 113 ARG A CZ  
124 N NH1 . ARG A 21 ? 0.3416 0.2260 0.2404 -0.0324 -0.0549 -0.0248 113 ARG A NH1 
125 N NH2 . ARG A 21 ? 0.3548 0.2585 0.2441 -0.0411 -0.0607 -0.0229 113 ARG A NH2 
126 N N   . ASP A 22 ? 0.2294 0.2117 0.2332 -0.0233 -0.0435 0.0159  114 ASP A N   
127 C CA  . ASP A 22 ? 0.2297 0.2254 0.2491 -0.0254 -0.0468 0.0229  114 ASP A CA  
128 C C   . ASP A 22 ? 0.2209 0.2237 0.2531 -0.0188 -0.0442 0.0272  114 ASP A C   
129 O O   . ASP A 22 ? 0.2427 0.2550 0.2839 -0.0188 -0.0483 0.0339  114 ASP A O   
130 C CB  . ASP A 22 ? 0.2257 0.2250 0.2539 -0.0279 -0.0461 0.0233  114 ASP A CB  
131 C CG  . ASP A 22 ? 0.2686 0.2594 0.2851 -0.0370 -0.0509 0.0211  114 ASP A CG  
132 O OD1 . ASP A 22 ? 0.2718 0.2551 0.2860 -0.0385 -0.0486 0.0189  114 ASP A OD1 
133 O OD2 . ASP A 22 ? 0.2761 0.2666 0.2847 -0.0434 -0.0575 0.0220  114 ASP A OD2 
134 N N   . CYS A 23 ? 0.2087 0.2060 0.2412 -0.0135 -0.0379 0.0236  115 CYS A N   
135 C CA  . CYS A 23 ? 0.1969 0.1966 0.2409 -0.0080 -0.0353 0.0263  115 CYS A CA  
136 C C   . CYS A 23 ? 0.2024 0.1973 0.2408 -0.0069 -0.0341 0.0271  115 CYS A C   
137 O O   . CYS A 23 ? 0.1964 0.1904 0.2427 -0.0043 -0.0343 0.0310  115 CYS A O   
138 C CB  . CYS A 23 ? 0.1954 0.1943 0.2463 -0.0043 -0.0297 0.0221  115 CYS A CB  
139 S SG  . CYS A 23 ? 0.1940 0.2027 0.2537 -0.0061 -0.0296 0.0227  115 CYS A SG  
140 N N   . ALA A 24 ? 0.1991 0.1908 0.2242 -0.0088 -0.0325 0.0236  116 ALA A N   
141 C CA  . ALA A 24 ? 0.2118 0.2035 0.2325 -0.0089 -0.0306 0.0251  116 ALA A CA  
142 C C   . ALA A 24 ? 0.2196 0.2146 0.2399 -0.0119 -0.0354 0.0332  116 ALA A C   
143 O O   . ALA A 24 ? 0.2428 0.2411 0.2580 -0.0146 -0.0400 0.0354  116 ALA A O   
144 C CB  . ALA A 24 ? 0.2154 0.2074 0.2228 -0.0089 -0.0277 0.0200  116 ALA A CB  
145 N N   . VAL A 25 ? 0.2230 0.2160 0.2484 -0.0120 -0.0353 0.0383  117 VAL A N   
146 C CA  . VAL A 25 ? 0.2358 0.2304 0.2604 -0.0151 -0.0404 0.0480  117 VAL A CA  
147 C C   . VAL A 25 ? 0.2485 0.2502 0.2574 -0.0201 -0.0403 0.0492  117 VAL A C   
148 O O   . VAL A 25 ? 0.2685 0.2747 0.2715 -0.0236 -0.0453 0.0554  117 VAL A O   
149 C CB  . VAL A 25 ? 0.2395 0.2258 0.2720 -0.0147 -0.0406 0.0533  117 VAL A CB  
150 C CG1 . VAL A 25 ? 0.2371 0.2241 0.2650 -0.0197 -0.0456 0.0649  117 VAL A CG1 
151 C CG2 . VAL A 25 ? 0.2338 0.2135 0.2804 -0.0081 -0.0414 0.0523  117 VAL A CG2 
152 N N   . ASP A 26 ? 0.2635 0.2680 0.2658 -0.0201 -0.0343 0.0433  118 ASP A N   
153 C CA  . ASP A 26 ? 0.2787 0.2918 0.2656 -0.0227 -0.0321 0.0419  118 ASP A CA  
154 C C   . ASP A 26 ? 0.2771 0.2921 0.2593 -0.0180 -0.0256 0.0318  118 ASP A C   
155 O O   . ASP A 26 ? 0.2614 0.2716 0.2524 -0.0144 -0.0233 0.0275  118 ASP A O   
156 C CB  . ASP A 26 ? 0.2930 0.3133 0.2770 -0.0285 -0.0322 0.0516  118 ASP A CB  
157 C CG  . ASP A 26 ? 0.3056 0.3275 0.2963 -0.0297 -0.0277 0.0520  118 ASP A CG  
158 O OD1 . ASP A 26 ? 0.3384 0.3557 0.3355 -0.0344 -0.0306 0.0606  118 ASP A OD1 
159 O OD2 . ASP A 26 ? 0.3207 0.3484 0.3103 -0.0263 -0.0221 0.0443  118 ASP A OD2 
160 N N   . PRO A 27 ? 0.2938 0.3160 0.2617 -0.0173 -0.0224 0.0277  119 PRO A N   
161 C CA  . PRO A 27 ? 0.2933 0.3151 0.2566 -0.0104 -0.0170 0.0178  119 PRO A CA  
162 C C   . PRO A 27 ? 0.2770 0.3073 0.2491 -0.0077 -0.0116 0.0176  119 PRO A C   
163 O O   . PRO A 27 ? 0.2850 0.3141 0.2568 -0.0008 -0.0082 0.0106  119 PRO A O   
164 C CB  . PRO A 27 ? 0.3132 0.3411 0.2579 -0.0096 -0.0147 0.0135  119 PRO A CB  
165 C CG  . PRO A 27 ? 0.3299 0.3594 0.2685 -0.0173 -0.0206 0.0207  119 PRO A CG  
166 C CD  . PRO A 27 ? 0.3142 0.3446 0.2684 -0.0220 -0.0239 0.0317  119 PRO A CD  
167 N N   . THR A 28 ? 0.2543 0.2919 0.2340 -0.0135 -0.0118 0.0258  120 THR A N   
168 C CA  . THR A 28 ? 0.2322 0.2793 0.2205 -0.0137 -0.0081 0.0266  120 THR A CA  
169 C C   . THR A 28 ? 0.2191 0.2551 0.2191 -0.0131 -0.0103 0.0252  120 THR A C   
170 O O   . THR A 28 ? 0.2106 0.2530 0.2172 -0.0137 -0.0083 0.0249  120 THR A O   
171 C CB  . THR A 28 ? 0.2415 0.3005 0.2319 -0.0227 -0.0080 0.0364  120 THR A CB  
172 O OG1 . THR A 28 ? 0.2465 0.2916 0.2432 -0.0288 -0.0139 0.0433  120 THR A OG1 
173 C CG2 . THR A 28 ? 0.2479 0.3202 0.2252 -0.0249 -0.0056 0.0394  120 THR A CG2 
174 N N   . CYS A 29 ? 0.2129 0.2342 0.2151 -0.0124 -0.0144 0.0246  121 CYS A N   
175 C CA  . CYS A 29 ? 0.2021 0.2134 0.2135 -0.0111 -0.0157 0.0223  121 CYS A CA  
176 C C   . CYS A 29 ? 0.2043 0.2142 0.2146 -0.0049 -0.0133 0.0149  121 CYS A C   
177 O O   . CYS A 29 ? 0.2075 0.2125 0.2117 -0.0015 -0.0139 0.0114  121 CYS A O   
178 C CB  . CYS A 29 ? 0.2089 0.2095 0.2248 -0.0117 -0.0201 0.0250  121 CYS A CB  
179 S SG  . CYS A 29 ? 0.2140 0.2127 0.2321 -0.0179 -0.0243 0.0356  121 CYS A SG  
180 N N   . VAL A 30 ? 0.1967 0.2095 0.2123 -0.0043 -0.0116 0.0132  122 VAL A N   
181 C CA  . VAL A 30 ? 0.2017 0.2156 0.2157 0.0016  -0.0097 0.0082  122 VAL A CA  
182 C C   . VAL A 30 ? 0.1971 0.2084 0.2173 0.0007  -0.0101 0.0068  122 VAL A C   
183 O O   . VAL A 30 ? 0.1919 0.2027 0.2169 -0.0045 -0.0112 0.0085  122 VAL A O   
184 C CB  . VAL A 30 ? 0.2084 0.2373 0.2196 0.0051  -0.0063 0.0077  122 VAL A CB  
185 C CG1 . VAL A 30 ? 0.2185 0.2611 0.2364 -0.0011 -0.0056 0.0123  122 VAL A CG1 
186 C CG2 . VAL A 30 ? 0.2469 0.2759 0.2569 0.0132  -0.0049 0.0035  122 VAL A CG2 
187 N N   . LEU A 31 ? 0.1899 0.1978 0.2081 0.0055  -0.0098 0.0035  123 LEU A N   
188 C CA  . LEU A 31 ? 0.1816 0.1888 0.2027 0.0049  -0.0101 0.0021  123 LEU A CA  
189 C C   . LEU A 31 ? 0.1773 0.1917 0.1966 0.0099  -0.0095 0.0014  123 LEU A C   
190 O O   . LEU A 31 ? 0.1848 0.1972 0.1995 0.0161  -0.0089 0.0006  123 LEU A O   
191 C CB  . LEU A 31 ? 0.1870 0.1835 0.2075 0.0051  -0.0107 0.0006  123 LEU A CB  
192 C CG  . LEU A 31 ? 0.1925 0.1838 0.2176 0.0022  -0.0114 0.0013  123 LEU A CG  
193 C CD1 . LEU A 31 ? 0.2196 0.2062 0.2450 0.0030  -0.0113 0.0006  123 LEU A CD1 
194 C CD2 . LEU A 31 ? 0.2114 0.2020 0.2405 -0.0011 -0.0111 0.0005  123 LEU A CD2 
195 N N   . CYS A 32 ? 0.1693 0.1912 0.1918 0.0076  -0.0101 0.0017  124 CYS A N   
196 C CA  . CYS A 32 ? 0.1679 0.1973 0.1897 0.0127  -0.0108 0.0024  124 CYS A CA  
197 C C   . CYS A 32 ? 0.1812 0.1980 0.1978 0.0158  -0.0118 0.0017  124 CYS A C   
198 O O   . CYS A 32 ? 0.1725 0.1787 0.1875 0.0126  -0.0115 0.0005  124 CYS A O   
199 C CB  . CYS A 32 ? 0.1736 0.2156 0.1994 0.0075  -0.0125 0.0035  124 CYS A CB  
200 S SG  . CYS A 32 ? 0.1597 0.1922 0.1821 0.0010  -0.0141 0.0004  124 CYS A SG  
201 N N   . MET A 33 ? 0.1932 0.2128 0.2080 0.0217  -0.0130 0.0035  125 MET A N   
202 C CA  . MET A 33 ? 0.2305 0.2365 0.2392 0.0238  -0.0145 0.0045  125 MET A CA  
203 C C   . MET A 33 ? 0.2068 0.2113 0.2141 0.0167  -0.0148 0.0047  125 MET A C   
204 O O   . MET A 33 ? 0.2083 0.2025 0.2123 0.0144  -0.0145 0.0048  125 MET A O   
205 C CB  . MET A 33 ? 0.2367 0.2444 0.2435 0.0324  -0.0165 0.0076  125 MET A CB  
206 C CG  . MET A 33 ? 0.2958 0.2879 0.2953 0.0338  -0.0190 0.0105  125 MET A CG  
207 S SD  . MET A 33 ? 0.3801 0.3748 0.3789 0.0455  -0.0224 0.0154  125 MET A SD  
208 C CE  . MET A 33 ? 0.2447 0.2695 0.2541 0.0454  -0.0221 0.0163  125 MET A CE  
209 N N   . GLU A 34 ? 0.2032 0.2191 0.2127 0.0129  -0.0154 0.0043  126 GLU A N   
210 C CA  . GLU A 34 ? 0.2019 0.2169 0.2078 0.0070  -0.0150 0.0027  126 GLU A CA  
211 C C   . GLU A 34 ? 0.1931 0.2003 0.2007 0.0036  -0.0119 -0.0010 126 GLU A C   
212 O O   . GLU A 34 ? 0.1934 0.1968 0.1984 0.0019  -0.0102 -0.0014 126 GLU A O   
213 C CB  . GLU A 34 ? 0.2104 0.2374 0.2168 0.0024  -0.0168 0.0013  126 GLU A CB  
214 C CG  . GLU A 34 ? 0.2349 0.2598 0.2354 -0.0036 -0.0156 -0.0028 126 GLU A CG  
215 C CD  . GLU A 34 ? 0.2628 0.2960 0.2615 -0.0100 -0.0180 -0.0059 126 GLU A CD  
216 O OE1 . GLU A 34 ? 0.2620 0.3037 0.2664 -0.0115 -0.0205 -0.0044 126 GLU A OE1 
217 O OE2 . GLU A 34 ? 0.3208 0.3526 0.3118 -0.0143 -0.0174 -0.0100 126 GLU A OE2 
218 N N   . CYS A 35 ? 0.1763 0.1831 0.1892 0.0027  -0.0112 -0.0029 127 CYS A N   
219 C CA  . CYS A 35 ? 0.1782 0.1781 0.1940 0.0009  -0.0091 -0.0055 127 CYS A CA  
220 C C   . CYS A 35 ? 0.1730 0.1670 0.1893 0.0030  -0.0086 -0.0034 127 CYS A C   
221 O O   . CYS A 35 ? 0.1822 0.1745 0.2003 0.0019  -0.0069 -0.0040 127 CYS A O   
222 C CB  . CYS A 35 ? 0.1785 0.1781 0.1988 -0.0012 -0.0095 -0.0063 127 CYS A CB  
223 S SG  . CYS A 35 ? 0.1679 0.1720 0.1865 -0.0072 -0.0111 -0.0093 127 CYS A SG  
224 N N   . PHE A 36 ? 0.1749 0.1667 0.1893 0.0060  -0.0102 -0.0012 128 PHE A N   
225 C CA  . PHE A 36 ? 0.1780 0.1620 0.1907 0.0064  -0.0111 0.0003  128 PHE A CA  
226 C C   . PHE A 36 ? 0.1828 0.1639 0.1923 0.0042  -0.0111 0.0023  128 PHE A C   
227 O O   . PHE A 36 ? 0.1893 0.1693 0.2012 0.0009  -0.0107 0.0033  128 PHE A O   
228 C CB  . PHE A 36 ? 0.1876 0.1672 0.1956 0.0107  -0.0127 0.0007  128 PHE A CB  
229 C CG  . PHE A 36 ? 0.1996 0.1672 0.2021 0.0100  -0.0148 0.0015  128 PHE A CG  
230 C CD1 . PHE A 36 ? 0.2155 0.1806 0.2191 0.0064  -0.0157 0.0012  128 PHE A CD1 
231 C CD2 . PHE A 36 ? 0.2286 0.1866 0.2241 0.0121  -0.0166 0.0031  128 PHE A CD2 
232 C CE1 . PHE A 36 ? 0.2258 0.1796 0.2232 0.0035  -0.0188 0.0019  128 PHE A CE1 
233 C CE2 . PHE A 36 ? 0.2438 0.1872 0.2326 0.0097  -0.0195 0.0037  128 PHE A CE2 
234 C CZ  . PHE A 36 ? 0.2526 0.1945 0.2423 0.0047  -0.0206 0.0027  128 PHE A CZ  
235 N N   . LEU A 37 ? 0.1831 0.1653 0.1880 0.0054  -0.0118 0.0040  129 LEU A N   
236 C CA  . LEU A 37 ? 0.1887 0.1680 0.1887 0.0024  -0.0123 0.0077  129 LEU A CA  
237 C C   . LEU A 37 ? 0.1848 0.1728 0.1873 -0.0022 -0.0087 0.0066  129 LEU A C   
238 O O   . LEU A 37 ? 0.1983 0.1872 0.1982 -0.0063 -0.0080 0.0102  129 LEU A O   
239 C CB  . LEU A 37 ? 0.1887 0.1671 0.1825 0.0055  -0.0149 0.0111  129 LEU A CB  
240 C CG  . LEU A 37 ? 0.1997 0.1675 0.1904 0.0121  -0.0180 0.0124  129 LEU A CG  
241 C CD1 . LEU A 37 ? 0.2131 0.1830 0.2002 0.0169  -0.0208 0.0167  129 LEU A CD1 
242 C CD2 . LEU A 37 ? 0.2185 0.1698 0.2042 0.0100  -0.0200 0.0140  129 LEU A CD2 
243 N N   . GLY A 38 ? 0.1694 0.1637 0.1762 -0.0015 -0.0061 0.0016  130 GLY A N   
244 C CA  . GLY A 38 ? 0.1742 0.1756 0.1833 -0.0033 -0.0018 -0.0017 130 GLY A CA  
245 C C   . GLY A 38 ? 0.1773 0.1788 0.1959 -0.0017 0.0001  -0.0040 130 GLY A C   
246 O O   . GLY A 38 ? 0.1732 0.1788 0.1951 -0.0003 0.0038  -0.0084 130 GLY A O   
247 N N   . SER A 39 ? 0.1719 0.1685 0.1940 -0.0014 -0.0029 -0.0012 131 SER A N   
248 C CA  . SER A 39 ? 0.1736 0.1711 0.2047 0.0000  -0.0027 -0.0015 131 SER A CA  
249 C C   . SER A 39 ? 0.1772 0.1785 0.2123 -0.0031 -0.0038 0.0028  131 SER A C   
250 O O   . SER A 39 ? 0.1872 0.1858 0.2165 -0.0070 -0.0056 0.0063  131 SER A O   
251 C CB  . SER A 39 ? 0.1710 0.1624 0.2025 0.0013  -0.0059 -0.0014 131 SER A CB  
252 O OG  . SER A 39 ? 0.1867 0.1733 0.2134 0.0002  -0.0092 0.0014  131 SER A OG  
253 N N   . ILE A 40 ? 0.1742 0.1813 0.2192 -0.0016 -0.0035 0.0035  132 ILE A N   
254 C CA  . ILE A 40 ? 0.1850 0.1987 0.2355 -0.0058 -0.0058 0.0086  132 ILE A CA  
255 C C   . ILE A 40 ? 0.1844 0.1872 0.2273 -0.0099 -0.0118 0.0108  132 ILE A C   
256 O O   . ILE A 40 ? 0.1934 0.1968 0.2356 -0.0160 -0.0150 0.0146  132 ILE A O   
257 C CB  . ILE A 40 ? 0.1756 0.2001 0.2403 -0.0022 -0.0052 0.0097  132 ILE A CB  
258 C CG1 . ILE A 40 ? 0.1865 0.2026 0.2520 0.0012  -0.0087 0.0094  132 ILE A CG1 
259 C CG2 . ILE A 40 ? 0.2176 0.2527 0.2894 0.0033  0.0016  0.0063  132 ILE A CG2 
260 C CD1 . ILE A 40 ? 0.1987 0.2241 0.2775 0.0044  -0.0107 0.0132  132 ILE A CD1 
261 N N   . HIS A 41 ? 0.1828 0.1758 0.2193 -0.0067 -0.0131 0.0082  133 HIS A N   
262 C CA  . HIS A 41 ? 0.1869 0.1705 0.2157 -0.0084 -0.0177 0.0086  133 HIS A CA  
263 C C   . HIS A 41 ? 0.2008 0.1731 0.2185 -0.0112 -0.0199 0.0088  133 HIS A C   
264 O O   . HIS A 41 ? 0.2073 0.1700 0.2173 -0.0136 -0.0239 0.0084  133 HIS A O   
265 C CB  . HIS A 41 ? 0.1893 0.1701 0.2158 -0.0042 -0.0174 0.0063  133 HIS A CB  
266 C CG  . HIS A 41 ? 0.1906 0.1778 0.2268 -0.0020 -0.0163 0.0071  133 HIS A CG  
267 N ND1 . HIS A 41 ? 0.1817 0.1740 0.2250 -0.0030 -0.0190 0.0106  133 HIS A ND1 
268 C CD2 . HIS A 41 ? 0.1856 0.1737 0.2253 0.0010  -0.0133 0.0051  133 HIS A CD2 
269 C CE1 . HIS A 41 ? 0.1847 0.1792 0.2359 0.0007  -0.0175 0.0110  133 HIS A CE1 
270 N NE2 . HIS A 41 ? 0.1894 0.1799 0.2378 0.0026  -0.0142 0.0072  133 HIS A NE2 
271 N N   . ARG A 42 ? 0.2106 0.1829 0.2265 -0.0110 -0.0175 0.0094  134 ARG A N   
272 C CA  . ARG A 42 ? 0.2285 0.1880 0.2341 -0.0135 -0.0201 0.0112  134 ARG A CA  
273 C C   . ARG A 42 ? 0.2384 0.1943 0.2428 -0.0227 -0.0240 0.0152  134 ARG A C   
274 O O   . ARG A 42 ? 0.2604 0.1999 0.2544 -0.0258 -0.0280 0.0165  134 ARG A O   
275 C CB  . ARG A 42 ? 0.2322 0.1940 0.2357 -0.0121 -0.0176 0.0129  134 ARG A CB  
276 C CG  . ARG A 42 ? 0.2438 0.2196 0.2535 -0.0169 -0.0141 0.0157  134 ARG A CG  
277 C CD  . ARG A 42 ? 0.2445 0.2209 0.2479 -0.0166 -0.0125 0.0178  134 ARG A CD  
278 N NE  . ARG A 42 ? 0.2730 0.2343 0.2666 -0.0200 -0.0171 0.0231  134 ARG A NE  
279 C CZ  . ARG A 42 ? 0.2712 0.2246 0.2566 -0.0165 -0.0189 0.0253  134 ARG A CZ  
280 N NH1 . ARG A 42 ? 0.2562 0.2183 0.2422 -0.0110 -0.0167 0.0227  134 ARG A NH1 
281 N NH2 . ARG A 42 ? 0.2856 0.2220 0.2622 -0.0192 -0.0237 0.0306  134 ARG A NH2 
282 N N   . ASP A 43 ? 0.2310 0.2019 0.2462 -0.0267 -0.0234 0.0173  135 ASP A N   
283 C CA  . ASP A 43 ? 0.2470 0.2205 0.2641 -0.0370 -0.0275 0.0220  135 ASP A CA  
284 C C   . ASP A 43 ? 0.2502 0.2227 0.2678 -0.0393 -0.0326 0.0210  135 ASP A C   
285 O O   . ASP A 43 ? 0.2673 0.2446 0.2875 -0.0488 -0.0372 0.0250  135 ASP A O   
286 C CB  . ASP A 43 ? 0.2437 0.2401 0.2743 -0.0401 -0.0233 0.0264  135 ASP A CB  
287 C CG  . ASP A 43 ? 0.2650 0.2628 0.2918 -0.0409 -0.0191 0.0284  135 ASP A CG  
288 O OD1 . ASP A 43 ? 0.2792 0.2598 0.2937 -0.0446 -0.0223 0.0305  135 ASP A OD1 
289 O OD2 . ASP A 43 ? 0.2960 0.3115 0.3312 -0.0374 -0.0127 0.0279  135 ASP A OD2 
290 N N   . HIS A 44 ? 0.2467 0.2143 0.2610 -0.0317 -0.0320 0.0163  136 HIS A N   
291 C CA  . HIS A 44 ? 0.2525 0.2200 0.2650 -0.0332 -0.0364 0.0154  136 HIS A CA  
292 C C   . HIS A 44 ? 0.2736 0.2203 0.2682 -0.0329 -0.0398 0.0103  136 HIS A C   
293 O O   . HIS A 44 ? 0.2818 0.2126 0.2663 -0.0311 -0.0394 0.0079  136 HIS A O   
294 C CB  . HIS A 44 ? 0.2353 0.2147 0.2575 -0.0257 -0.0333 0.0150  136 HIS A CB  
295 C CG  . HIS A 44 ? 0.2109 0.2084 0.2501 -0.0240 -0.0301 0.0187  136 HIS A CG  
296 N ND1 . HIS A 44 ? 0.2097 0.2139 0.2576 -0.0167 -0.0269 0.0182  136 HIS A ND1 
297 C CD2 . HIS A 44 ? 0.2242 0.2347 0.2730 -0.0284 -0.0293 0.0226  136 HIS A CD2 
298 C CE1 . HIS A 44 ? 0.2124 0.2312 0.2741 -0.0149 -0.0241 0.0206  136 HIS A CE1 
299 N NE2 . HIS A 44 ? 0.2007 0.2260 0.2638 -0.0218 -0.0250 0.0234  136 HIS A NE2 
300 N N   . ARG A 45 ? 0.2036 0.2496 0.3034 -0.0290 -0.0867 -0.0122 137 ARG A N   
301 C CA  . ARG A 45 ? 0.2303 0.2758 0.3031 -0.0274 -0.0937 -0.0214 137 ARG A CA  
302 C C   . ARG A 45 ? 0.2395 0.2891 0.3000 -0.0246 -0.0816 -0.0263 137 ARG A C   
303 O O   . ARG A 45 ? 0.2500 0.3128 0.3060 -0.0266 -0.0798 -0.0160 137 ARG A O   
304 C CB  . ARG A 45 ? 0.2499 0.3134 0.3116 -0.0335 -0.1054 -0.0148 137 ARG A CB  
305 C CG  . ARG A 45 ? 0.2659 0.3287 0.3378 -0.0375 -0.1194 -0.0134 137 ARG A CG  
306 C CD  . ARG A 45 ? 0.2881 0.3906 0.3434 -0.0502 -0.1316 -0.0077 137 ARG A CD  
307 N NE  . ARG A 45 ? 0.2987 0.4245 0.3645 -0.0558 -0.1319 0.0313  137 ARG A NE  
308 C CZ  . ARG A 45 ? 0.3432 0.5248 0.3919 -0.0707 -0.1387 0.0497  137 ARG A CZ  
309 N NH1 . ARG A 45 ? 0.3768 0.6043 0.3854 -0.0834 -0.1417 0.0189  137 ARG A NH1 
310 N NH2 . ARG A 45 ? 0.3429 0.5453 0.4280 -0.0760 -0.1422 0.0993  137 ARG A NH2 
311 N N   . TYR A 46 ? 0.2442 0.2899 0.3058 -0.0227 -0.0750 -0.0345 138 TYR A N   
312 C CA  . TYR A 46 ? 0.2567 0.3063 0.3079 -0.0205 -0.0636 -0.0397 138 TYR A CA  
313 C C   . TYR A 46 ? 0.2771 0.3271 0.3148 -0.0173 -0.0661 -0.0544 138 TYR A C   
314 O O   . TYR A 46 ? 0.2914 0.3397 0.3402 -0.0174 -0.0752 -0.0681 138 TYR A O   
315 C CB  . TYR A 46 ? 0.2565 0.3182 0.3177 -0.0250 -0.0552 -0.0395 138 TYR A CB  
316 C CG  . TYR A 46 ? 0.2526 0.3216 0.3287 -0.0287 -0.0661 -0.0298 138 TYR A CG  
317 C CD1 . TYR A 46 ? 0.2646 0.3491 0.3583 -0.0367 -0.0739 -0.0162 138 TYR A CD1 
318 C CD2 . TYR A 46 ? 0.2781 0.3440 0.3665 -0.0258 -0.0694 -0.0287 138 TYR A CD2 
319 C CE1 . TYR A 46 ? 0.2759 0.3758 0.4020 -0.0429 -0.0879 0.0069  138 TYR A CE1 
320 C CE2 . TYR A 46 ? 0.2778 0.3541 0.4107 -0.0304 -0.0829 -0.0081 138 TYR A CE2 
321 C CZ  . TYR A 46 ? 0.2702 0.3653 0.4234 -0.0397 -0.0935 0.0140  138 TYR A CZ  
322 O OH  . TYR A 46 ? 0.3005 0.4143 0.5152 -0.0471 -0.1107 0.0482  138 TYR A OH  
323 N N   . ARG A 47 ? 0.2849 0.3413 0.3097 -0.0155 -0.0563 -0.0572 139 ARG A N   
324 C CA  . ARG A 47 ? 0.3080 0.3729 0.3269 -0.0136 -0.0539 -0.0778 139 ARG A CA  
325 C C   . ARG A 47 ? 0.2994 0.3595 0.3212 -0.0099 -0.0438 -0.0752 139 ARG A C   
326 O O   . ARG A 47 ? 0.3048 0.3670 0.3192 -0.0108 -0.0359 -0.0625 139 ARG A O   
327 C CB  . ARG A 47 ? 0.3272 0.4266 0.3195 -0.0205 -0.0533 -0.0817 139 ARG A CB  
328 C CG  . ARG A 47 ? 0.3703 0.4966 0.3587 -0.0231 -0.0473 -0.1175 139 ARG A CG  
329 C CD  . ARG A 47 ? 0.4189 0.6055 0.3835 -0.0392 -0.0509 -0.1323 139 ARG A CD  
330 N NE  . ARG A 47 ? 0.4427 0.6290 0.4234 -0.0433 -0.0609 -0.1522 139 ARG A NE  
331 C CZ  . ARG A 47 ? 0.4535 0.6914 0.4132 -0.0602 -0.0695 -0.1519 139 ARG A CZ  
332 N NH1 . ARG A 47 ? 0.4486 0.7512 0.3736 -0.0769 -0.0717 -0.1233 139 ARG A NH1 
333 N NH2 . ARG A 47 ? 0.4766 0.7090 0.4569 -0.0628 -0.0783 -0.1737 139 ARG A NH2 
334 N N   . MET A 48 ? 0.3049 0.3610 0.3523 -0.0068 -0.0444 -0.0879 140 MET A N   
335 C CA  . MET A 48 ? 0.2925 0.3494 0.3477 -0.0050 -0.0372 -0.0816 140 MET A CA  
336 C C   . MET A 48 ? 0.3081 0.3748 0.3612 -0.0015 -0.0286 -0.1068 140 MET A C   
337 O O   . MET A 48 ? 0.3213 0.3965 0.3982 -0.0012 -0.0294 -0.1380 140 MET A O   
338 C CB  . MET A 48 ? 0.2887 0.3453 0.3936 -0.0076 -0.0467 -0.0633 140 MET A CB  
339 C CG  . MET A 48 ? 0.2797 0.3514 0.3925 -0.0114 -0.0424 -0.0449 140 MET A CG  
340 S SD  . MET A 48 ? 0.3366 0.4014 0.4816 -0.0024 -0.0354 -0.0649 140 MET A SD  
341 C CE  . MET A 48 ? 0.3278 0.3813 0.5684 0.0016  -0.0478 -0.0777 140 MET A CE  
342 N N   . THR A 49 ? 0.3022 0.3757 0.3325 -0.0008 -0.0185 -0.0994 141 THR A N   
343 C CA  . THR A 49 ? 0.3186 0.4083 0.3491 0.0012  -0.0088 -0.1206 141 THR A CA  
344 C C   . THR A 49 ? 0.3001 0.3803 0.3494 0.0046  -0.0044 -0.1073 141 THR A C   
345 O O   . THR A 49 ? 0.2871 0.3630 0.3289 0.0013  -0.0059 -0.0828 141 THR A O   
346 C CB  . THR A 49 ? 0.3339 0.4555 0.3212 -0.0046 -0.0026 -0.1167 141 THR A CB  
347 O OG1 . THR A 49 ? 0.3561 0.4679 0.3346 -0.0039 0.0004  -0.0864 141 THR A OG1 
348 C CG2 . THR A 49 ? 0.3460 0.4907 0.3153 -0.0131 -0.0108 -0.1153 141 THR A CG2 
349 N N   . THR A 50 ? 0.2986 0.3851 0.3796 0.0084  0.0017  -0.1278 142 THR A N   
350 C CA  . THR A 50 ? 0.2861 0.3697 0.3887 0.0104  0.0050  -0.1123 142 THR A CA  
351 C C   . THR A 50 ? 0.2784 0.3756 0.3341 0.0101  0.0174  -0.1118 142 THR A C   
352 O O   . THR A 50 ? 0.2924 0.4134 0.3315 0.0094  0.0261  -0.1350 142 THR A O   
353 C CB  . THR A 50 ? 0.2936 0.3766 0.4762 0.0154  0.0060  -0.1340 142 THR A CB  
354 O OG1 . THR A 50 ? 0.3033 0.3745 0.5524 0.0151  -0.0083 -0.1274 142 THR A OG1 
355 C CG2 . THR A 50 ? 0.2849 0.3694 0.4975 0.0162  0.0071  -0.1100 142 THR A CG2 
356 N N   . SER A 51 ? 0.2530 0.3471 0.2939 0.0071  0.0183  -0.0866 143 SER A N   
357 C CA  . SER A 51 ? 0.2479 0.3524 0.2625 0.0067  0.0283  -0.0820 143 SER A CA  
358 C C   . SER A 51 ? 0.2520 0.3672 0.2789 0.0108  0.0371  -0.0929 143 SER A C   
359 O O   . SER A 51 ? 0.2464 0.3558 0.3126 0.0131  0.0352  -0.0940 143 SER A O   
360 C CB  . SER A 51 ? 0.2320 0.3358 0.2450 0.0005  0.0297  -0.0659 143 SER A CB  
361 O OG  . SER A 51 ? 0.2363 0.3469 0.2439 0.0007  0.0382  -0.0611 143 SER A OG  
362 N N   . GLY A 52 ? 0.2548 0.3932 0.2576 0.0095  0.0456  -0.0954 144 GLY A N   
363 C CA  . GLY A 52 ? 0.2538 0.4098 0.2640 0.0115  0.0563  -0.1043 144 GLY A CA  
364 C C   . GLY A 52 ? 0.2365 0.3829 0.2464 0.0113  0.0585  -0.0795 144 GLY A C   
365 O O   . GLY A 52 ? 0.2484 0.4066 0.2646 0.0131  0.0667  -0.0809 144 GLY A O   
366 N N   . GLY A 53 ? 0.2215 0.3524 0.2304 0.0075  0.0530  -0.0637 145 GLY A N   
367 C CA  . GLY A 53 ? 0.2043 0.3351 0.2232 0.0034  0.0572  -0.0527 145 GLY A CA  
368 C C   . GLY A 53 ? 0.2009 0.3388 0.2306 0.0011  0.0594  -0.0382 145 GLY A C   
369 O O   . GLY A 53 ? 0.2198 0.3780 0.2407 0.0011  0.0588  -0.0252 145 GLY A O   
370 N N   . GLY A 54 ? 0.1819 0.3149 0.2435 -0.0045 0.0618  -0.0402 146 GLY A N   
371 C CA  . GLY A 54 ? 0.1779 0.3148 0.2876 -0.0066 0.0625  -0.0231 146 GLY A CA  
372 C C   . GLY A 54 ? 0.1654 0.2966 0.2934 -0.0081 0.0559  -0.0188 146 GLY A C   
373 O O   . GLY A 54 ? 0.1834 0.3078 0.2743 -0.0069 0.0511  -0.0295 146 GLY A O   
374 N N   . GLY A 55 ? 0.2348 0.3159 0.2218 0.0306  0.0289  0.0436  147 GLY A N   
375 C CA  . GLY A 55 ? 0.2122 0.2681 0.1954 0.0242  0.0233  0.0375  147 GLY A CA  
376 C C   . GLY A 55 ? 0.1966 0.2497 0.1880 0.0190  0.0190  0.0331  147 GLY A C   
377 O O   . GLY A 55 ? 0.1816 0.2513 0.1787 0.0206  0.0199  0.0346  147 GLY A O   
378 N N   . PHE A 56 ? 0.1794 0.2145 0.1713 0.0133  0.0147  0.0282  148 PHE A N   
379 C CA  . PHE A 56 ? 0.1683 0.2023 0.1677 0.0075  0.0120  0.0235  148 PHE A CA  
380 C C   . PHE A 56 ? 0.1709 0.1851 0.1669 0.0072  0.0091  0.0186  148 PHE A C   
381 O O   . PHE A 56 ? 0.1869 0.1894 0.1775 0.0085  0.0076  0.0191  148 PHE A O   
382 C CB  . PHE A 56 ? 0.1625 0.2033 0.1743 -0.0044 0.0112  0.0228  148 PHE A CB  
383 C CG  . PHE A 56 ? 0.1676 0.1954 0.1828 -0.0087 0.0108  0.0251  148 PHE A CG  
384 C CD1 . PHE A 56 ? 0.1851 0.2201 0.2011 -0.0100 0.0131  0.0327  148 PHE A CD1 
385 C CD2 . PHE A 56 ? 0.1875 0.1983 0.2056 -0.0104 0.0088  0.0214  148 PHE A CD2 
386 C CE1 . PHE A 56 ? 0.1861 0.2098 0.2050 -0.0130 0.0128  0.0376  148 PHE A CE1 
387 C CE2 . PHE A 56 ? 0.1783 0.1785 0.2008 -0.0123 0.0087  0.0263  148 PHE A CE2 
388 C CZ  . PHE A 56 ? 0.1730 0.1790 0.1954 -0.0136 0.0103  0.0349  148 PHE A CZ  
389 N N   . CYS A 57 ? 0.1768 0.1908 0.1760 0.0050  0.0081  0.0146  149 CYS A N   
390 C CA  . CYS A 57 ? 0.1736 0.1738 0.1721 0.0042  0.0062  0.0108  149 CYS A CA  
391 C C   . CYS A 57 ? 0.1732 0.1668 0.1807 -0.0015 0.0048  0.0092  149 CYS A C   
392 O O   . CYS A 57 ? 0.1669 0.1641 0.1826 -0.0068 0.0061  0.0077  149 CYS A O   
393 C CB  . CYS A 57 ? 0.1724 0.1784 0.1718 0.0034  0.0068  0.0083  149 CYS A CB  
394 S SG  . CYS A 57 ? 0.1855 0.1797 0.1862 0.0015  0.0058  0.0049  149 CYS A SG  
395 N N   . ASP A 58 ? 0.1825 0.1664 0.1890 -0.0003 0.0023  0.0099  150 ASP A N   
396 C CA  . ASP A 58 ? 0.1702 0.1497 0.1866 -0.0025 0.0011  0.0112  150 ASP A CA  
397 C C   . ASP A 58 ? 0.1782 0.1559 0.2032 -0.0037 0.0020  0.0070  150 ASP A C   
398 O O   . ASP A 58 ? 0.1802 0.1554 0.2146 -0.0029 0.0013  0.0092  150 ASP A O   
399 C CB  . ASP A 58 ? 0.1847 0.1615 0.1961 -0.0007 -0.0028 0.0163  150 ASP A CB  
400 C CG  . ASP A 58 ? 0.1897 0.1695 0.1926 0.0009  -0.0022 0.0207  150 ASP A CG  
401 O OD1 . ASP A 58 ? 0.1938 0.1770 0.2033 -0.0010 0.0003  0.0242  150 ASP A OD1 
402 O OD2 . ASP A 58 ? 0.1935 0.1717 0.1827 0.0033  -0.0035 0.0202  150 ASP A OD2 
403 N N   . CYS A 59 ? 0.1775 0.1588 0.1997 -0.0046 0.0039  0.0024  151 CYS A N   
404 C CA  . CYS A 59 ? 0.1766 0.1590 0.2059 -0.0056 0.0061  -0.0017 151 CYS A CA  
405 C C   . CYS A 59 ? 0.1864 0.1650 0.2265 -0.0066 0.0097  -0.0050 151 CYS A C   
406 O O   . CYS A 59 ? 0.1842 0.1617 0.2238 -0.0101 0.0118  -0.0081 151 CYS A O   
407 C CB  . CYS A 59 ? 0.1848 0.1743 0.2077 -0.0068 0.0083  -0.0052 151 CYS A CB  
408 S SG  . CYS A 59 ? 0.1870 0.1806 0.2165 -0.0081 0.0129  -0.0107 151 CYS A SG  
409 N N   . GLY A 60 ? 0.1992 0.1755 0.2496 -0.0036 0.0108  -0.0036 152 GLY A N   
410 C CA  . GLY A 60 ? 0.2186 0.1876 0.2803 -0.0020 0.0164  -0.0068 152 GLY A CA  
411 C C   . GLY A 60 ? 0.2322 0.1935 0.3024 0.0016  0.0154  0.0015  152 GLY A C   
412 O O   . GLY A 60 ? 0.2543 0.2063 0.3359 0.0054  0.0208  0.0012  152 GLY A O   
413 N N   . ASP A 61 ? 0.2319 0.1964 0.2959 0.0011  0.0093  0.0094  153 ASP A N   
414 C CA  . ASP A 61 ? 0.2388 0.1998 0.3088 0.0043  0.0076  0.0199  153 ASP A CA  
415 C C   . ASP A 61 ? 0.2471 0.2168 0.3254 0.0098  0.0036  0.0281  153 ASP A C   
416 O O   . ASP A 61 ? 0.2438 0.2237 0.3145 0.0082  -0.0031 0.0308  153 ASP A O   
417 C CB  . ASP A 61 ? 0.2298 0.1930 0.2880 0.0013  0.0039  0.0248  153 ASP A CB  
418 C CG  . ASP A 61 ? 0.2438 0.2028 0.3075 0.0034  0.0039  0.0364  153 ASP A CG  
419 O OD1 . ASP A 61 ? 0.2547 0.2096 0.3315 0.0090  0.0053  0.0428  153 ASP A OD1 
420 O OD2 . ASP A 61 ? 0.2418 0.2024 0.2974 0.0006  0.0032  0.0406  153 ASP A OD2 
421 N N   . THR A 62 ? 0.2656 0.2317 0.3600 0.0164  0.0080  0.0323  154 THR A N   
422 C CA  . THR A 62 ? 0.2777 0.2580 0.3836 0.0226  0.0040  0.0421  154 THR A CA  
423 C C   . THR A 62 ? 0.2810 0.2707 0.3821 0.0225  -0.0044 0.0549  154 THR A C   
424 O O   . THR A 62 ? 0.2968 0.3049 0.4006 0.0229  -0.0115 0.0614  154 THR A O   
425 C CB  . THR A 62 ? 0.2926 0.2676 0.4183 0.0327  0.0122  0.0449  154 THR A CB  
426 O OG1 . THR A 62 ? 0.3355 0.3319 0.4746 0.0384  0.0087  0.0532  154 THR A OG1 
427 C CG2 . THR A 62 ? 0.2997 0.2583 0.4318 0.0377  0.0160  0.0541  154 THR A CG2 
428 N N   . GLU A 63 ? 0.2762 0.2557 0.3695 0.0208  -0.0038 0.0586  155 GLU A N   
429 C CA  . GLU A 63 ? 0.2837 0.2730 0.3682 0.0203  -0.0108 0.0701  155 GLU A CA  
430 C C   . GLU A 63 ? 0.2567 0.2544 0.3210 0.0130  -0.0174 0.0636  155 GLU A C   
431 O O   . GLU A 63 ? 0.2789 0.2870 0.3327 0.0117  -0.0237 0.0706  155 GLU A O   
432 C CB  . GLU A 63 ? 0.2972 0.2741 0.3799 0.0201  -0.0066 0.0770  155 GLU A CB  
433 C CG  . GLU A 63 ? 0.3641 0.3394 0.4607 0.0281  -0.0052 0.0943  155 GLU A CG  
434 C CD  . GLU A 63 ? 0.4079 0.3803 0.5253 0.0372  -0.0009 0.0960  155 GLU A CD  
435 O OE1 . GLU A 63 ? 0.4274 0.4181 0.5542 0.0444  -0.0060 0.1083  155 GLU A OE1 
436 O OE2 . GLU A 63 ? 0.4483 0.4024 0.5720 0.0374  0.0079  0.0848  155 GLU A OE2 
437 N N   . ALA A 64 ? 0.2347 0.2270 0.2924 0.0087  -0.0153 0.0504  156 ALA A N   
438 C CA  . ALA A 64 ? 0.2161 0.2103 0.2546 0.0033  -0.0192 0.0437  156 ALA A CA  
439 C C   . ALA A 64 ? 0.2102 0.2123 0.2479 -0.0005 -0.0244 0.0400  156 ALA A C   
440 O O   . ALA A 64 ? 0.2040 0.2061 0.2254 -0.0055 -0.0287 0.0358  156 ALA A O   
441 C CB  . ALA A 64 ? 0.2133 0.1974 0.2442 0.0015  -0.0136 0.0343  156 ALA A CB  
442 N N   . TRP A 65 ? 0.1978 0.2062 0.2530 0.0014  -0.0233 0.0414  157 TRP A N   
443 C CA  . TRP A 65 ? 0.1878 0.2053 0.2452 -0.0038 -0.0269 0.0381  157 TRP A CA  
444 C C   . TRP A 65 ? 0.1921 0.2294 0.2695 -0.0007 -0.0301 0.0476  157 TRP A C   
445 O O   . TRP A 65 ? 0.1903 0.2282 0.2850 0.0080  -0.0242 0.0520  157 TRP A O   
446 C CB  . TRP A 65 ? 0.1893 0.1984 0.2481 -0.0048 -0.0201 0.0291  157 TRP A CB  
447 C CG  . TRP A 65 ? 0.1849 0.1792 0.2279 -0.0056 -0.0167 0.0224  157 TRP A CG  
448 C CD1 . TRP A 65 ? 0.1865 0.1735 0.2307 -0.0022 -0.0106 0.0198  157 TRP A CD1 
449 C CD2 . TRP A 65 ? 0.1953 0.1818 0.2197 -0.0098 -0.0189 0.0179  157 TRP A CD2 
450 N NE1 . TRP A 65 ? 0.1715 0.1514 0.2008 -0.0035 -0.0094 0.0155  157 TRP A NE1 
451 C CE2 . TRP A 65 ? 0.1763 0.1542 0.1933 -0.0067 -0.0137 0.0145  157 TRP A CE2 
452 C CE3 . TRP A 65 ? 0.2128 0.1978 0.2257 -0.0162 -0.0243 0.0158  157 TRP A CE3 
453 C CZ2 . TRP A 65 ? 0.2049 0.1739 0.2052 -0.0067 -0.0128 0.0108  157 TRP A CZ2 
454 C CZ3 . TRP A 65 ? 0.2200 0.1903 0.2140 -0.0172 -0.0228 0.0101  157 TRP A CZ3 
455 C CH2 . TRP A 65 ? 0.2241 0.1871 0.2126 -0.0110 -0.0166 0.0085  157 TRP A CH2 
456 N N   . LYS A 66 ? 0.1997 0.2534 0.2751 -0.0079 -0.0389 0.0503  158 LYS A N   
457 C CA  . LYS A 66 ? 0.2125 0.2926 0.3090 -0.0053 -0.0432 0.0611  158 LYS A CA  
458 C C   . LYS A 66 ? 0.2055 0.2934 0.3202 -0.0041 -0.0373 0.0590  158 LYS A C   
459 O O   . LYS A 66 ? 0.2162 0.3238 0.3538 0.0037  -0.0359 0.0685  158 LYS A O   
460 C CB  . LYS A 66 ? 0.2176 0.3180 0.3062 -0.0162 -0.0559 0.0644  158 LYS A CB  
461 C CG  . LYS A 66 ? 0.2453 0.3445 0.3163 -0.0161 -0.0616 0.0685  158 LYS A CG  
462 C CD  . LYS A 66 ? 0.2650 0.3839 0.3232 -0.0292 -0.0744 0.0686  158 LYS A CD  
463 C CE  . LYS A 66 ? 0.3001 0.3968 0.3321 -0.0417 -0.0747 0.0514  158 LYS A CE  
464 N NZ  . LYS A 66 ? 0.3308 0.4428 0.3498 -0.0577 -0.0864 0.0476  158 LYS A NZ  
465 N N   . GLU A 67 ? 0.2042 0.2778 0.3085 -0.0107 -0.0333 0.0477  159 GLU A N   
466 C CA  . GLU A 67 ? 0.2093 0.2880 0.3259 -0.0106 -0.0263 0.0445  159 GLU A CA  
467 C C   . GLU A 67 ? 0.1988 0.2535 0.2999 -0.0118 -0.0193 0.0337  159 GLU A C   
468 O O   . GLU A 67 ? 0.1932 0.2316 0.2747 -0.0162 -0.0219 0.0287  159 GLU A O   
469 C CB  . GLU A 67 ? 0.2185 0.3155 0.3385 -0.0234 -0.0327 0.0457  159 GLU A CB  
470 C CG  . GLU A 67 ? 0.2508 0.3800 0.3872 -0.0252 -0.0417 0.0572  159 GLU A CG  
471 C CD  . GLU A 67 ? 0.2649 0.4114 0.4032 -0.0420 -0.0485 0.0567  159 GLU A CD  
472 O OE1 . GLU A 67 ? 0.3223 0.4881 0.4599 -0.0513 -0.0602 0.0613  159 GLU A OE1 
473 O OE2 . GLU A 67 ? 0.3133 0.4545 0.4530 -0.0472 -0.0423 0.0519  159 GLU A OE2 
474 N N   . GLY A 68 ? 0.1888 0.2438 0.2985 -0.0072 -0.0100 0.0303  160 GLY A N   
475 C CA  . GLY A 68 ? 0.1826 0.2220 0.2788 -0.0092 -0.0041 0.0216  160 GLY A CA  
476 C C   . GLY A 68 ? 0.1785 0.1986 0.2600 -0.0063 -0.0030 0.0168  160 GLY A C   
477 O O   . GLY A 68 ? 0.1744 0.1837 0.2396 -0.0107 -0.0042 0.0132  160 GLY A O   
478 N N   . PRO A 69 ? 0.1783 0.1944 0.2667 0.0011  0.0002  0.0175  161 PRO A N   
479 C CA  . PRO A 69 ? 0.1834 0.1842 0.2601 0.0018  0.0014  0.0139  161 PRO A CA  
480 C C   . PRO A 69 ? 0.1917 0.1864 0.2590 -0.0002 0.0068  0.0051  161 PRO A C   
481 O O   . PRO A 69 ? 0.1970 0.1846 0.2525 -0.0020 0.0057  0.0031  161 PRO A O   
482 C CB  . PRO A 69 ? 0.1893 0.1860 0.2785 0.0090  0.0048  0.0174  161 PRO A CB  
483 C CG  . PRO A 69 ? 0.1908 0.1981 0.2978 0.0148  0.0097  0.0190  161 PRO A CG  
484 C CD  . PRO A 69 ? 0.1806 0.2052 0.2889 0.0095  0.0038  0.0227  161 PRO A CD  
485 N N   . TYR A 70 ? 0.1931 0.1937 0.2657 0.0003  0.0127  0.0008  162 TYR A N   
486 C CA  . TYR A 70 ? 0.1968 0.1963 0.2593 -0.0021 0.0174  -0.0068 162 TYR A CA  
487 C C   . TYR A 70 ? 0.1927 0.1992 0.2483 -0.0060 0.0166  -0.0049 162 TYR A C   
488 O O   . TYR A 70 ? 0.2057 0.2192 0.2682 -0.0076 0.0153  -0.0001 162 TYR A O   
489 C CB  . TYR A 70 ? 0.2044 0.2051 0.2741 0.0010  0.0262  -0.0144 162 TYR A CB  
490 C CG  . TYR A 70 ? 0.2116 0.1989 0.2846 0.0032  0.0295  -0.0191 162 TYR A CG  
491 C CD1 . TYR A 70 ? 0.2299 0.2114 0.3173 0.0098  0.0308  -0.0139 162 TYR A CD1 
492 C CD2 . TYR A 70 ? 0.2305 0.2119 0.2929 -0.0020 0.0313  -0.0276 162 TYR A CD2 
493 C CE1 . TYR A 70 ? 0.2434 0.2083 0.3345 0.0115  0.0350  -0.0171 162 TYR A CE1 
494 C CE2 . TYR A 70 ? 0.2590 0.2253 0.3247 -0.0027 0.0347  -0.0324 162 TYR A CE2 
495 C CZ  . TYR A 70 ? 0.2518 0.2073 0.3316 0.0042  0.0371  -0.0269 162 TYR A CZ  
496 O OH  . TYR A 70 ? 0.2751 0.2115 0.3586 0.0034  0.0416  -0.0302 162 TYR A OH  
497 N N   . CYS A 71 ? 0.1855 0.1912 0.2282 -0.0081 0.0174  -0.0072 163 CYS A N   
498 C CA  . CYS A 71 ? 0.1793 0.1906 0.2150 -0.0108 0.0187  -0.0041 163 CYS A CA  
499 C C   . CYS A 71 ? 0.1851 0.2082 0.2218 -0.0107 0.0260  -0.0092 163 CYS A C   
500 O O   . CYS A 71 ? 0.1869 0.2106 0.2278 -0.0088 0.0300  -0.0172 163 CYS A O   
501 C CB  . CYS A 71 ? 0.1861 0.1925 0.2076 -0.0106 0.0162  -0.0015 163 CYS A CB  
502 S SG  . CYS A 71 ? 0.1728 0.1892 0.1869 -0.0102 0.0188  -0.0074 163 CYS A SG  
503 N N   . GLN A 72 ? 0.1843 0.2156 0.2160 -0.0130 0.0283  -0.0048 164 GLN A N   
504 C CA  . GLN A 72 ? 0.1999 0.2458 0.2307 -0.0132 0.0359  -0.0089 164 GLN A CA  
505 C C   . GLN A 72 ? 0.2095 0.2599 0.2290 -0.0134 0.0380  -0.0178 164 GLN A C   
506 O O   . GLN A 72 ? 0.2235 0.2823 0.2419 -0.0133 0.0449  -0.0266 164 GLN A O   
507 C CB  . GLN A 72 ? 0.2062 0.2602 0.2326 -0.0166 0.0378  0.0005  164 GLN A CB  
508 C CG  . GLN A 72 ? 0.2336 0.2871 0.2728 -0.0197 0.0366  0.0075  164 GLN A CG  
509 C CD  . GLN A 72 ? 0.2559 0.3168 0.2927 -0.0250 0.0398  0.0173  164 GLN A CD  
510 O OE1 . GLN A 72 ? 0.2929 0.3541 0.3163 -0.0253 0.0412  0.0221  164 GLN A OE1 
511 N NE2 . GLN A 72 ? 0.2828 0.3519 0.3335 -0.0297 0.0411  0.0219  164 GLN A NE2 
512 N N   . LYS A 73 ? 0.2120 0.2579 0.2230 -0.0139 0.0325  -0.0159 165 LYS A N   
513 C CA  . LYS A 73 ? 0.2235 0.2785 0.2240 -0.0166 0.0325  -0.0230 165 LYS A CA  
514 C C   . LYS A 73 ? 0.2213 0.2677 0.2266 -0.0182 0.0336  -0.0351 165 LYS A C   
515 O O   . LYS A 73 ? 0.2340 0.2868 0.2322 -0.0227 0.0367  -0.0461 165 LYS A O   
516 C CB  . LYS A 73 ? 0.2273 0.2849 0.2201 -0.0157 0.0265  -0.0148 165 LYS A CB  
517 C CG  . LYS A 73 ? 0.2573 0.3288 0.2423 -0.0199 0.0246  -0.0215 165 LYS A CG  
518 C CD  . LYS A 73 ? 0.2998 0.3842 0.2777 -0.0173 0.0202  -0.0106 165 LYS A CD  
519 C CE  . LYS A 73 ? 0.3120 0.4162 0.2841 -0.0234 0.0171  -0.0165 165 LYS A CE  
520 N NZ  . LYS A 73 ? 0.2988 0.4183 0.2678 -0.0182 0.0126  -0.0030 165 LYS A NZ  
521 N N   . HIS A 74 ? 0.2054 0.2366 0.2212 -0.0157 0.0311  -0.0330 166 HIS A N   
522 C CA  . HIS A 74 ? 0.2147 0.2345 0.2352 -0.0174 0.0322  -0.0414 166 HIS A CA  
523 C C   . HIS A 74 ? 0.2230 0.2322 0.2556 -0.0132 0.0389  -0.0469 166 HIS A C   
524 O O   . HIS A 74 ? 0.2400 0.2367 0.2756 -0.0145 0.0423  -0.0553 166 HIS A O   
525 C CB  . HIS A 74 ? 0.2072 0.2194 0.2298 -0.0172 0.0257  -0.0346 166 HIS A CB  
526 C CG  . HIS A 74 ? 0.1810 0.2050 0.1933 -0.0198 0.0212  -0.0308 166 HIS A CG  
527 N ND1 . HIS A 74 ? 0.2010 0.2265 0.2104 -0.0154 0.0171  -0.0200 166 HIS A ND1 
528 C CD2 . HIS A 74 ? 0.2016 0.2386 0.2068 -0.0260 0.0204  -0.0360 166 HIS A CD2 
529 C CE1 . HIS A 74 ? 0.1670 0.2059 0.1691 -0.0164 0.0148  -0.0173 166 HIS A CE1 
530 N NE2 . HIS A 74 ? 0.1901 0.2389 0.1899 -0.0234 0.0159  -0.0263 166 HIS A NE2 
531 N N   . GLU A 75 ? 0.2225 0.2372 0.2625 -0.0083 0.0413  -0.0415 167 GLU A N   
532 C CA  . GLU A 75 ? 0.2428 0.2534 0.2973 -0.0018 0.0485  -0.0441 167 GLU A CA  
533 C C   . GLU A 75 ? 0.2579 0.2656 0.3077 -0.0017 0.0587  -0.0592 167 GLU A C   
534 O O   . GLU A 75 ? 0.2649 0.2605 0.3251 0.0047  0.0661  -0.0644 167 GLU A O   
535 C CB  . GLU A 75 ? 0.2328 0.2577 0.2961 0.0015  0.0491  -0.0349 167 GLU A CB  
536 C CG  . GLU A 75 ? 0.2509 0.2923 0.3047 -0.0016 0.0538  -0.0366 167 GLU A CG  
537 C CD  . GLU A 75 ? 0.2450 0.3013 0.3086 -0.0012 0.0541  -0.0258 167 GLU A CD  
538 O OE1 . GLU A 75 ? 0.2373 0.2941 0.3167 0.0018  0.0514  -0.0189 167 GLU A OE1 
539 O OE2 . GLU A 75 ? 0.2758 0.3450 0.3312 -0.0048 0.0569  -0.0233 167 GLU A OE2 
540 O OXT . GLU A 75 ? 0.2576 0.2750 0.2921 -0.0076 0.0601  -0.0664 167 GLU A OXT 
# 
